data_2EG5
#
_entry.id   2EG5
#
_cell.length_a   57.590
_cell.length_b   119.800
_cell.length_c   116.400
_cell.angle_alpha   90.00
_cell.angle_beta   102.16
_cell.angle_gamma   90.00
#
_symmetry.space_group_name_H-M   'P 1 21 1'
#
loop_
_entity.id
_entity.type
_entity.pdbx_description
1 polymer 'Xanthosine methyltransferase'
2 non-polymer S-ADENOSYL-L-HOMOCYSTEINE
3 non-polymer 9-[(2R,3R,4S,5R)-3,4-DIHYDROXY-5-(HYDROXYMETHYL)OXOLAN-2-YL]-3H-PURINE-2,6-DIONE
4 water water
#
_entity_poly.entity_id   1
_entity_poly.type   'polypeptide(L)'
_entity_poly.pdbx_seq_one_letter_code
;MELQEVLRMNGGEGDTSYAKNSAYNQLVLAKVKPVLEQCVRELLRANLPNINKCIKVADLGCASGPNTLLTVRDIVQSID
KVGQEKKNELERPTIQIFLNDLFPNDFNSVFKLLPSFYRKLEKENGRKIGSCLIGAMPGSFYSRLFPEESMHFLHSCYCL
QWLSQVPSGLVTELGIGTNKGSIYSSKASRLPVQKAYLDQFTKDFTTFLRIHSEELFSHGRMLLTCICKGVELDARNAID
LLEMAINDLVVEGHLEEEKLDSFNLPVYIPSAEEVKCIVEEEGSFEILYLETFKVLYDAGFSIDDEHIKAEYVASSVRAV
YEPILASHFGEAIIPDIFHRFAKHAAKVLPLGKGFYNNLIISLAKKPEKSDM
;
_entity_poly.pdbx_strand_id   A,C,E,G
#
# COMPACT_ATOMS: atom_id res chain seq x y z
N GLY A 14 -22.30 5.16 -19.54
CA GLY A 14 -23.39 4.74 -18.61
C GLY A 14 -24.70 4.33 -19.29
N ASP A 15 -25.52 3.58 -18.56
CA ASP A 15 -26.78 3.08 -19.10
C ASP A 15 -27.80 4.19 -19.37
N THR A 16 -27.76 5.27 -18.57
CA THR A 16 -28.76 6.33 -18.62
C THR A 16 -28.20 7.64 -19.23
N SER A 17 -26.90 7.61 -19.54
CA SER A 17 -26.13 8.77 -19.97
C SER A 17 -26.51 9.33 -21.36
N TYR A 18 -26.13 10.58 -21.62
CA TYR A 18 -26.36 11.22 -22.93
C TYR A 18 -25.57 10.55 -24.06
N ALA A 19 -24.34 10.14 -23.74
CA ALA A 19 -23.41 9.47 -24.66
C ALA A 19 -23.97 8.17 -25.29
N LYS A 20 -24.67 7.38 -24.46
CA LYS A 20 -25.30 6.12 -24.89
C LYS A 20 -26.79 6.27 -25.29
N ASN A 21 -27.32 7.50 -25.24
CA ASN A 21 -28.71 7.82 -25.58
C ASN A 21 -28.93 8.96 -26.60
N SER A 22 -27.96 9.10 -27.52
CA SER A 22 -28.13 9.86 -28.77
C SER A 22 -28.63 8.92 -29.89
N ALA A 23 -28.43 9.31 -31.15
CA ALA A 23 -28.78 8.52 -32.33
C ALA A 23 -30.03 8.99 -33.08
N TYR A 24 -30.88 9.75 -32.38
CA TYR A 24 -31.93 10.48 -33.06
C TYR A 24 -31.19 11.68 -33.58
N ASN A 25 -30.24 12.16 -32.78
CA ASN A 25 -29.36 13.26 -33.14
C ASN A 25 -28.55 13.02 -34.41
N GLN A 26 -28.30 11.76 -34.71
CA GLN A 26 -27.55 11.41 -35.90
C GLN A 26 -28.38 11.59 -37.15
N LEU A 27 -29.69 11.47 -37.01
CA LEU A 27 -30.62 11.71 -38.12
C LEU A 27 -30.76 13.21 -38.42
N VAL A 28 -30.84 14.02 -37.37
CA VAL A 28 -30.74 15.46 -37.49
C VAL A 28 -29.47 15.85 -38.22
N LEU A 29 -28.34 15.42 -37.67
CA LEU A 29 -27.03 15.67 -38.28
C LEU A 29 -26.97 15.23 -39.74
N ALA A 30 -27.56 14.08 -40.05
CA ALA A 30 -27.73 13.64 -41.47
C ALA A 30 -28.46 14.65 -42.35
N LYS A 31 -29.55 15.27 -41.84
CA LYS A 31 -30.21 16.37 -42.54
C LYS A 31 -29.41 17.65 -42.68
N VAL A 32 -28.69 18.02 -41.61
CA VAL A 32 -27.84 19.21 -41.61
C VAL A 32 -26.73 19.15 -42.66
N LYS A 33 -26.17 17.95 -42.81
CA LYS A 33 -24.92 17.74 -43.56
C LYS A 33 -24.82 18.42 -44.92
N PRO A 34 -25.81 18.19 -45.82
CA PRO A 34 -25.77 18.85 -47.12
C PRO A 34 -25.86 20.37 -47.10
N VAL A 35 -26.64 20.90 -46.17
CA VAL A 35 -26.71 22.33 -45.90
C VAL A 35 -25.33 22.81 -45.37
N LEU A 36 -24.75 22.05 -44.49
CA LEU A 36 -23.44 22.38 -44.00
C LEU A 36 -22.43 22.45 -45.13
N GLU A 37 -22.41 21.44 -45.97
CA GLU A 37 -21.48 21.37 -47.08
C GLU A 37 -21.57 22.58 -48.05
N GLN A 38 -22.79 22.89 -48.48
CA GLN A 38 -23.07 24.09 -49.30
C GLN A 38 -22.74 25.35 -48.50
N CYS A 39 -22.99 25.35 -47.19
CA CYS A 39 -22.64 26.54 -46.42
C CYS A 39 -21.13 26.80 -46.43
N VAL A 40 -20.33 25.78 -46.14
CA VAL A 40 -18.88 26.00 -46.15
C VAL A 40 -18.31 26.18 -47.57
N ARG A 41 -18.96 25.59 -48.57
CA ARG A 41 -18.55 25.82 -49.95
C ARG A 41 -18.62 27.32 -50.30
N GLU A 42 -19.74 27.95 -49.99
CA GLU A 42 -19.91 29.38 -50.23
C GLU A 42 -18.97 30.23 -49.35
N LEU A 43 -18.65 29.73 -48.18
CA LEU A 43 -17.81 30.45 -47.25
C LEU A 43 -16.35 30.44 -47.66
N LEU A 44 -15.92 29.38 -48.30
CA LEU A 44 -14.53 29.33 -48.78
C LEU A 44 -14.26 30.13 -50.03
N ARG A 45 -15.30 30.32 -50.85
CA ARG A 45 -15.16 31.20 -52.01
C ARG A 45 -15.45 32.68 -51.70
N ALA A 46 -16.00 32.96 -50.52
CA ALA A 46 -16.26 34.33 -50.10
C ALA A 46 -14.94 35.02 -49.75
N ASN A 47 -13.90 34.21 -49.57
CA ASN A 47 -12.54 34.66 -49.28
C ASN A 47 -12.41 35.69 -48.15
N LEU A 48 -12.55 35.22 -46.91
CA LEU A 48 -12.40 36.03 -45.72
C LEU A 48 -10.89 36.23 -45.43
N PRO A 49 -10.53 37.05 -44.43
CA PRO A 49 -9.12 37.20 -44.08
C PRO A 49 -8.45 35.91 -43.62
N ASN A 50 -7.43 35.50 -44.37
CA ASN A 50 -6.51 34.42 -44.00
C ASN A 50 -7.19 33.06 -44.01
N ILE A 51 -8.20 32.88 -44.87
CA ILE A 51 -9.05 31.68 -44.81
C ILE A 51 -8.40 30.48 -45.49
N ASN A 52 -7.56 30.74 -46.48
CA ASN A 52 -6.84 29.66 -47.16
C ASN A 52 -5.61 29.18 -46.39
N LYS A 53 -5.32 29.85 -45.28
CA LYS A 53 -4.18 29.54 -44.43
C LYS A 53 -4.74 28.82 -43.22
N CYS A 54 -5.61 29.50 -42.45
CA CYS A 54 -6.31 28.89 -41.31
C CYS A 54 -7.81 29.25 -41.28
N ILE A 55 -8.66 28.22 -41.16
CA ILE A 55 -10.06 28.53 -40.97
C ILE A 55 -10.42 28.32 -39.53
N LYS A 56 -11.07 29.33 -38.97
CA LYS A 56 -11.44 29.31 -37.55
C LYS A 56 -12.94 29.08 -37.39
N VAL A 57 -13.26 28.09 -36.57
CA VAL A 57 -14.59 27.52 -36.52
C VAL A 57 -14.97 27.27 -35.03
N ALA A 58 -16.24 27.50 -34.65
CA ALA A 58 -16.66 26.91 -33.33
C ALA A 58 -17.96 26.14 -33.41
N ASP A 59 -18.16 25.20 -32.48
CA ASP A 59 -19.41 24.55 -32.35
C ASP A 59 -19.95 24.94 -30.98
N LEU A 60 -21.13 25.57 -30.96
CA LEU A 60 -21.72 26.15 -29.73
C LEU A 60 -22.81 25.24 -29.17
N GLY A 61 -22.55 24.65 -28.01
CA GLY A 61 -23.40 23.62 -27.44
C GLY A 61 -22.98 22.23 -27.86
N CYS A 62 -21.68 21.97 -27.78
CA CYS A 62 -21.04 20.75 -28.30
C CYS A 62 -21.36 19.48 -27.51
N ALA A 63 -21.88 19.65 -26.30
CA ALA A 63 -22.19 18.53 -25.41
C ALA A 63 -20.95 17.63 -25.24
N SER A 64 -21.16 16.32 -25.24
CA SER A 64 -20.15 15.42 -24.67
C SER A 64 -19.96 13.99 -25.25
N GLY A 65 -20.97 13.48 -25.96
CA GLY A 65 -20.92 12.05 -26.37
C GLY A 65 -20.08 11.74 -27.63
N PRO A 66 -20.44 10.66 -28.37
CA PRO A 66 -19.83 10.43 -29.67
C PRO A 66 -20.27 11.50 -30.65
N ASN A 67 -21.46 12.07 -30.43
CA ASN A 67 -22.05 13.07 -31.34
C ASN A 67 -21.21 14.32 -31.51
N THR A 68 -20.49 14.69 -30.47
CA THR A 68 -19.70 15.91 -30.54
C THR A 68 -18.59 15.79 -31.55
N LEU A 69 -17.87 14.67 -31.57
CA LEU A 69 -16.83 14.47 -32.59
C LEU A 69 -17.38 14.06 -33.95
N LEU A 70 -18.66 13.75 -34.02
CA LEU A 70 -19.27 13.45 -35.32
C LEU A 70 -19.59 14.74 -36.05
N THR A 71 -19.95 15.79 -35.31
CA THR A 71 -20.13 17.14 -35.87
C THR A 71 -18.80 17.69 -36.37
N VAL A 72 -17.78 17.67 -35.52
CA VAL A 72 -16.43 18.05 -35.93
C VAL A 72 -16.08 17.25 -37.21
N ARG A 73 -16.28 15.94 -37.19
CA ARG A 73 -15.96 15.12 -38.39
C ARG A 73 -16.63 15.67 -39.64
N ASP A 74 -17.93 15.92 -39.55
CA ASP A 74 -18.69 16.50 -40.66
C ASP A 74 -18.24 17.89 -41.05
N ILE A 75 -17.92 18.74 -40.08
CA ILE A 75 -17.36 20.07 -40.41
C ILE A 75 -16.02 20.01 -41.16
N VAL A 76 -15.11 19.19 -40.66
CA VAL A 76 -13.82 18.93 -41.32
C VAL A 76 -13.96 18.33 -42.73
N GLN A 77 -14.78 17.30 -42.84
CA GLN A 77 -15.09 16.74 -44.17
C GLN A 77 -15.70 17.72 -45.13
N SER A 78 -16.56 18.60 -44.65
CA SER A 78 -17.12 19.66 -45.51
C SER A 78 -16.10 20.65 -46.06
N ILE A 79 -15.12 20.98 -45.22
CA ILE A 79 -14.03 21.88 -45.61
C ILE A 79 -13.10 21.16 -46.60
N ASP A 80 -12.77 19.90 -46.31
CA ASP A 80 -11.87 19.12 -47.18
C ASP A 80 -12.46 18.73 -48.52
N LYS A 81 -13.76 18.49 -48.54
CA LYS A 81 -14.51 18.23 -49.78
C LYS A 81 -14.32 19.31 -50.85
N VAL A 82 -14.22 20.57 -50.44
CA VAL A 82 -14.06 21.68 -51.38
C VAL A 82 -12.74 21.60 -52.15
N GLY A 83 -11.69 21.09 -51.48
CA GLY A 83 -10.42 20.76 -52.15
C GLY A 83 -10.58 19.64 -53.19
N GLN A 84 -10.88 20.06 -54.42
CA GLN A 84 -11.20 19.16 -55.54
C GLN A 84 -10.42 19.53 -56.80
N LEU A 90 -2.70 23.54 -54.55
CA LEU A 90 -3.02 24.07 -53.22
C LEU A 90 -2.87 22.99 -52.13
N GLU A 91 -2.76 23.46 -50.88
CA GLU A 91 -2.41 22.62 -49.72
C GLU A 91 -3.43 22.86 -48.61
N ARG A 92 -4.03 21.79 -48.10
CA ARG A 92 -5.13 21.86 -47.14
C ARG A 92 -4.90 22.95 -46.10
N PRO A 93 -5.91 23.81 -45.87
CA PRO A 93 -5.85 24.79 -44.80
C PRO A 93 -5.90 24.12 -43.44
N THR A 94 -5.24 24.74 -42.47
CA THR A 94 -5.33 24.38 -41.06
C THR A 94 -6.75 24.69 -40.61
N ILE A 95 -7.32 23.84 -39.75
CA ILE A 95 -8.61 24.16 -39.12
C ILE A 95 -8.39 24.26 -37.60
N GLN A 96 -8.76 25.38 -37.02
CA GLN A 96 -8.79 25.56 -35.57
C GLN A 96 -10.27 25.55 -35.15
N ILE A 97 -10.64 24.58 -34.33
CA ILE A 97 -12.04 24.35 -33.96
C ILE A 97 -12.19 24.51 -32.46
N PHE A 98 -13.19 25.31 -32.04
CA PHE A 98 -13.41 25.49 -30.61
C PHE A 98 -14.71 24.84 -30.24
N LEU A 99 -14.62 23.96 -29.29
CA LEU A 99 -15.80 23.30 -28.80
C LEU A 99 -16.32 24.14 -27.63
N ASN A 100 -17.49 24.73 -27.83
CA ASN A 100 -18.10 25.45 -26.72
C ASN A 100 -19.24 24.68 -26.05
N ASP A 101 -19.31 24.78 -24.73
CA ASP A 101 -20.44 24.26 -23.90
C ASP A 101 -20.30 24.86 -22.50
N LEU A 102 -21.27 24.62 -21.63
CA LEU A 102 -21.26 25.26 -20.31
C LEU A 102 -20.07 24.72 -19.49
N PHE A 103 -19.68 25.50 -18.47
CA PHE A 103 -18.60 25.18 -17.54
C PHE A 103 -18.59 23.79 -16.90
N PRO A 104 -19.77 23.24 -16.54
CA PRO A 104 -19.76 21.86 -16.01
C PRO A 104 -19.83 20.72 -17.03
N ASN A 105 -19.87 21.01 -18.34
CA ASN A 105 -19.83 19.98 -19.38
C ASN A 105 -18.63 19.08 -19.19
N ASP A 106 -18.73 17.83 -19.65
CA ASP A 106 -17.64 16.87 -19.52
C ASP A 106 -16.70 16.97 -20.74
N PHE A 107 -15.82 17.97 -20.69
CA PHE A 107 -14.81 18.17 -21.71
C PHE A 107 -13.74 17.11 -21.60
N ASN A 108 -13.46 16.66 -20.40
CA ASN A 108 -12.46 15.63 -20.16
C ASN A 108 -12.71 14.40 -21.02
N SER A 109 -13.97 13.99 -21.13
CA SER A 109 -14.31 12.78 -21.89
C SER A 109 -14.20 12.99 -23.42
N VAL A 110 -14.47 14.20 -23.86
CA VAL A 110 -14.22 14.55 -25.24
C VAL A 110 -12.73 14.52 -25.54
N PHE A 111 -11.94 15.08 -24.63
CA PHE A 111 -10.50 15.28 -24.83
C PHE A 111 -9.75 13.95 -24.91
N LYS A 112 -10.10 13.01 -24.04
CA LYS A 112 -9.53 11.68 -24.05
C LYS A 112 -9.69 10.95 -25.40
N LEU A 113 -10.79 11.25 -26.10
CA LEU A 113 -11.10 10.67 -27.39
C LEU A 113 -10.37 11.34 -28.55
N LEU A 114 -9.63 12.40 -28.26
CA LEU A 114 -9.02 13.14 -29.33
C LEU A 114 -7.90 12.37 -30.03
N PRO A 115 -7.01 11.77 -29.29
CA PRO A 115 -5.95 10.99 -29.90
C PRO A 115 -6.40 10.05 -31.02
N SER A 116 -7.46 9.26 -30.79
CA SER A 116 -7.89 8.29 -31.79
C SER A 116 -8.63 8.99 -32.90
N PHE A 117 -9.33 10.06 -32.56
CA PHE A 117 -10.05 10.86 -33.56
C PHE A 117 -9.14 11.45 -34.61
N TYR A 118 -7.99 11.98 -34.17
CA TYR A 118 -6.98 12.59 -35.04
C TYR A 118 -6.30 11.54 -35.91
N ARG A 119 -6.15 10.33 -35.35
CA ARG A 119 -5.68 9.16 -36.10
C ARG A 119 -6.68 8.78 -37.19
N LYS A 120 -7.95 8.72 -36.85
CA LYS A 120 -9.00 8.48 -37.85
C LYS A 120 -8.89 9.47 -39.02
N LEU A 121 -8.81 10.77 -38.72
CA LEU A 121 -8.60 11.82 -39.75
C LEU A 121 -7.42 11.58 -40.68
N GLU A 122 -6.29 11.16 -40.11
CA GLU A 122 -5.09 10.88 -40.90
C GLU A 122 -5.34 9.70 -41.84
N LYS A 123 -5.91 8.65 -41.27
CA LYS A 123 -6.21 7.41 -41.95
C LYS A 123 -7.31 7.58 -43.00
N GLU A 124 -8.49 8.02 -42.57
CA GLU A 124 -9.68 8.03 -43.42
C GLU A 124 -9.88 9.28 -44.25
N ASN A 125 -9.17 10.35 -43.91
CA ASN A 125 -9.43 11.66 -44.48
C ASN A 125 -8.25 12.32 -45.15
N GLY A 126 -7.07 11.75 -44.98
CA GLY A 126 -5.84 12.27 -45.60
C GLY A 126 -5.28 13.49 -44.91
N ARG A 127 -5.85 13.84 -43.78
CA ARG A 127 -5.46 15.06 -43.07
C ARG A 127 -4.40 14.76 -42.01
N LYS A 128 -3.21 15.30 -42.20
CA LYS A 128 -2.06 15.09 -41.30
C LYS A 128 -2.27 15.63 -39.88
N ILE A 129 -1.70 14.95 -38.90
CA ILE A 129 -1.88 15.32 -37.49
C ILE A 129 -1.22 16.66 -37.21
N GLY A 130 -1.94 17.54 -36.52
CA GLY A 130 -1.51 18.92 -36.35
C GLY A 130 -2.18 19.90 -37.28
N SER A 131 -2.88 19.42 -38.31
CA SER A 131 -3.58 20.31 -39.24
C SER A 131 -5.02 20.58 -38.76
N CYS A 132 -5.47 19.80 -37.78
CA CYS A 132 -6.75 20.04 -37.22
C CYS A 132 -6.57 20.21 -35.74
N LEU A 133 -6.83 21.40 -35.22
CA LEU A 133 -6.46 21.76 -33.85
C LEU A 133 -7.73 22.02 -33.06
N ILE A 134 -8.10 21.06 -32.19
CA ILE A 134 -9.38 21.07 -31.56
C ILE A 134 -9.20 21.41 -30.09
N GLY A 135 -9.85 22.50 -29.69
CA GLY A 135 -9.73 23.01 -28.35
C GLY A 135 -11.11 23.36 -27.86
N ALA A 136 -11.17 23.95 -26.69
CA ALA A 136 -12.41 24.20 -26.04
C ALA A 136 -12.46 25.62 -25.55
N MET A 137 -13.65 26.21 -25.63
CA MET A 137 -13.89 27.50 -25.03
C MET A 137 -15.23 27.44 -24.29
N PRO A 138 -15.20 27.16 -22.96
CA PRO A 138 -16.40 26.98 -22.19
C PRO A 138 -17.09 28.30 -21.83
N GLY A 139 -18.40 28.22 -21.62
CA GLY A 139 -19.20 29.30 -21.13
C GLY A 139 -20.51 29.37 -21.87
N SER A 140 -21.39 30.22 -21.36
CA SER A 140 -22.64 30.47 -22.04
C SER A 140 -22.49 31.04 -23.43
N PHE A 141 -23.20 30.49 -24.41
CA PHE A 141 -23.24 31.11 -25.76
C PHE A 141 -24.20 32.31 -25.87
N TYR A 142 -24.76 32.77 -24.75
CA TYR A 142 -25.37 34.10 -24.71
C TYR A 142 -24.41 35.19 -24.23
N SER A 143 -23.14 34.85 -24.04
CA SER A 143 -22.15 35.86 -23.74
C SER A 143 -20.96 35.71 -24.70
N ARG A 144 -20.10 36.73 -24.76
CA ARG A 144 -18.97 36.69 -25.67
C ARG A 144 -18.05 35.49 -25.41
N LEU A 145 -17.70 34.75 -26.47
CA LEU A 145 -16.74 33.64 -26.38
C LEU A 145 -15.45 33.87 -27.12
N PHE A 146 -15.43 34.83 -28.07
CA PHE A 146 -14.27 34.98 -28.92
C PHE A 146 -13.97 36.45 -29.20
N PRO A 147 -12.69 36.75 -29.47
CA PRO A 147 -12.36 38.12 -29.80
C PRO A 147 -13.18 38.63 -31.02
N GLU A 148 -13.39 39.93 -31.04
CA GLU A 148 -14.08 40.63 -32.15
C GLU A 148 -13.39 40.30 -33.46
N GLU A 149 -14.20 40.01 -34.48
CA GLU A 149 -13.73 39.63 -35.80
C GLU A 149 -12.56 38.65 -35.81
N SER A 150 -12.77 37.50 -35.20
CA SER A 150 -11.74 36.47 -35.19
C SER A 150 -12.19 35.19 -35.90
N MET A 151 -13.50 35.04 -36.12
CA MET A 151 -14.02 33.74 -36.55
C MET A 151 -14.53 33.74 -37.96
N HIS A 152 -14.45 32.57 -38.60
CA HIS A 152 -14.99 32.41 -39.98
C HIS A 152 -16.39 31.77 -40.02
N PHE A 153 -16.65 30.87 -39.07
CA PHE A 153 -17.78 29.98 -39.19
C PHE A 153 -18.20 29.52 -37.82
N LEU A 154 -19.49 29.72 -37.48
CA LEU A 154 -20.02 29.23 -36.18
C LEU A 154 -21.22 28.36 -36.45
N HIS A 155 -21.33 27.27 -35.71
CA HIS A 155 -22.30 26.27 -35.97
C HIS A 155 -22.99 25.91 -34.65
N SER A 156 -24.32 25.75 -34.66
CA SER A 156 -25.07 25.41 -33.46
C SER A 156 -26.20 24.49 -33.89
N CYS A 157 -26.41 23.39 -33.15
CA CYS A 157 -27.48 22.48 -33.42
C CYS A 157 -28.06 22.00 -32.14
N TYR A 158 -29.38 22.13 -32.01
CA TYR A 158 -30.12 21.63 -30.85
C TYR A 158 -29.78 22.32 -29.52
N CYS A 159 -29.40 23.60 -29.57
CA CYS A 159 -29.02 24.30 -28.36
C CYS A 159 -29.89 25.47 -28.05
N LEU A 160 -30.28 26.20 -29.09
CA LEU A 160 -31.04 27.40 -28.94
C LEU A 160 -32.44 27.29 -28.33
N GLN A 161 -32.97 26.12 -28.12
CA GLN A 161 -34.14 25.98 -27.31
C GLN A 161 -33.89 26.32 -25.84
N TRP A 162 -32.64 26.32 -25.44
CA TRP A 162 -32.32 26.49 -24.01
C TRP A 162 -32.15 27.94 -23.79
N LEU A 163 -33.04 28.49 -22.98
CA LEU A 163 -32.98 29.92 -22.69
C LEU A 163 -31.88 30.20 -21.66
N SER A 164 -31.48 31.46 -21.55
CA SER A 164 -30.56 31.87 -20.48
C SER A 164 -31.11 31.67 -19.09
N GLN A 165 -32.43 31.62 -18.92
CA GLN A 165 -33.03 31.51 -17.58
C GLN A 165 -34.51 31.16 -17.73
N VAL A 166 -35.17 30.71 -16.66
CA VAL A 166 -36.65 30.60 -16.66
C VAL A 166 -37.15 32.04 -16.99
N PRO A 167 -38.16 32.20 -17.88
CA PRO A 167 -38.62 33.56 -18.22
C PRO A 167 -38.77 34.47 -17.01
N SER A 168 -38.19 35.66 -17.16
CA SER A 168 -38.01 36.63 -16.07
C SER A 168 -39.34 37.10 -15.55
N GLY A 169 -40.39 36.96 -16.37
CA GLY A 169 -41.77 37.17 -15.95
C GLY A 169 -42.24 36.14 -14.95
N LEU A 170 -41.69 34.94 -15.02
CA LEU A 170 -42.11 33.88 -14.08
C LEU A 170 -41.17 33.83 -12.90
N VAL A 171 -40.20 34.75 -12.89
CA VAL A 171 -39.10 34.70 -11.92
C VAL A 171 -38.93 36.02 -11.15
N THR A 172 -38.65 37.12 -11.85
CA THR A 172 -38.58 38.44 -11.19
C THR A 172 -39.97 39.06 -10.92
N GLU A 173 -40.86 38.97 -11.91
CA GLU A 173 -42.22 39.52 -11.77
C GLU A 173 -43.16 38.67 -10.90
N LEU A 174 -44.18 39.35 -10.39
CA LEU A 174 -45.12 38.84 -9.36
C LEU A 174 -46.56 39.23 -9.72
N ILE A 176 -44.38 33.74 -11.90
CA ILE A 176 -44.44 32.74 -10.84
C ILE A 176 -45.37 31.58 -11.25
N GLY A 177 -45.88 30.79 -10.29
CA GLY A 177 -46.83 29.66 -10.53
C GLY A 177 -48.13 29.99 -11.28
N THR A 178 -47.98 30.74 -12.35
CA THR A 178 -49.06 31.18 -13.18
C THR A 178 -49.33 30.16 -14.31
N ASN A 179 -48.33 29.34 -14.60
CA ASN A 179 -48.44 28.35 -15.71
C ASN A 179 -48.90 27.01 -15.15
N LYS A 180 -50.19 26.95 -14.84
CA LYS A 180 -50.80 25.79 -14.20
C LYS A 180 -50.76 24.53 -15.06
N GLY A 181 -50.30 23.44 -14.46
CA GLY A 181 -50.36 22.10 -15.06
C GLY A 181 -49.40 21.87 -16.21
N SER A 182 -48.56 22.87 -16.51
CA SER A 182 -47.61 22.86 -17.61
C SER A 182 -46.18 23.06 -17.10
N ILE A 183 -45.21 22.89 -17.99
CA ILE A 183 -43.78 23.03 -17.69
C ILE A 183 -43.10 23.90 -18.72
N TYR A 184 -43.83 24.26 -19.78
CA TYR A 184 -43.37 25.26 -20.72
C TYR A 184 -44.61 25.92 -21.38
N SER A 185 -44.38 26.72 -22.39
CA SER A 185 -45.44 27.40 -23.06
C SER A 185 -45.94 26.53 -24.22
N SER A 186 -47.06 25.84 -23.98
CA SER A 186 -47.78 25.13 -25.07
C SER A 186 -48.67 26.15 -25.87
N LYS A 187 -49.41 25.65 -26.87
CA LYS A 187 -50.49 26.47 -27.48
C LYS A 187 -51.64 26.57 -26.49
N ALA A 188 -51.71 25.59 -25.59
CA ALA A 188 -52.68 25.53 -24.51
C ALA A 188 -52.40 26.51 -23.37
N SER A 189 -51.25 27.19 -23.41
CA SER A 189 -50.86 28.04 -22.27
C SER A 189 -51.60 29.38 -22.27
N ARG A 190 -51.84 29.90 -21.08
CA ARG A 190 -52.40 31.22 -20.91
C ARG A 190 -51.55 32.28 -21.60
N LEU A 191 -52.22 33.32 -22.07
CA LEU A 191 -51.61 34.39 -22.84
C LEU A 191 -50.35 35.01 -22.18
N PRO A 192 -50.40 35.32 -20.85
CA PRO A 192 -49.24 35.91 -20.19
C PRO A 192 -48.04 34.95 -20.11
N VAL A 193 -48.29 33.65 -20.02
CA VAL A 193 -47.24 32.65 -20.09
C VAL A 193 -46.52 32.63 -21.42
N GLN A 194 -47.26 32.67 -22.53
CA GLN A 194 -46.68 32.68 -23.87
C GLN A 194 -45.87 33.93 -24.04
N LYS A 195 -46.44 35.06 -23.63
CA LYS A 195 -45.77 36.35 -23.75
C LYS A 195 -44.43 36.32 -23.01
N ALA A 196 -44.42 35.76 -21.80
CA ALA A 196 -43.20 35.75 -20.97
C ALA A 196 -42.10 34.90 -21.58
N TYR A 197 -42.47 33.73 -22.11
CA TYR A 197 -41.53 32.84 -22.78
C TYR A 197 -41.04 33.47 -24.07
N LEU A 198 -41.94 34.03 -24.89
CA LEU A 198 -41.49 34.67 -26.13
C LEU A 198 -40.59 35.85 -25.85
N ASP A 199 -40.91 36.62 -24.82
CA ASP A 199 -40.09 37.75 -24.49
C ASP A 199 -38.70 37.27 -24.13
N GLN A 200 -38.59 36.18 -23.38
CA GLN A 200 -37.23 35.70 -23.00
C GLN A 200 -36.47 35.18 -24.24
N PHE A 201 -37.12 34.34 -25.03
CA PHE A 201 -36.54 33.86 -26.28
C PHE A 201 -36.01 35.00 -27.10
N THR A 202 -36.83 36.04 -27.23
CA THR A 202 -36.52 37.18 -28.09
C THR A 202 -35.27 37.88 -27.57
N LYS A 203 -35.16 37.98 -26.25
CA LYS A 203 -34.06 38.68 -25.61
C LYS A 203 -32.78 37.88 -25.86
N ASP A 204 -32.86 36.61 -25.51
CA ASP A 204 -31.78 35.67 -25.62
C ASP A 204 -31.28 35.50 -27.08
N PHE A 205 -32.15 35.16 -28.00
CA PHE A 205 -31.76 34.99 -29.42
C PHE A 205 -31.23 36.26 -30.04
N THR A 206 -31.80 37.40 -29.65
CA THR A 206 -31.27 38.66 -30.22
C THR A 206 -29.81 38.86 -29.70
N THR A 207 -29.59 38.59 -28.40
CA THR A 207 -28.27 38.69 -27.77
C THR A 207 -27.25 37.76 -28.42
N PHE A 208 -27.67 36.52 -28.64
CA PHE A 208 -26.86 35.50 -29.32
C PHE A 208 -26.44 35.95 -30.72
N LEU A 209 -27.39 36.46 -31.48
CA LEU A 209 -27.11 36.96 -32.81
C LEU A 209 -26.17 38.16 -32.81
N ARG A 210 -26.48 39.18 -32.01
CA ARG A 210 -25.65 40.35 -31.87
C ARG A 210 -24.24 39.97 -31.47
N ILE A 211 -24.09 39.20 -30.42
CA ILE A 211 -22.81 38.88 -29.81
C ILE A 211 -21.96 38.09 -30.80
N HIS A 212 -22.55 37.11 -31.45
CA HIS A 212 -21.79 36.26 -32.33
C HIS A 212 -21.52 36.87 -33.70
N SER A 213 -22.26 37.91 -34.13
CA SER A 213 -21.88 38.65 -35.33
C SER A 213 -20.59 39.40 -35.09
N GLU A 214 -20.44 39.95 -33.87
CA GLU A 214 -19.27 40.72 -33.46
C GLU A 214 -17.94 39.89 -33.52
N GLU A 215 -18.07 38.59 -33.34
CA GLU A 215 -16.96 37.66 -33.31
C GLU A 215 -16.53 37.25 -34.73
N LEU A 216 -17.47 37.29 -35.68
CA LEU A 216 -17.25 36.90 -37.08
C LEU A 216 -16.62 37.99 -37.90
N PHE A 217 -15.72 37.61 -38.81
CA PHE A 217 -15.20 38.53 -39.80
C PHE A 217 -16.42 38.85 -40.67
N SER A 218 -16.37 39.96 -41.39
CA SER A 218 -17.50 40.32 -42.25
C SER A 218 -17.62 39.27 -43.33
N HIS A 219 -18.84 38.87 -43.66
CA HIS A 219 -19.08 37.73 -44.55
C HIS A 219 -18.84 36.37 -43.86
N GLY A 220 -18.49 36.35 -42.57
CA GLY A 220 -18.44 35.07 -41.82
C GLY A 220 -19.82 34.44 -41.79
N ARG A 221 -19.93 33.15 -41.42
CA ARG A 221 -21.23 32.49 -41.43
CA ARG A 221 -21.19 32.38 -41.48
C ARG A 221 -21.62 31.75 -40.17
N MET A 222 -22.93 31.65 -39.93
CA MET A 222 -23.45 30.83 -38.86
C MET A 222 -24.47 29.88 -39.46
N LEU A 223 -24.51 28.67 -38.94
CA LEU A 223 -25.46 27.70 -39.37
C LEU A 223 -26.17 27.23 -38.13
N LEU A 224 -27.47 27.48 -38.03
CA LEU A 224 -28.17 27.07 -36.81
C LEU A 224 -29.19 26.04 -37.11
N THR A 225 -29.26 25.01 -36.30
CA THR A 225 -30.34 24.05 -36.42
C THR A 225 -31.05 24.00 -35.05
N CYS A 226 -32.35 24.34 -35.08
CA CYS A 226 -33.13 24.52 -33.89
C CYS A 226 -34.41 23.73 -34.05
N ILE A 227 -34.86 23.17 -32.93
CA ILE A 227 -36.21 22.73 -32.76
C ILE A 227 -37.23 23.87 -32.99
N CYS A 228 -38.28 23.56 -33.75
CA CYS A 228 -39.28 24.60 -33.98
C CYS A 228 -40.67 24.00 -33.85
N LYS A 229 -41.66 24.87 -33.78
CA LYS A 229 -43.06 24.45 -33.54
C LYS A 229 -43.57 23.60 -34.69
N GLY A 230 -44.15 22.45 -34.33
CA GLY A 230 -44.86 21.63 -35.28
C GLY A 230 -46.18 22.24 -35.70
N VAL A 231 -46.61 21.94 -36.91
CA VAL A 231 -47.91 22.46 -37.35
C VAL A 231 -49.04 21.55 -36.86
N GLU A 232 -48.95 20.27 -37.15
CA GLU A 232 -49.99 19.32 -36.86
C GLU A 232 -50.72 19.49 -35.51
N LEU A 233 -52.04 19.55 -35.58
CA LEU A 233 -52.88 19.24 -34.43
C LEU A 233 -52.65 17.77 -34.13
N ASP A 234 -52.70 17.44 -32.84
CA ASP A 234 -52.54 16.07 -32.36
C ASP A 234 -51.08 15.61 -32.30
N ALA A 235 -50.18 16.37 -32.92
CA ALA A 235 -48.76 16.14 -32.78
C ALA A 235 -48.36 16.37 -31.34
N ARG A 236 -47.35 15.63 -30.91
CA ARG A 236 -46.89 15.66 -29.55
C ARG A 236 -45.37 15.55 -29.53
N ASN A 237 -44.71 16.65 -29.17
CA ASN A 237 -43.26 16.66 -28.96
C ASN A 237 -42.83 16.08 -27.60
N ALA A 238 -41.53 15.92 -27.37
CA ALA A 238 -41.02 15.30 -26.15
C ALA A 238 -41.39 16.05 -24.86
N ILE A 239 -41.46 17.38 -24.93
CA ILE A 239 -41.89 18.22 -23.81
C ILE A 239 -43.39 18.05 -23.55
N ASP A 240 -44.22 18.04 -24.60
CA ASP A 240 -45.69 17.72 -24.42
C ASP A 240 -45.89 16.39 -23.73
N LEU A 241 -45.08 15.40 -24.13
CA LEU A 241 -45.23 14.05 -23.59
C LEU A 241 -44.77 13.96 -22.14
N LEU A 242 -43.73 14.70 -21.82
CA LEU A 242 -43.23 14.87 -20.47
C LEU A 242 -44.28 15.51 -19.61
N GLU A 243 -44.86 16.62 -20.10
CA GLU A 243 -45.97 17.33 -19.41
C GLU A 243 -47.15 16.44 -19.08
N MET A 244 -47.55 15.62 -20.06
CA MET A 244 -48.58 14.61 -19.88
C MET A 244 -48.18 13.56 -18.84
N ALA A 245 -46.91 13.18 -18.84
CA ALA A 245 -46.39 12.18 -17.92
C ALA A 245 -46.47 12.67 -16.47
N ILE A 246 -46.03 13.92 -16.24
CA ILE A 246 -46.10 14.55 -14.91
C ILE A 246 -47.55 14.82 -14.43
N ASN A 247 -48.40 15.36 -15.31
CA ASN A 247 -49.84 15.50 -15.02
C ASN A 247 -50.51 14.21 -14.58
N ASP A 248 -50.15 13.09 -15.22
CA ASP A 248 -50.61 11.76 -14.84
C ASP A 248 -50.35 11.50 -13.36
N LEU A 249 -49.17 11.89 -12.90
CA LEU A 249 -48.74 11.62 -11.53
C LEU A 249 -49.42 12.52 -10.49
N VAL A 250 -49.83 13.72 -10.88
CA VAL A 250 -50.56 14.58 -9.94
C VAL A 250 -52.01 14.11 -9.81
N VAL A 251 -52.62 13.76 -10.95
CA VAL A 251 -54.00 13.28 -11.01
C VAL A 251 -54.13 11.97 -10.27
N GLU A 252 -53.12 11.12 -10.38
CA GLU A 252 -53.06 9.83 -9.69
C GLU A 252 -52.41 9.92 -8.29
N GLY A 253 -52.43 11.13 -7.71
CA GLY A 253 -51.99 11.35 -6.32
C GLY A 253 -50.49 11.31 -6.02
N HIS A 254 -49.72 10.66 -6.89
CA HIS A 254 -48.26 10.50 -6.76
C HIS A 254 -47.39 11.76 -6.57
N LEU A 255 -47.72 12.84 -7.26
CA LEU A 255 -46.94 14.08 -7.19
C LEU A 255 -47.74 15.23 -6.60
N GLU A 256 -47.04 16.15 -5.97
CA GLU A 256 -47.65 17.11 -5.04
C GLU A 256 -48.61 18.17 -5.63
N GLU A 257 -48.47 18.52 -6.93
CA GLU A 257 -49.45 19.34 -7.70
C GLU A 257 -49.43 20.85 -7.45
N GLU A 258 -48.38 21.33 -6.81
CA GLU A 258 -48.06 22.74 -6.86
C GLU A 258 -46.58 22.73 -7.08
N LYS A 259 -46.06 21.51 -7.00
CA LYS A 259 -44.76 21.18 -7.52
C LYS A 259 -44.73 21.27 -9.05
N LEU A 260 -45.82 20.88 -9.71
CA LEU A 260 -45.98 20.99 -11.16
C LEU A 260 -46.14 22.46 -11.57
N ASP A 261 -46.96 23.18 -10.81
CA ASP A 261 -47.33 24.56 -11.14
C ASP A 261 -46.18 25.52 -10.91
N SER A 262 -45.22 25.09 -10.11
CA SER A 262 -44.07 25.93 -9.84
C SER A 262 -42.85 25.48 -10.63
N PHE A 263 -43.02 24.44 -11.46
CA PHE A 263 -41.96 24.01 -12.37
C PHE A 263 -42.13 24.56 -13.78
N ASN A 264 -41.12 25.27 -14.27
CA ASN A 264 -41.11 25.85 -15.61
C ASN A 264 -39.73 25.59 -16.22
N LEU A 265 -39.73 24.92 -17.36
CA LEU A 265 -38.47 24.63 -18.05
C LEU A 265 -37.96 25.93 -18.61
N PRO A 266 -36.64 26.10 -18.66
CA PRO A 266 -36.03 27.24 -19.34
C PRO A 266 -35.94 27.03 -20.85
N VAL A 267 -36.99 26.46 -21.42
CA VAL A 267 -36.96 26.02 -22.82
C VAL A 267 -38.05 26.74 -23.54
N TYR A 268 -37.75 27.23 -24.76
CA TYR A 268 -38.75 27.73 -25.67
C TYR A 268 -38.64 27.10 -27.06
N ILE A 269 -39.74 26.58 -27.58
CA ILE A 269 -39.77 26.08 -28.95
CA ILE A 269 -39.78 26.06 -28.94
C ILE A 269 -40.46 27.10 -29.81
N PRO A 270 -39.69 27.80 -30.64
CA PRO A 270 -40.22 28.89 -31.46
C PRO A 270 -41.10 28.38 -32.61
N SER A 271 -41.64 29.29 -33.41
CA SER A 271 -42.11 28.92 -34.72
C SER A 271 -41.04 29.43 -35.69
N ALA A 272 -40.97 28.83 -36.88
CA ALA A 272 -39.99 29.25 -37.86
C ALA A 272 -40.14 30.74 -38.14
N GLU A 273 -41.39 31.21 -38.17
CA GLU A 273 -41.66 32.62 -38.44
C GLU A 273 -41.01 33.56 -37.38
N GLU A 274 -41.07 33.13 -36.13
CA GLU A 274 -40.55 33.89 -34.98
C GLU A 274 -39.01 33.97 -35.05
N VAL A 275 -38.35 32.83 -35.35
CA VAL A 275 -36.91 32.83 -35.58
C VAL A 275 -36.52 33.84 -36.70
N LYS A 276 -37.21 33.79 -37.83
CA LYS A 276 -36.91 34.69 -39.00
C LYS A 276 -37.11 36.19 -38.74
N CYS A 277 -38.23 36.54 -38.13
CA CYS A 277 -38.51 37.91 -37.70
C CYS A 277 -37.39 38.49 -36.82
N ILE A 278 -36.97 37.72 -35.83
CA ILE A 278 -35.89 38.12 -34.94
C ILE A 278 -34.56 38.28 -35.67
N VAL A 279 -34.17 37.32 -36.50
CA VAL A 279 -33.01 37.56 -37.39
C VAL A 279 -33.08 38.86 -38.20
N GLU A 280 -34.24 39.16 -38.74
CA GLU A 280 -34.40 40.36 -39.56
C GLU A 280 -34.41 41.63 -38.75
N GLU A 281 -34.96 41.54 -37.55
CA GLU A 281 -35.01 42.65 -36.63
C GLU A 281 -33.61 42.95 -36.10
N GLU A 282 -32.94 41.93 -35.57
CA GLU A 282 -31.53 42.04 -35.14
C GLU A 282 -30.59 42.75 -36.17
N GLY A 283 -30.69 42.39 -37.44
CA GLY A 283 -30.08 43.24 -38.52
C GLY A 283 -28.63 42.99 -38.96
N SER A 284 -27.93 42.15 -38.24
CA SER A 284 -26.55 41.83 -38.51
C SER A 284 -26.42 40.75 -39.57
N PHE A 285 -27.42 39.87 -39.73
CA PHE A 285 -27.27 38.70 -40.61
C PHE A 285 -28.22 38.72 -41.79
N GLU A 286 -27.69 38.33 -42.94
CA GLU A 286 -28.47 38.09 -44.17
C GLU A 286 -28.82 36.61 -44.15
N ILE A 287 -30.05 36.28 -44.49
CA ILE A 287 -30.46 34.88 -44.43
C ILE A 287 -30.23 34.28 -45.83
N LEU A 288 -29.38 33.29 -45.91
CA LEU A 288 -29.04 32.66 -47.17
C LEU A 288 -29.89 31.46 -47.52
N TYR A 289 -30.41 30.77 -46.50
CA TYR A 289 -31.14 29.52 -46.65
C TYR A 289 -31.95 29.26 -45.38
N LEU A 290 -33.16 28.73 -45.56
CA LEU A 290 -34.06 28.35 -44.49
C LEU A 290 -34.92 27.19 -44.97
N GLU A 291 -35.01 26.16 -44.12
CA GLU A 291 -35.72 24.92 -44.42
C GLU A 291 -36.22 24.36 -43.10
N THR A 292 -37.38 23.70 -43.12
CA THR A 292 -37.83 22.96 -41.94
C THR A 292 -37.97 21.47 -42.28
N PHE A 293 -37.82 20.61 -41.26
CA PHE A 293 -37.93 19.18 -41.46
C PHE A 293 -38.35 18.51 -40.14
N LYS A 294 -39.20 17.50 -40.23
CA LYS A 294 -39.57 16.64 -39.06
C LYS A 294 -38.66 15.45 -38.93
N VAL A 295 -38.37 15.08 -37.69
CA VAL A 295 -37.75 13.78 -37.44
C VAL A 295 -38.66 13.11 -36.39
N LEU A 296 -39.18 11.94 -36.75
CA LEU A 296 -40.05 11.13 -35.90
C LEU A 296 -39.21 10.44 -34.89
N TYR A 297 -39.70 10.37 -33.65
CA TYR A 297 -38.85 9.99 -32.54
C TYR A 297 -38.33 8.56 -32.65
N ASP A 298 -39.05 7.72 -33.40
CA ASP A 298 -38.68 6.32 -33.53
C ASP A 298 -38.07 6.00 -34.91
N ALA A 299 -37.56 7.02 -35.58
CA ALA A 299 -37.04 6.88 -36.94
C ALA A 299 -35.73 6.08 -37.04
N GLY A 300 -34.90 6.11 -36.02
CA GLY A 300 -33.64 5.37 -36.04
C GLY A 300 -33.76 3.92 -35.61
N PHE A 301 -34.99 3.44 -35.45
CA PHE A 301 -35.23 2.14 -34.81
C PHE A 301 -35.79 1.16 -35.80
N SER A 302 -35.15 0.00 -35.87
CA SER A 302 -35.76 -1.26 -36.31
C SER A 302 -36.92 -1.20 -37.27
N HIS A 307 -43.73 -3.02 -29.74
CA HIS A 307 -43.33 -1.61 -29.87
C HIS A 307 -42.95 -0.98 -28.52
N ILE A 308 -41.85 -1.51 -27.97
CA ILE A 308 -41.07 -0.91 -26.89
C ILE A 308 -40.08 0.11 -27.45
N LYS A 309 -40.38 0.61 -28.65
CA LYS A 309 -39.71 1.78 -29.22
C LYS A 309 -40.08 3.02 -28.43
N ALA A 310 -41.23 2.94 -27.75
CA ALA A 310 -41.70 3.97 -26.85
C ALA A 310 -40.77 4.12 -25.64
N GLU A 311 -40.25 2.99 -25.16
CA GLU A 311 -39.26 2.99 -24.07
C GLU A 311 -37.90 3.56 -24.52
N TYR A 312 -37.56 3.33 -25.77
CA TYR A 312 -36.32 3.84 -26.31
C TYR A 312 -36.37 5.35 -26.39
N VAL A 313 -37.54 5.87 -26.77
CA VAL A 313 -37.77 7.30 -26.86
C VAL A 313 -37.73 7.89 -25.47
N ALA A 314 -38.38 7.24 -24.51
CA ALA A 314 -38.43 7.70 -23.11
C ALA A 314 -37.04 7.82 -22.52
N SER A 315 -36.18 6.85 -22.86
CA SER A 315 -34.76 6.93 -22.44
C SER A 315 -34.01 8.06 -23.08
N SER A 316 -34.22 8.29 -24.37
CA SER A 316 -33.67 9.48 -25.01
C SER A 316 -33.96 10.78 -24.31
N VAL A 317 -35.22 10.98 -23.93
CA VAL A 317 -35.72 12.25 -23.40
C VAL A 317 -35.19 12.44 -21.99
N ARG A 318 -35.10 11.32 -21.27
CA ARG A 318 -34.60 11.30 -19.90
C ARG A 318 -33.12 11.65 -19.82
N ALA A 319 -32.35 11.10 -20.73
CA ALA A 319 -30.93 11.50 -20.80
C ALA A 319 -30.74 13.02 -20.93
N VAL A 320 -31.75 13.70 -21.50
CA VAL A 320 -31.72 15.18 -21.59
C VAL A 320 -32.29 15.81 -20.33
N TYR A 321 -33.47 15.36 -19.90
CA TYR A 321 -34.21 16.08 -18.87
C TYR A 321 -34.06 15.61 -17.43
N GLU A 322 -33.39 14.49 -17.20
CA GLU A 322 -33.30 13.96 -15.81
C GLU A 322 -32.62 14.93 -14.80
N PRO A 323 -31.44 15.50 -15.13
CA PRO A 323 -30.86 16.43 -14.14
C PRO A 323 -31.83 17.55 -13.67
N ILE A 324 -32.47 18.27 -14.57
CA ILE A 324 -33.31 19.41 -14.18
C ILE A 324 -34.56 18.95 -13.50
N LEU A 325 -35.08 17.79 -13.92
CA LEU A 325 -36.29 17.21 -13.34
C LEU A 325 -36.05 16.74 -11.94
N ALA A 326 -34.92 16.03 -11.76
CA ALA A 326 -34.49 15.51 -10.47
C ALA A 326 -34.38 16.57 -9.39
N SER A 327 -33.83 17.73 -9.77
CA SER A 327 -33.48 18.75 -8.78
C SER A 327 -34.69 19.52 -8.27
N HIS A 328 -35.86 19.26 -8.85
CA HIS A 328 -37.07 20.00 -8.48
C HIS A 328 -38.07 19.03 -7.92
N PHE A 329 -38.09 17.82 -8.47
CA PHE A 329 -39.11 16.85 -8.13
C PHE A 329 -38.54 15.73 -7.24
N GLY A 330 -37.21 15.65 -7.19
CA GLY A 330 -36.48 14.59 -6.45
C GLY A 330 -36.09 13.44 -7.35
N GLU A 331 -34.97 12.78 -7.05
CA GLU A 331 -34.52 11.60 -7.80
C GLU A 331 -35.50 10.41 -7.87
N ALA A 332 -36.46 10.39 -6.93
CA ALA A 332 -37.34 9.25 -6.72
C ALA A 332 -38.38 8.94 -7.80
N ILE A 333 -39.03 9.99 -8.35
CA ILE A 333 -40.16 9.81 -9.26
C ILE A 333 -39.79 9.77 -10.72
N ILE A 334 -38.49 9.83 -11.00
CA ILE A 334 -38.02 9.81 -12.38
C ILE A 334 -38.35 8.52 -13.16
N PRO A 335 -38.04 7.31 -12.59
CA PRO A 335 -38.57 6.09 -13.18
C PRO A 335 -40.07 6.19 -13.49
N ASP A 336 -40.85 6.67 -12.52
CA ASP A 336 -42.28 6.87 -12.70
C ASP A 336 -42.62 7.84 -13.84
N ILE A 337 -41.89 8.97 -13.90
CA ILE A 337 -42.10 9.98 -14.96
C ILE A 337 -41.97 9.31 -16.30
N PHE A 338 -40.88 8.58 -16.50
CA PHE A 338 -40.59 7.96 -17.79
C PHE A 338 -41.28 6.61 -18.07
N HIS A 339 -41.98 6.07 -17.08
CA HIS A 339 -42.92 4.98 -17.34
C HIS A 339 -44.20 5.55 -17.98
N ARG A 340 -44.80 6.53 -17.32
CA ARG A 340 -45.98 7.18 -17.87
CA ARG A 340 -45.96 7.26 -17.86
C ARG A 340 -45.61 7.80 -19.23
N PHE A 341 -44.40 8.33 -19.35
CA PHE A 341 -43.93 8.92 -20.60
C PHE A 341 -44.08 7.93 -21.76
N ALA A 342 -43.60 6.71 -21.54
CA ALA A 342 -43.63 5.62 -22.53
C ALA A 342 -45.06 5.31 -22.97
N LYS A 343 -46.00 5.31 -22.03
CA LYS A 343 -47.42 5.10 -22.32
C LYS A 343 -47.99 6.14 -23.29
N HIS A 344 -47.63 7.39 -23.11
CA HIS A 344 -48.09 8.47 -23.98
C HIS A 344 -47.37 8.44 -25.32
N ALA A 345 -46.07 8.17 -25.30
CA ALA A 345 -45.32 7.95 -26.52
C ALA A 345 -45.92 6.82 -27.36
N ALA A 346 -46.34 5.74 -26.70
CA ALA A 346 -46.80 4.54 -27.40
C ALA A 346 -48.05 4.84 -28.19
N LYS A 347 -48.81 5.85 -27.74
CA LYS A 347 -50.08 6.19 -28.36
C LYS A 347 -49.85 7.00 -29.61
N VAL A 348 -48.72 7.67 -29.66
CA VAL A 348 -48.53 8.70 -30.64
C VAL A 348 -47.58 8.23 -31.77
N LEU A 349 -46.63 7.38 -31.44
CA LEU A 349 -45.67 6.91 -32.43
C LEU A 349 -46.34 6.21 -33.63
N PRO A 350 -47.26 5.24 -33.39
CA PRO A 350 -47.92 4.54 -34.51
C PRO A 350 -48.59 5.47 -35.52
N LEU A 351 -48.89 6.69 -35.10
CA LEU A 351 -49.57 7.67 -35.94
C LEU A 351 -48.60 8.61 -36.65
N GLY A 352 -47.32 8.53 -36.28
CA GLY A 352 -46.30 9.46 -36.73
C GLY A 352 -46.56 10.83 -36.13
N LYS A 353 -47.11 10.86 -34.91
CA LYS A 353 -47.44 12.13 -34.26
C LYS A 353 -46.45 12.53 -33.19
N GLY A 354 -45.42 11.71 -32.97
CA GLY A 354 -44.36 12.03 -32.00
C GLY A 354 -43.10 12.40 -32.76
N PHE A 355 -42.85 13.69 -32.80
CA PHE A 355 -41.71 14.20 -33.55
C PHE A 355 -41.30 15.55 -33.05
N TYR A 356 -40.09 15.96 -33.42
CA TYR A 356 -39.81 17.40 -33.36
C TYR A 356 -39.81 17.90 -34.79
N ASN A 357 -40.29 19.14 -34.97
CA ASN A 357 -40.10 19.85 -36.17
C ASN A 357 -38.78 20.69 -36.04
N ASN A 358 -38.11 20.96 -37.14
CA ASN A 358 -36.77 21.54 -37.00
C ASN A 358 -36.61 22.56 -38.06
N LEU A 359 -35.73 23.50 -37.81
CA LEU A 359 -35.43 24.56 -38.72
C LEU A 359 -33.92 24.68 -38.91
N ILE A 360 -33.46 24.73 -40.14
CA ILE A 360 -32.02 25.00 -40.41
C ILE A 360 -32.01 26.34 -41.06
N ILE A 361 -31.09 27.19 -40.62
CA ILE A 361 -30.96 28.51 -41.19
C ILE A 361 -29.47 28.89 -41.36
N SER A 362 -29.12 29.31 -42.57
CA SER A 362 -27.78 29.74 -42.93
C SER A 362 -27.76 31.26 -42.99
N LEU A 363 -26.84 31.86 -42.21
CA LEU A 363 -26.69 33.30 -42.20
C LEU A 363 -25.32 33.71 -42.74
N ALA A 364 -25.25 34.90 -43.31
CA ALA A 364 -23.98 35.56 -43.57
C ALA A 364 -23.91 36.92 -42.85
N LYS A 365 -22.80 37.20 -42.17
CA LYS A 365 -22.64 38.54 -41.59
C LYS A 365 -22.59 39.58 -42.69
N LYS A 366 -23.51 40.53 -42.63
CA LYS A 366 -23.57 41.65 -43.56
C LYS A 366 -22.38 42.59 -43.34
N PRO A 367 -21.85 43.22 -44.40
CA PRO A 367 -20.81 44.24 -44.22
C PRO A 367 -21.31 45.54 -43.55
N GLY B 14 -8.07 16.04 -2.91
CA GLY B 14 -7.53 14.81 -2.25
C GLY B 14 -6.32 15.05 -1.34
N ASP B 15 -6.10 14.11 -0.43
CA ASP B 15 -4.97 14.16 0.52
C ASP B 15 -3.61 14.02 -0.17
N THR B 16 -3.57 13.26 -1.26
CA THR B 16 -2.30 12.94 -1.92
C THR B 16 -2.16 13.64 -3.28
N SER B 17 -3.20 14.39 -3.64
CA SER B 17 -3.34 15.04 -4.96
C SER B 17 -2.35 16.19 -5.21
N TYR B 18 -2.15 16.53 -6.48
CA TYR B 18 -1.30 17.66 -6.89
C TYR B 18 -1.85 19.01 -6.39
N ALA B 19 -3.18 19.17 -6.52
CA ALA B 19 -3.91 20.36 -6.07
C ALA B 19 -3.66 20.78 -4.61
N LYS B 20 -3.62 19.79 -3.71
CA LYS B 20 -3.34 20.00 -2.28
C LYS B 20 -1.85 19.88 -1.90
N ASN B 21 -1.00 19.62 -2.91
CA ASN B 21 0.47 19.43 -2.74
C ASN B 21 1.40 20.31 -3.63
N SER B 22 0.92 21.51 -3.96
CA SER B 22 1.75 22.58 -4.51
C SER B 22 2.22 23.50 -3.37
N ALA B 23 2.56 24.75 -3.66
CA ALA B 23 2.99 25.75 -2.67
C ALA B 23 4.50 25.99 -2.64
N TYR B 24 5.26 25.03 -3.17
CA TYR B 24 6.67 25.26 -3.46
C TYR B 24 6.63 25.97 -4.79
N ASN B 25 5.67 25.55 -5.61
CA ASN B 25 5.41 26.16 -6.91
C ASN B 25 4.99 27.61 -6.85
N GLN B 26 4.40 28.03 -5.73
CA GLN B 26 4.02 29.42 -5.53
C GLN B 26 5.25 30.30 -5.33
N LEU B 27 6.28 29.73 -4.72
CA LEU B 27 7.56 30.43 -4.55
C LEU B 27 8.23 30.63 -5.90
N VAL B 28 8.20 29.60 -6.74
CA VAL B 28 8.75 29.69 -8.08
C VAL B 28 8.02 30.81 -8.83
N LEU B 29 6.70 30.76 -8.81
CA LEU B 29 5.88 31.76 -9.46
C LEU B 29 6.15 33.16 -8.91
N ALA B 30 6.35 33.27 -7.60
CA ALA B 30 6.79 34.55 -7.05
C ALA B 30 8.06 35.10 -7.71
N LYS B 31 9.06 34.23 -7.98
CA LYS B 31 10.28 34.60 -8.67
C LYS B 31 10.06 34.94 -10.15
N VAL B 32 9.15 34.21 -10.79
CA VAL B 32 8.84 34.41 -12.21
C VAL B 32 8.21 35.78 -12.45
N LYS B 33 7.30 36.15 -11.54
CA LYS B 33 6.43 37.33 -11.70
C LYS B 33 7.10 38.64 -12.21
N PRO B 34 8.17 39.13 -11.54
CA PRO B 34 8.79 40.38 -12.04
C PRO B 34 9.42 40.26 -13.41
N VAL B 35 9.96 39.10 -13.72
CA VAL B 35 10.40 38.76 -15.08
C VAL B 35 9.23 38.72 -16.05
N LEU B 36 8.16 38.03 -15.66
CA LEU B 36 6.91 38.03 -16.44
C LEU B 36 6.46 39.46 -16.78
N GLU B 37 6.42 40.33 -15.74
CA GLU B 37 5.93 41.68 -15.85
C GLU B 37 6.75 42.51 -16.84
N GLN B 38 8.06 42.48 -16.69
CA GLN B 38 8.97 43.15 -17.59
C GLN B 38 8.89 42.58 -19.00
N CYS B 39 8.73 41.25 -19.09
CA CYS B 39 8.48 40.58 -20.38
C CYS B 39 7.25 41.10 -21.12
N VAL B 40 6.09 41.13 -20.46
CA VAL B 40 4.90 41.63 -21.15
C VAL B 40 4.94 43.12 -21.39
N ARG B 41 5.63 43.87 -20.53
CA ARG B 41 5.79 45.30 -20.74
C ARG B 41 6.50 45.57 -22.08
N GLU B 42 7.60 44.87 -22.31
CA GLU B 42 8.31 44.99 -23.57
C GLU B 42 7.52 44.44 -24.77
N LEU B 43 6.73 43.42 -24.54
CA LEU B 43 5.88 42.84 -25.54
C LEU B 43 4.79 43.80 -26.03
N LEU B 44 4.16 44.54 -25.13
CA LEU B 44 3.06 45.43 -25.49
C LEU B 44 3.52 46.71 -26.22
N ARG B 45 4.76 47.11 -26.00
CA ARG B 45 5.34 48.21 -26.76
C ARG B 45 6.03 47.79 -28.05
N ALA B 46 6.22 46.48 -28.24
CA ALA B 46 6.77 45.97 -29.50
C ALA B 46 5.74 46.06 -30.61
N ASN B 47 4.48 46.28 -30.21
CA ASN B 47 3.35 46.45 -31.11
C ASN B 47 3.21 45.38 -32.21
N LEU B 48 2.75 44.20 -31.81
CA LEU B 48 2.49 43.12 -32.74
C LEU B 48 1.14 43.37 -33.45
N PRO B 49 0.79 42.54 -34.45
CA PRO B 49 -0.51 42.69 -35.10
C PRO B 49 -1.70 42.51 -34.15
N ASN B 50 -2.51 43.58 -34.03
CA ASN B 50 -3.81 43.56 -33.35
C ASN B 50 -3.68 43.39 -31.84
N ILE B 51 -2.54 43.79 -31.29
CA ILE B 51 -2.22 43.49 -29.89
C ILE B 51 -2.98 44.42 -28.93
N ASN B 52 -3.33 45.62 -29.40
CA ASN B 52 -4.08 46.54 -28.56
C ASN B 52 -5.58 46.23 -28.58
N LYS B 53 -5.98 45.34 -29.47
CA LYS B 53 -7.36 44.89 -29.52
C LYS B 53 -7.51 43.58 -28.76
N CYS B 54 -6.75 42.55 -29.14
CA CYS B 54 -6.75 41.26 -28.46
C CYS B 54 -5.31 40.71 -28.33
N ILE B 55 -4.90 40.38 -27.10
CA ILE B 55 -3.63 39.69 -26.91
CA ILE B 55 -3.63 39.71 -26.82
C ILE B 55 -3.88 38.21 -26.73
N LYS B 56 -3.19 37.41 -27.53
CA LYS B 56 -3.35 35.96 -27.54
C LYS B 56 -2.14 35.31 -26.88
N VAL B 57 -2.44 34.52 -25.86
CA VAL B 57 -1.50 33.99 -24.89
C VAL B 57 -1.81 32.53 -24.66
N ALA B 58 -0.79 31.72 -24.41
CA ALA B 58 -0.99 30.32 -23.93
C ALA B 58 -0.09 29.97 -22.75
N ASP B 59 -0.56 29.13 -21.84
CA ASP B 59 0.30 28.59 -20.80
C ASP B 59 0.45 27.13 -21.12
N LEU B 60 1.68 26.68 -21.35
CA LEU B 60 1.95 25.28 -21.79
C LEU B 60 2.36 24.41 -20.62
N GLY B 61 1.57 23.39 -20.30
CA GLY B 61 1.81 22.58 -19.11
C GLY B 61 1.13 23.22 -17.90
N CYS B 62 -0.10 23.65 -18.13
CA CYS B 62 -0.89 24.34 -17.16
C CYS B 62 -1.31 23.49 -15.96
N ALA B 63 -1.21 22.15 -16.06
CA ALA B 63 -1.64 21.25 -14.96
C ALA B 63 -3.09 21.51 -14.53
N SER B 64 -3.36 21.44 -13.23
CA SER B 64 -4.73 21.28 -12.76
C SER B 64 -5.19 21.94 -11.43
N GLY B 65 -4.25 22.34 -10.56
CA GLY B 65 -4.67 22.76 -9.21
C GLY B 65 -5.09 24.23 -9.08
N PRO B 66 -4.91 24.82 -7.86
CA PRO B 66 -5.07 26.27 -7.73
C PRO B 66 -3.95 27.01 -8.49
N ASN B 67 -2.78 26.39 -8.65
CA ASN B 67 -1.65 27.04 -9.31
C ASN B 67 -1.95 27.47 -10.74
N THR B 68 -2.87 26.77 -11.39
CA THR B 68 -3.06 27.02 -12.81
C THR B 68 -3.74 28.34 -13.04
N LEU B 69 -4.75 28.62 -12.25
CA LEU B 69 -5.38 29.92 -12.33
C LEU B 69 -4.56 31.04 -11.64
N LEU B 70 -3.56 30.68 -10.85
CA LEU B 70 -2.68 31.70 -10.26
C LEU B 70 -1.72 32.22 -11.29
N THR B 71 -1.33 31.35 -12.22
CA THR B 71 -0.49 31.78 -13.35
C THR B 71 -1.26 32.69 -14.28
N VAL B 72 -2.49 32.27 -14.62
CA VAL B 72 -3.39 33.07 -15.42
C VAL B 72 -3.56 34.42 -14.73
N ARG B 73 -3.82 34.40 -13.42
CA ARG B 73 -4.02 35.65 -12.69
C ARG B 73 -2.80 36.55 -12.88
N ASP B 74 -1.60 35.96 -12.77
CA ASP B 74 -0.37 36.76 -12.81
C ASP B 74 -0.14 37.27 -14.22
N ILE B 75 -0.47 36.45 -15.22
CA ILE B 75 -0.35 36.90 -16.62
C ILE B 75 -1.29 38.10 -16.90
N VAL B 76 -2.55 37.96 -16.49
CA VAL B 76 -3.58 39.02 -16.65
C VAL B 76 -3.17 40.29 -15.94
N GLN B 77 -2.71 40.16 -14.69
CA GLN B 77 -2.30 41.36 -13.96
C GLN B 77 -1.13 42.06 -14.62
N SER B 78 -0.16 41.29 -15.11
CA SER B 78 0.99 41.85 -15.83
C SER B 78 0.58 42.67 -17.06
N ILE B 79 -0.45 42.23 -17.76
CA ILE B 79 -0.96 42.92 -18.93
C ILE B 79 -1.75 44.17 -18.53
N ASP B 80 -2.54 44.05 -17.46
CA ASP B 80 -3.33 45.18 -16.99
C ASP B 80 -2.48 46.25 -16.29
N LYS B 81 -1.42 45.82 -15.62
CA LYS B 81 -0.46 46.75 -14.99
C LYS B 81 0.11 47.78 -15.95
N VAL B 82 0.31 47.40 -17.22
CA VAL B 82 0.86 48.30 -18.22
C VAL B 82 -0.07 49.48 -18.53
N GLY B 83 -1.37 49.24 -18.50
CA GLY B 83 -2.38 50.32 -18.56
C GLY B 83 -2.31 51.25 -17.35
N GLN B 84 -1.48 52.29 -17.49
CA GLN B 84 -1.17 53.27 -16.42
C GLN B 84 -1.35 54.69 -16.95
N LEU B 90 -7.42 55.07 -23.49
CA LEU B 90 -7.37 53.70 -23.98
C LEU B 90 -8.25 52.74 -23.14
N GLU B 91 -8.65 51.63 -23.75
CA GLU B 91 -9.61 50.69 -23.16
C GLU B 91 -8.95 49.31 -23.12
N ARG B 92 -8.99 48.66 -21.96
CA ARG B 92 -8.33 47.36 -21.78
C ARG B 92 -8.50 46.42 -23.00
N PRO B 93 -7.39 45.84 -23.49
CA PRO B 93 -7.47 44.80 -24.54
C PRO B 93 -8.10 43.53 -24.00
N THR B 94 -8.79 42.81 -24.89
CA THR B 94 -9.31 41.50 -24.63
C THR B 94 -8.10 40.59 -24.49
N ILE B 95 -8.14 39.63 -23.57
CA ILE B 95 -7.10 38.61 -23.53
C ILE B 95 -7.74 37.28 -23.84
N GLN B 96 -7.24 36.60 -24.85
CA GLN B 96 -7.64 35.21 -25.10
C GLN B 96 -6.52 34.30 -24.63
N ILE B 97 -6.80 33.46 -23.63
CA ILE B 97 -5.76 32.63 -23.02
C ILE B 97 -6.07 31.21 -23.28
N PHE B 98 -5.09 30.45 -23.79
CA PHE B 98 -5.27 28.99 -23.94
C PHE B 98 -4.50 28.23 -22.90
N LEU B 99 -5.19 27.37 -22.17
CA LEU B 99 -4.54 26.47 -21.24
C LEU B 99 -4.20 25.13 -21.93
N ASN B 100 -2.92 24.82 -22.02
CA ASN B 100 -2.54 23.56 -22.61
C ASN B 100 -1.98 22.58 -21.56
N ASP B 101 -2.39 21.32 -21.67
CA ASP B 101 -1.76 20.17 -21.01
C ASP B 101 -2.15 18.88 -21.74
N LEU B 102 -1.66 17.75 -21.27
CA LEU B 102 -1.86 16.53 -22.00
C LEU B 102 -3.35 16.14 -21.98
N PHE B 103 -3.74 15.43 -23.02
CA PHE B 103 -5.10 14.90 -23.13
C PHE B 103 -5.78 14.37 -21.88
N PRO B 104 -5.04 13.64 -21.00
CA PRO B 104 -5.75 13.16 -19.79
C PRO B 104 -5.81 14.14 -18.59
N ASN B 105 -5.24 15.35 -18.73
CA ASN B 105 -5.26 16.35 -17.63
C ASN B 105 -6.67 16.63 -17.19
N ASP B 106 -6.83 17.07 -15.95
CA ASP B 106 -8.17 17.37 -15.45
C ASP B 106 -8.53 18.83 -15.76
N PHE B 107 -8.98 19.04 -16.98
CA PHE B 107 -9.48 20.35 -17.41
C PHE B 107 -10.82 20.65 -16.80
N ASN B 108 -11.66 19.63 -16.64
CA ASN B 108 -12.95 19.79 -15.95
C ASN B 108 -12.83 20.59 -14.66
N SER B 109 -11.86 20.24 -13.81
CA SER B 109 -11.77 20.83 -12.50
C SER B 109 -11.33 22.29 -12.62
N VAL B 110 -10.50 22.58 -13.62
CA VAL B 110 -10.13 23.96 -13.86
C VAL B 110 -11.34 24.76 -14.35
N PHE B 111 -12.07 24.24 -15.34
CA PHE B 111 -13.28 24.89 -15.89
C PHE B 111 -14.36 25.21 -14.84
N LYS B 112 -14.64 24.31 -13.91
CA LYS B 112 -15.61 24.54 -12.85
C LYS B 112 -15.29 25.78 -11.97
N LEU B 113 -14.00 26.09 -11.84
CA LEU B 113 -13.50 27.20 -11.05
C LEU B 113 -13.57 28.52 -11.84
N LEU B 114 -13.90 28.46 -13.13
CA LEU B 114 -13.76 29.66 -13.98
C LEU B 114 -14.78 30.74 -13.63
N PRO B 115 -16.02 30.34 -13.40
CA PRO B 115 -17.00 31.32 -12.92
C PRO B 115 -16.56 32.21 -11.72
N SER B 116 -16.04 31.61 -10.65
CA SER B 116 -15.66 32.42 -9.51
C SER B 116 -14.42 33.23 -9.85
N PHE B 117 -13.52 32.64 -10.64
CA PHE B 117 -12.30 33.27 -11.07
C PHE B 117 -12.53 34.56 -11.85
N TYR B 118 -13.43 34.51 -12.81
CA TYR B 118 -13.85 35.67 -13.58
C TYR B 118 -14.53 36.74 -12.69
N ARG B 119 -15.28 36.32 -11.66
CA ARG B 119 -15.89 37.23 -10.70
C ARG B 119 -14.79 37.91 -9.92
N LYS B 120 -13.80 37.16 -9.43
CA LYS B 120 -12.62 37.73 -8.78
C LYS B 120 -12.00 38.82 -9.66
N LEU B 121 -11.79 38.54 -10.94
CA LEU B 121 -11.20 39.50 -11.88
C LEU B 121 -11.98 40.80 -12.00
N GLU B 122 -13.30 40.70 -12.07
CA GLU B 122 -14.16 41.86 -12.11
C GLU B 122 -14.05 42.67 -10.81
N LYS B 123 -14.07 41.95 -9.69
CA LYS B 123 -14.04 42.56 -8.37
C LYS B 123 -12.69 43.16 -8.08
N GLU B 124 -11.64 42.35 -8.10
CA GLU B 124 -10.32 42.74 -7.61
C GLU B 124 -9.44 43.44 -8.64
N ASN B 125 -9.81 43.31 -9.91
CA ASN B 125 -8.92 43.71 -10.99
C ASN B 125 -9.49 44.74 -11.93
N GLY B 126 -10.79 44.99 -11.82
CA GLY B 126 -11.46 45.98 -12.67
C GLY B 126 -11.75 45.49 -14.09
N ARG B 127 -11.53 44.21 -14.33
CA ARG B 127 -11.69 43.64 -15.66
C ARG B 127 -13.07 43.02 -15.81
N LYS B 128 -13.88 43.59 -16.70
CA LYS B 128 -15.27 43.16 -16.93
C LYS B 128 -15.40 41.74 -17.52
N ILE B 129 -16.47 41.04 -17.17
CA ILE B 129 -16.62 39.65 -17.59
C ILE B 129 -16.79 39.61 -19.10
N GLY B 130 -16.06 38.74 -19.78
CA GLY B 130 -16.07 38.67 -21.23
C GLY B 130 -14.85 39.30 -21.87
N SER B 131 -14.03 39.97 -21.07
CA SER B 131 -12.81 40.55 -21.61
C SER B 131 -11.61 39.61 -21.42
N CYS B 132 -11.80 38.58 -20.61
CA CYS B 132 -10.78 37.56 -20.44
C CYS B 132 -11.41 36.25 -20.87
N LEU B 133 -10.95 35.75 -22.00
CA LEU B 133 -11.54 34.52 -22.55
C LEU B 133 -10.56 33.36 -22.37
N ILE B 134 -10.88 32.45 -21.46
CA ILE B 134 -9.99 31.37 -21.07
C ILE B 134 -10.53 30.09 -21.63
N GLY B 135 -9.72 29.45 -22.48
CA GLY B 135 -10.03 28.18 -23.08
C GLY B 135 -8.90 27.17 -22.88
N ALA B 136 -9.07 25.98 -23.44
CA ALA B 136 -8.06 24.95 -23.39
C ALA B 136 -7.70 24.51 -24.81
N MET B 137 -6.42 24.20 -24.99
CA MET B 137 -5.93 23.50 -26.18
C MET B 137 -5.05 22.32 -25.73
N PRO B 138 -5.64 21.10 -25.57
CA PRO B 138 -4.92 19.92 -25.10
C PRO B 138 -4.02 19.31 -26.11
N GLY B 139 -3.03 18.55 -25.64
CA GLY B 139 -2.03 17.92 -26.49
C GLY B 139 -0.62 18.16 -25.98
N SER B 140 0.34 17.48 -26.63
CA SER B 140 1.70 17.56 -26.23
C SER B 140 2.24 18.89 -26.69
N PHE B 141 3.02 19.59 -25.87
CA PHE B 141 3.70 20.80 -26.33
C PHE B 141 4.97 20.61 -27.17
N TYR B 142 5.26 19.36 -27.52
CA TYR B 142 6.26 19.06 -28.52
C TYR B 142 5.64 18.85 -29.86
N SER B 143 4.34 19.12 -29.99
CA SER B 143 3.73 19.14 -31.30
C SER B 143 2.91 20.41 -31.44
N ARG B 144 2.44 20.67 -32.66
CA ARG B 144 1.77 21.93 -32.98
C ARG B 144 0.45 22.08 -32.23
N LEU B 145 0.24 23.23 -31.57
CA LEU B 145 -1.01 23.53 -30.82
C LEU B 145 -1.79 24.71 -31.38
N PHE B 146 -1.16 25.57 -32.17
CA PHE B 146 -1.86 26.74 -32.66
C PHE B 146 -1.50 26.97 -34.10
N PRO B 147 -2.37 27.69 -34.86
CA PRO B 147 -2.09 28.13 -36.23
C PRO B 147 -0.83 29.00 -36.29
N GLU B 148 -0.18 28.98 -37.43
CA GLU B 148 1.05 29.69 -37.67
C GLU B 148 0.83 31.18 -37.51
N GLU B 149 1.76 31.83 -36.85
CA GLU B 149 1.67 33.27 -36.60
C GLU B 149 0.29 33.70 -36.13
N SER B 150 -0.13 33.17 -35.00
CA SER B 150 -1.39 33.52 -34.41
C SER B 150 -1.27 33.98 -32.95
N MET B 151 -0.12 33.73 -32.31
CA MET B 151 0.03 34.01 -30.88
C MET B 151 1.00 35.12 -30.58
N HIS B 152 0.77 35.84 -29.48
CA HIS B 152 1.66 36.93 -29.05
C HIS B 152 2.66 36.50 -27.97
N PHE B 153 2.24 35.56 -27.11
CA PHE B 153 3.00 35.23 -25.92
C PHE B 153 2.73 33.80 -25.50
N LEU B 154 3.80 33.03 -25.27
CA LEU B 154 3.67 31.69 -24.67
C LEU B 154 4.54 31.61 -23.44
N HIS B 155 4.02 30.93 -22.45
CA HIS B 155 4.61 30.88 -21.14
C HIS B 155 4.67 29.40 -20.75
N SER B 156 5.77 28.97 -20.15
CA SER B 156 5.92 27.59 -19.72
C SER B 156 6.73 27.64 -18.45
N CYS B 157 6.24 26.98 -17.39
CA CYS B 157 6.97 26.85 -16.17
C CYS B 157 6.92 25.43 -15.61
N TYR B 158 8.08 24.84 -15.35
CA TYR B 158 8.21 23.52 -14.71
C TYR B 158 7.71 22.36 -15.54
N CYS B 159 7.81 22.50 -16.85
CA CYS B 159 7.27 21.50 -17.77
C CYS B 159 8.33 20.89 -18.66
N LEU B 160 9.31 21.70 -19.05
CA LEU B 160 10.39 21.25 -19.94
C LEU B 160 11.34 20.14 -19.44
N GLN B 161 11.40 19.87 -18.14
CA GLN B 161 12.02 18.64 -17.68
C GLN B 161 11.50 17.41 -18.31
N TRP B 162 10.26 17.44 -18.76
CA TRP B 162 9.56 16.19 -19.13
C TRP B 162 9.83 15.98 -20.57
N LEU B 163 10.51 14.87 -20.87
CA LEU B 163 10.89 14.60 -22.26
C LEU B 163 9.68 13.97 -23.00
N SER B 164 9.74 13.94 -24.33
CA SER B 164 8.72 13.25 -25.14
C SER B 164 8.66 11.74 -24.88
N GLN B 165 9.79 11.17 -24.49
CA GLN B 165 9.87 9.70 -24.22
C GLN B 165 11.07 9.38 -23.34
N VAL B 166 11.12 8.16 -22.78
CA VAL B 166 12.39 7.67 -22.24
C VAL B 166 13.46 7.68 -23.33
N PRO B 167 14.68 8.17 -23.03
CA PRO B 167 15.62 8.34 -24.16
C PRO B 167 15.71 7.15 -25.13
N SER B 168 15.62 7.46 -26.44
CA SER B 168 15.40 6.44 -27.48
C SER B 168 16.53 5.46 -27.42
N GLY B 169 17.65 5.88 -26.80
CA GLY B 169 18.84 5.05 -26.66
C GLY B 169 18.57 3.95 -25.71
N LEU B 170 17.71 4.23 -24.74
CA LEU B 170 17.46 3.25 -23.69
C LEU B 170 16.21 2.48 -24.05
N VAL B 171 15.66 2.77 -25.24
CA VAL B 171 14.36 2.26 -25.68
C VAL B 171 14.42 1.55 -27.04
N THR B 172 14.75 2.26 -28.11
CA THR B 172 14.92 1.60 -29.41
C THR B 172 16.28 0.85 -29.54
N GLU B 173 17.36 1.47 -29.11
CA GLU B 173 18.69 0.85 -29.18
C GLU B 173 18.76 -0.31 -28.19
N LEU B 174 19.74 -1.19 -28.37
CA LEU B 174 19.94 -2.34 -27.46
C LEU B 174 21.40 -2.46 -27.03
N ILE B 176 18.71 0.49 -23.00
CA ILE B 176 18.04 -0.52 -22.16
C ILE B 176 18.60 -0.40 -20.74
N GLY B 177 18.45 -1.45 -19.91
CA GLY B 177 19.02 -1.55 -18.52
C GLY B 177 20.52 -1.27 -18.30
N THR B 178 20.99 -0.23 -18.96
CA THR B 178 22.38 0.20 -18.94
C THR B 178 22.62 1.22 -17.81
N ASN B 179 21.57 1.90 -17.37
CA ASN B 179 21.69 2.91 -16.31
C ASN B 179 21.49 2.31 -14.91
N LYS B 180 22.52 1.63 -14.41
CA LYS B 180 22.40 0.78 -13.21
C LYS B 180 22.23 1.57 -11.89
N GLY B 181 21.27 1.15 -11.06
CA GLY B 181 21.03 1.79 -9.78
C GLY B 181 20.55 3.24 -9.82
N SER B 182 20.17 3.70 -11.02
CA SER B 182 19.69 5.05 -11.24
C SER B 182 18.31 5.02 -11.89
N ILE B 183 17.71 6.20 -11.97
CA ILE B 183 16.38 6.41 -12.59
C ILE B 183 16.42 7.59 -13.55
N TYR B 184 17.54 8.31 -13.55
CA TYR B 184 17.78 9.35 -14.56
C TYR B 184 19.31 9.52 -14.77
N SER B 185 19.70 10.58 -15.47
CA SER B 185 21.10 10.85 -15.71
C SER B 185 21.66 11.80 -14.60
N SER B 186 22.25 11.21 -13.58
CA SER B 186 23.05 11.97 -12.60
C SER B 186 24.40 12.40 -13.19
N LYS B 187 25.23 13.07 -12.39
CA LYS B 187 26.64 13.27 -12.75
C LYS B 187 27.40 11.96 -12.48
N ALA B 188 26.81 11.12 -11.64
CA ALA B 188 27.31 9.75 -11.38
C ALA B 188 27.03 8.74 -12.51
N SER B 189 26.30 9.17 -13.54
CA SER B 189 25.84 8.24 -14.58
C SER B 189 26.94 7.95 -15.60
N ARG B 190 26.95 6.73 -16.14
CA ARG B 190 27.90 6.34 -17.17
C ARG B 190 27.70 7.26 -18.37
N LEU B 191 28.78 7.44 -19.11
CA LEU B 191 28.84 8.34 -20.25
C LEU B 191 27.75 8.12 -21.31
N PRO B 192 27.50 6.85 -21.71
CA PRO B 192 26.45 6.60 -22.71
C PRO B 192 25.05 6.96 -22.21
N VAL B 193 24.83 6.92 -20.90
CA VAL B 193 23.55 7.34 -20.32
C VAL B 193 23.37 8.87 -20.46
N GLN B 194 24.43 9.62 -20.14
CA GLN B 194 24.35 11.06 -20.20
C GLN B 194 24.13 11.50 -21.64
N LYS B 195 24.87 10.87 -22.54
CA LYS B 195 24.74 11.12 -23.96
C LYS B 195 23.33 10.85 -24.47
N ALA B 196 22.72 9.72 -24.07
CA ALA B 196 21.36 9.35 -24.53
C ALA B 196 20.28 10.33 -24.05
N TYR B 197 20.33 10.71 -22.76
CA TYR B 197 19.48 11.73 -22.17
C TYR B 197 19.71 13.11 -22.78
N LEU B 198 20.94 13.53 -22.93
CA LEU B 198 21.21 14.82 -23.56
C LEU B 198 20.77 14.91 -25.00
N ASP B 199 21.01 13.84 -25.80
CA ASP B 199 20.46 13.74 -27.15
C ASP B 199 18.93 13.89 -27.19
N GLN B 200 18.22 13.26 -26.26
CA GLN B 200 16.77 13.31 -26.27
C GLN B 200 16.26 14.73 -25.90
N PHE B 201 16.89 15.33 -24.87
CA PHE B 201 16.60 16.71 -24.49
C PHE B 201 16.79 17.64 -25.67
N THR B 202 17.92 17.47 -26.35
CA THR B 202 18.28 18.35 -27.46
C THR B 202 17.23 18.28 -28.55
N LYS B 203 16.83 17.06 -28.87
CA LYS B 203 15.84 16.82 -29.92
C LYS B 203 14.50 17.48 -29.57
N ASP B 204 14.07 17.23 -28.34
CA ASP B 204 12.78 17.64 -27.81
C ASP B 204 12.68 19.15 -27.61
N PHE B 205 13.71 19.75 -26.99
CA PHE B 205 13.75 21.19 -26.75
C PHE B 205 13.89 21.96 -28.10
N THR B 206 14.65 21.38 -29.01
CA THR B 206 14.82 22.02 -30.33
C THR B 206 13.44 22.04 -31.05
N THR B 207 12.74 20.91 -31.03
CA THR B 207 11.40 20.74 -31.57
C THR B 207 10.40 21.70 -30.93
N PHE B 208 10.38 21.79 -29.61
CA PHE B 208 9.59 22.81 -28.86
C PHE B 208 9.82 24.25 -29.36
N LEU B 209 11.08 24.68 -29.35
CA LEU B 209 11.45 26.03 -29.90
C LEU B 209 10.99 26.20 -31.35
N ARG B 210 11.44 25.36 -32.27
CA ARG B 210 11.01 25.44 -33.67
C ARG B 210 9.50 25.52 -33.88
N ILE B 211 8.79 24.61 -33.24
CA ILE B 211 7.34 24.49 -33.35
C ILE B 211 6.63 25.71 -32.79
N HIS B 212 7.06 26.22 -31.65
CA HIS B 212 6.34 27.33 -31.05
C HIS B 212 6.76 28.70 -31.59
N SER B 213 7.93 28.80 -32.24
CA SER B 213 8.26 30.02 -32.99
C SER B 213 7.27 30.18 -34.15
N GLU B 214 7.02 29.09 -34.89
CA GLU B 214 6.10 29.09 -36.03
C GLU B 214 4.68 29.63 -35.71
N GLU B 215 4.27 29.49 -34.47
CA GLU B 215 2.97 29.90 -33.99
C GLU B 215 2.93 31.40 -33.61
N LEU B 216 4.08 31.94 -33.26
CA LEU B 216 4.20 33.31 -32.79
C LEU B 216 4.28 34.26 -33.94
N PHE B 217 3.68 35.43 -33.77
CA PHE B 217 3.89 36.52 -34.71
C PHE B 217 5.37 36.91 -34.54
N SER B 218 5.93 37.61 -35.54
CA SER B 218 7.33 38.04 -35.43
C SER B 218 7.43 39.03 -34.27
N HIS B 219 8.47 38.90 -33.45
CA HIS B 219 8.58 39.67 -32.21
C HIS B 219 7.67 39.20 -31.09
N GLY B 220 6.96 38.08 -31.27
CA GLY B 220 6.22 37.47 -30.17
C GLY B 220 7.17 36.92 -29.12
N ARG B 221 6.65 36.53 -27.95
CA ARG B 221 7.55 36.16 -26.88
CA ARG B 221 7.51 36.20 -26.81
C ARG B 221 7.20 34.87 -26.19
N MET B 222 8.24 34.18 -25.72
CA MET B 222 8.08 33.02 -24.84
C MET B 222 8.81 33.31 -23.56
N LEU B 223 8.27 32.81 -22.45
CA LEU B 223 8.93 32.90 -21.17
C LEU B 223 8.98 31.49 -20.62
N LEU B 224 10.19 30.98 -20.37
CA LEU B 224 10.29 29.59 -19.90
C LEU B 224 10.98 29.54 -18.56
N THR B 225 10.39 28.79 -17.64
CA THR B 225 11.03 28.56 -16.34
C THR B 225 11.20 27.06 -16.26
N CYS B 226 12.47 26.64 -16.19
CA CYS B 226 12.85 25.25 -16.19
C CYS B 226 13.73 24.96 -14.98
N ILE B 227 13.57 23.77 -14.45
CA ILE B 227 14.56 23.22 -13.57
C ILE B 227 15.91 23.08 -14.28
N CYS B 228 16.98 23.50 -13.64
CA CYS B 228 18.30 23.28 -14.20
C CYS B 228 19.28 22.76 -13.14
N LYS B 229 20.44 22.29 -13.60
CA LYS B 229 21.38 21.60 -12.73
C LYS B 229 21.85 22.54 -11.64
N GLY B 230 21.90 22.03 -10.42
CA GLY B 230 22.58 22.68 -9.34
C GLY B 230 24.09 22.58 -9.49
N VAL B 231 24.80 23.60 -9.02
CA VAL B 231 26.27 23.58 -8.98
C VAL B 231 26.79 22.77 -7.78
N GLU B 232 26.33 23.12 -6.58
CA GLU B 232 26.86 22.55 -5.34
C GLU B 232 27.08 21.04 -5.35
N LEU B 233 28.27 20.65 -4.93
CA LEU B 233 28.54 19.28 -4.53
C LEU B 233 27.70 19.07 -3.29
N ASP B 234 27.18 17.87 -3.13
CA ASP B 234 26.50 17.46 -1.89
C ASP B 234 25.06 17.93 -1.90
N ALA B 235 24.71 18.77 -2.88
CA ALA B 235 23.32 19.15 -3.17
C ALA B 235 22.52 17.94 -3.65
N ARG B 236 21.24 17.93 -3.33
CA ARG B 236 20.41 16.79 -3.60
C ARG B 236 19.04 17.27 -4.01
N ASN B 237 18.70 17.08 -5.30
CA ASN B 237 17.38 17.43 -5.80
C ASN B 237 16.39 16.28 -5.57
N ALA B 238 15.11 16.54 -5.82
CA ALA B 238 14.06 15.60 -5.51
C ALA B 238 14.24 14.23 -6.21
N ILE B 239 14.75 14.25 -7.43
CA ILE B 239 15.08 13.02 -8.15
C ILE B 239 16.24 12.26 -7.49
N ASP B 240 17.33 12.95 -7.16
CA ASP B 240 18.45 12.27 -6.46
C ASP B 240 17.94 11.59 -5.21
N LEU B 241 17.04 12.26 -4.49
CA LEU B 241 16.54 11.75 -3.22
C LEU B 241 15.63 10.54 -3.41
N LEU B 242 14.87 10.59 -4.50
CA LEU B 242 14.02 9.48 -4.91
C LEU B 242 14.89 8.29 -5.24
N GLU B 243 15.95 8.52 -6.00
CA GLU B 243 16.90 7.49 -6.43
C GLU B 243 17.56 6.79 -5.25
N MET B 244 18.00 7.57 -4.29
CA MET B 244 18.44 7.09 -2.99
C MET B 244 17.40 6.27 -2.24
N ALA B 245 16.16 6.73 -2.23
CA ALA B 245 15.07 6.05 -1.54
C ALA B 245 14.90 4.67 -2.18
N ILE B 246 14.83 4.62 -3.50
CA ILE B 246 14.67 3.33 -4.21
C ILE B 246 15.87 2.37 -4.04
N ASN B 247 17.07 2.92 -4.15
CA ASN B 247 18.28 2.15 -3.84
C ASN B 247 18.30 1.54 -2.43
N ASP B 248 17.82 2.29 -1.45
CA ASP B 248 17.61 1.80 -0.09
C ASP B 248 16.80 0.50 -0.11
N LEU B 249 15.72 0.48 -0.89
CA LEU B 249 14.78 -0.64 -0.92
C LEU B 249 15.34 -1.89 -1.62
N VAL B 250 16.29 -1.72 -2.52
CA VAL B 250 16.87 -2.89 -3.17
C VAL B 250 17.96 -3.48 -2.29
N VAL B 251 18.74 -2.60 -1.67
CA VAL B 251 19.80 -3.00 -0.76
C VAL B 251 19.23 -3.71 0.46
N GLU B 252 18.06 -3.26 0.93
CA GLU B 252 17.37 -3.85 2.07
C GLU B 252 16.37 -4.94 1.63
N GLY B 253 16.60 -5.53 0.45
CA GLY B 253 15.83 -6.68 -0.05
C GLY B 253 14.39 -6.45 -0.52
N HIS B 254 13.82 -5.31 -0.15
CA HIS B 254 12.42 -4.95 -0.45
C HIS B 254 12.02 -4.90 -1.93
N LEU B 255 12.91 -4.39 -2.78
CA LEU B 255 12.64 -4.22 -4.22
C LEU B 255 13.56 -5.07 -5.10
N GLU B 256 13.00 -5.49 -6.24
CA GLU B 256 13.58 -6.53 -7.10
C GLU B 256 15.02 -6.35 -7.60
N GLU B 257 15.43 -5.10 -7.85
CA GLU B 257 16.84 -4.76 -8.22
C GLU B 257 17.25 -5.01 -9.70
N GLU B 258 16.28 -5.30 -10.54
CA GLU B 258 16.49 -5.18 -11.98
C GLU B 258 15.27 -4.44 -12.44
N LYS B 259 14.36 -4.30 -11.49
CA LYS B 259 13.26 -3.37 -11.56
C LYS B 259 13.83 -1.93 -11.55
N LEU B 260 14.89 -1.70 -10.76
CA LEU B 260 15.53 -0.39 -10.64
C LEU B 260 16.33 -0.08 -11.90
N ASP B 261 17.05 -1.09 -12.37
CA ASP B 261 17.91 -0.94 -13.53
C ASP B 261 17.15 -0.84 -14.84
N SER B 262 15.91 -1.30 -14.86
CA SER B 262 15.08 -1.14 -16.05
C SER B 262 14.19 0.10 -15.98
N PHE B 263 14.27 0.89 -14.88
CA PHE B 263 13.41 2.06 -14.69
C PHE B 263 14.24 3.29 -15.00
N ASN B 264 13.80 4.07 -15.98
CA ASN B 264 14.42 5.33 -16.36
C ASN B 264 13.32 6.35 -16.53
N LEU B 265 13.39 7.45 -15.79
CA LEU B 265 12.43 8.56 -15.92
C LEU B 265 12.60 9.26 -17.26
N PRO B 266 11.49 9.66 -17.89
CA PRO B 266 11.66 10.53 -19.06
C PRO B 266 11.84 11.99 -18.66
N VAL B 267 12.87 12.27 -17.87
CA VAL B 267 13.10 13.57 -17.26
C VAL B 267 14.57 13.85 -17.52
N TYR B 268 14.89 15.09 -17.85
CA TYR B 268 16.27 15.56 -17.99
C TYR B 268 16.37 16.91 -17.30
N ILE B 269 17.36 17.04 -16.43
CA ILE B 269 17.64 18.32 -15.81
CA ILE B 269 17.64 18.31 -15.79
C ILE B 269 18.89 18.90 -16.43
N PRO B 270 18.71 19.89 -17.31
CA PRO B 270 19.81 20.46 -18.06
C PRO B 270 20.60 21.50 -17.25
N SER B 271 21.80 21.84 -17.73
CA SER B 271 22.51 22.92 -17.13
C SER B 271 22.06 24.16 -17.89
N ALA B 272 22.19 25.32 -17.26
CA ALA B 272 21.82 26.56 -17.89
C ALA B 272 22.57 26.76 -19.22
N GLU B 273 23.84 26.35 -19.27
CA GLU B 273 24.64 26.41 -20.49
C GLU B 273 24.06 25.59 -21.66
N GLU B 274 23.58 24.38 -21.35
CA GLU B 274 22.96 23.49 -22.33
C GLU B 274 21.66 24.06 -22.93
N VAL B 275 20.82 24.68 -22.10
CA VAL B 275 19.59 25.29 -22.53
C VAL B 275 19.97 26.44 -23.50
N LYS B 276 20.96 27.24 -23.15
CA LYS B 276 21.34 28.43 -23.94
C LYS B 276 21.94 28.07 -25.29
N CYS B 277 22.79 27.06 -25.28
CA CYS B 277 23.43 26.55 -26.51
C CYS B 277 22.38 26.06 -27.57
N ILE B 278 21.40 25.34 -27.09
CA ILE B 278 20.25 24.89 -27.89
C ILE B 278 19.33 25.98 -28.40
N VAL B 279 18.96 26.94 -27.56
CA VAL B 279 18.35 28.17 -28.08
C VAL B 279 19.14 28.85 -29.19
N GLU B 280 20.45 28.94 -29.02
CA GLU B 280 21.27 29.63 -30.03
C GLU B 280 21.38 28.83 -31.36
N GLU B 281 21.52 27.53 -31.22
CA GLU B 281 21.59 26.62 -32.33
C GLU B 281 20.28 26.51 -33.10
N GLU B 282 19.16 26.34 -32.38
CA GLU B 282 17.82 26.36 -33.00
C GLU B 282 17.61 27.65 -33.83
N GLY B 283 18.07 28.79 -33.32
CA GLY B 283 18.19 30.05 -34.12
C GLY B 283 16.98 30.91 -34.41
N SER B 284 15.82 30.49 -33.95
CA SER B 284 14.54 31.21 -34.08
C SER B 284 14.38 32.32 -33.09
N PHE B 285 15.00 32.20 -31.90
CA PHE B 285 14.78 33.15 -30.79
C PHE B 285 16.03 33.93 -30.41
N GLU B 286 15.80 35.19 -30.07
CA GLU B 286 16.80 36.06 -29.47
C GLU B 286 16.57 35.95 -27.98
N ILE B 287 17.62 35.82 -27.21
CA ILE B 287 17.50 35.70 -25.76
C ILE B 287 17.58 37.10 -25.21
N LEU B 288 16.56 37.53 -24.49
CA LEU B 288 16.52 38.88 -23.93
C LEU B 288 16.95 38.94 -22.46
N TYR B 289 16.70 37.87 -21.71
CA TYR B 289 16.98 37.81 -20.28
C TYR B 289 17.19 36.35 -19.86
N LEU B 290 18.20 36.14 -19.02
CA LEU B 290 18.52 34.82 -18.45
C LEU B 290 18.97 34.93 -17.00
N GLU B 291 18.34 34.19 -16.09
CA GLU B 291 18.66 34.24 -14.67
C GLU B 291 18.48 32.85 -14.06
N THR B 292 19.26 32.49 -13.07
CA THR B 292 19.07 31.23 -12.36
C THR B 292 18.77 31.54 -10.89
N PHE B 293 18.00 30.67 -10.24
CA PHE B 293 17.67 30.86 -8.84
C PHE B 293 17.36 29.52 -8.19
N LYS B 294 17.70 29.39 -6.91
CA LYS B 294 17.39 28.19 -6.13
C LYS B 294 16.10 28.40 -5.35
N VAL B 295 15.33 27.33 -5.21
CA VAL B 295 14.26 27.29 -4.22
C VAL B 295 14.45 26.03 -3.31
N LEU B 296 14.70 26.25 -2.02
CA LEU B 296 14.90 25.17 -1.08
C LEU B 296 13.58 24.50 -0.81
N TYR B 297 13.60 23.16 -0.78
CA TYR B 297 12.35 22.40 -0.70
C TYR B 297 11.50 22.71 0.53
N ASP B 298 12.10 23.25 1.57
CA ASP B 298 11.35 23.57 2.78
C ASP B 298 11.11 25.06 3.01
N ALA B 299 11.20 25.85 1.93
CA ALA B 299 11.15 27.31 2.02
C ALA B 299 9.76 27.87 2.33
N GLY B 300 8.72 27.16 1.92
CA GLY B 300 7.33 27.59 2.19
C GLY B 300 6.83 27.22 3.57
N PHE B 301 7.70 26.64 4.40
CA PHE B 301 7.29 26.04 5.68
C PHE B 301 7.73 26.87 6.86
N SER B 302 6.79 27.11 7.77
CA SER B 302 6.97 27.86 9.01
C SER B 302 8.30 27.60 9.71
N HIS B 307 11.28 18.60 12.84
CA HIS B 307 11.49 18.76 11.40
C HIS B 307 10.93 17.62 10.53
N ILE B 308 9.60 17.48 10.60
CA ILE B 308 8.79 16.66 9.70
C ILE B 308 8.43 17.49 8.48
N LYS B 309 9.23 18.53 8.25
CA LYS B 309 9.20 19.27 6.99
C LYS B 309 9.66 18.34 5.88
N ALA B 310 10.41 17.31 6.27
CA ALA B 310 10.90 16.28 5.36
C ALA B 310 9.75 15.44 4.79
N GLU B 311 8.75 15.17 5.65
CA GLU B 311 7.49 14.50 5.27
C GLU B 311 6.69 15.36 4.29
N TYR B 312 6.69 16.67 4.50
CA TYR B 312 6.01 17.59 3.62
C TYR B 312 6.61 17.59 2.22
N VAL B 313 7.95 17.57 2.16
CA VAL B 313 8.68 17.53 0.90
C VAL B 313 8.37 16.21 0.20
N ALA B 314 8.44 15.12 0.95
CA ALA B 314 8.16 13.80 0.42
C ALA B 314 6.79 13.68 -0.21
N SER B 315 5.79 14.31 0.42
CA SER B 315 4.44 14.40 -0.15
C SER B 315 4.39 15.20 -1.45
N SER B 316 5.02 16.38 -1.47
CA SER B 316 5.19 17.18 -2.69
C SER B 316 5.68 16.39 -3.87
N VAL B 317 6.69 15.54 -3.63
CA VAL B 317 7.40 14.85 -4.72
C VAL B 317 6.55 13.66 -5.17
N ARG B 318 5.90 13.03 -4.21
CA ARG B 318 4.99 11.93 -4.50
C ARG B 318 3.79 12.34 -5.34
N ALA B 319 3.25 13.52 -5.08
CA ALA B 319 2.12 14.03 -5.84
C ALA B 319 2.51 14.07 -7.31
N VAL B 320 3.81 14.20 -7.62
CA VAL B 320 4.30 14.35 -9.00
C VAL B 320 4.66 12.99 -9.57
N TYR B 321 5.45 12.23 -8.82
CA TYR B 321 6.00 10.97 -9.32
C TYR B 321 5.23 9.66 -8.98
N GLU B 322 4.17 9.74 -8.21
CA GLU B 322 3.45 8.49 -7.85
C GLU B 322 2.88 7.75 -9.07
N PRO B 323 2.09 8.42 -9.94
CA PRO B 323 1.56 7.63 -11.06
C PRO B 323 2.66 6.79 -11.76
N ILE B 324 3.73 7.44 -12.26
CA ILE B 324 4.79 6.76 -13.03
C ILE B 324 5.52 5.69 -12.19
N LEU B 325 5.79 6.01 -10.94
CA LEU B 325 6.42 5.04 -10.06
C LEU B 325 5.58 3.79 -9.84
N ALA B 326 4.29 4.00 -9.58
CA ALA B 326 3.33 2.94 -9.29
C ALA B 326 3.20 1.95 -10.43
N SER B 327 3.20 2.46 -11.66
CA SER B 327 2.89 1.67 -12.85
C SER B 327 4.06 0.78 -13.25
N HIS B 328 5.22 0.99 -12.62
CA HIS B 328 6.42 0.19 -12.92
C HIS B 328 6.85 -0.65 -11.73
N PHE B 329 6.67 -0.11 -10.53
CA PHE B 329 7.04 -0.80 -9.30
C PHE B 329 5.83 -1.44 -8.56
N GLY B 330 4.61 -1.04 -8.89
CA GLY B 330 3.39 -1.49 -8.15
C GLY B 330 2.94 -0.47 -7.11
N GLU B 331 1.62 -0.33 -6.93
CA GLU B 331 1.04 0.63 -5.96
C GLU B 331 1.52 0.41 -4.52
N ALA B 332 2.11 -0.75 -4.28
CA ALA B 332 2.37 -1.24 -2.92
C ALA B 332 3.52 -0.53 -2.20
N ILE B 333 4.64 -0.35 -2.90
CA ILE B 333 5.89 0.14 -2.28
C ILE B 333 6.02 1.66 -2.21
N ILE B 334 5.00 2.37 -2.67
CA ILE B 334 5.04 3.81 -2.67
C ILE B 334 5.13 4.44 -1.27
N PRO B 335 4.27 4.03 -0.31
CA PRO B 335 4.50 4.43 1.09
C PRO B 335 5.96 4.20 1.53
N ASP B 336 6.50 3.04 1.19
CA ASP B 336 7.87 2.72 1.53
C ASP B 336 8.87 3.65 0.83
N ILE B 337 8.67 3.91 -0.46
CA ILE B 337 9.56 4.80 -1.22
C ILE B 337 9.64 6.15 -0.51
N PHE B 338 8.47 6.70 -0.17
CA PHE B 338 8.42 8.04 0.41
C PHE B 338 8.71 8.13 1.91
N HIS B 339 8.79 6.97 2.55
CA HIS B 339 9.31 6.92 3.92
C HIS B 339 10.84 7.06 3.90
N ARG B 340 11.51 6.23 3.13
CA ARG B 340 12.96 6.37 2.91
C ARG B 340 13.28 7.73 2.34
N PHE B 341 12.47 8.22 1.41
CA PHE B 341 12.67 9.56 0.85
C PHE B 341 12.77 10.60 1.98
N ALA B 342 11.82 10.59 2.90
CA ALA B 342 11.78 11.52 4.03
C ALA B 342 13.07 11.47 4.85
N LYS B 343 13.60 10.27 5.05
CA LYS B 343 14.88 10.10 5.79
C LYS B 343 16.06 10.79 5.08
N HIS B 344 16.11 10.69 3.75
CA HIS B 344 17.18 11.33 3.00
C HIS B 344 16.98 12.83 2.91
N ALA B 345 15.73 13.25 2.77
CA ALA B 345 15.40 14.68 2.79
C ALA B 345 15.79 15.30 4.13
N ALA B 346 15.61 14.56 5.22
CA ALA B 346 15.83 15.10 6.56
C ALA B 346 17.30 15.38 6.79
N LYS B 347 18.15 14.66 6.10
CA LYS B 347 19.60 14.81 6.27
C LYS B 347 20.10 16.04 5.53
N VAL B 348 19.33 16.47 4.54
CA VAL B 348 19.81 17.43 3.56
C VAL B 348 19.17 18.82 3.77
N LEU B 349 17.93 18.86 4.26
CA LEU B 349 17.28 20.15 4.48
C LEU B 349 17.97 21.10 5.51
N PRO B 350 18.39 20.56 6.68
CA PRO B 350 19.13 21.39 7.65
C PRO B 350 20.39 22.08 7.09
N LEU B 351 20.93 21.56 5.99
CA LEU B 351 22.14 22.07 5.39
C LEU B 351 21.81 23.03 4.25
N GLY B 352 20.53 23.09 3.90
CA GLY B 352 20.06 23.79 2.70
C GLY B 352 20.60 23.14 1.45
N LYS B 353 20.68 21.81 1.46
CA LYS B 353 21.22 21.06 0.31
C LYS B 353 20.14 20.39 -0.50
N GLY B 354 18.88 20.53 -0.07
CA GLY B 354 17.73 20.02 -0.78
C GLY B 354 17.04 21.18 -1.46
N PHE B 355 17.24 21.28 -2.78
CA PHE B 355 16.66 22.35 -3.60
C PHE B 355 16.61 21.94 -5.05
N TYR B 356 15.80 22.65 -5.84
CA TYR B 356 16.00 22.71 -7.27
C TYR B 356 16.69 24.02 -7.60
N ASN B 357 17.58 23.99 -8.59
CA ASN B 357 18.07 25.20 -9.21
C ASN B 357 17.15 25.48 -10.38
N ASN B 358 17.00 26.73 -10.76
CA ASN B 358 16.01 27.03 -11.80
C ASN B 358 16.54 28.09 -12.71
N LEU B 359 16.02 28.07 -13.92
CA LEU B 359 16.41 28.95 -14.99
C LEU B 359 15.16 29.67 -15.54
N ILE B 360 15.19 30.98 -15.65
CA ILE B 360 14.13 31.70 -16.37
C ILE B 360 14.82 32.27 -17.60
N ILE B 361 14.18 32.12 -18.76
CA ILE B 361 14.70 32.75 -19.97
C ILE B 361 13.59 33.44 -20.80
N SER B 362 13.85 34.70 -21.16
CA SER B 362 12.94 35.51 -21.95
C SER B 362 13.46 35.47 -23.37
N LEU B 363 12.58 35.16 -24.30
CA LEU B 363 12.91 34.95 -25.71
C LEU B 363 12.01 35.80 -26.58
N ALA B 364 12.55 36.43 -27.63
CA ALA B 364 11.75 37.13 -28.68
C ALA B 364 11.97 36.44 -30.03
N LYS B 365 10.89 36.12 -30.72
CA LYS B 365 11.01 35.61 -32.09
C LYS B 365 11.67 36.63 -33.02
N LYS B 366 12.81 36.23 -33.57
CA LYS B 366 13.56 37.09 -34.54
C LYS B 366 12.75 37.26 -35.82
N PRO B 367 12.88 38.42 -36.50
CA PRO B 367 12.24 38.58 -37.81
C PRO B 367 12.89 37.70 -38.88
N GLY C 14 14.29 -27.78 42.12
CA GLY C 14 14.84 -28.97 42.84
C GLY C 14 16.07 -28.71 43.70
N ASP C 15 16.32 -29.61 44.65
CA ASP C 15 17.47 -29.48 45.56
C ASP C 15 18.83 -29.62 44.85
N THR C 16 18.86 -30.41 43.78
CA THR C 16 20.12 -30.74 43.10
C THR C 16 20.24 -30.07 41.71
N SER C 17 19.17 -29.35 41.34
CA SER C 17 18.99 -28.77 40.00
C SER C 17 19.94 -27.61 39.71
N TYR C 18 20.11 -27.31 38.41
CA TYR C 18 20.94 -26.19 37.95
C TYR C 18 20.37 -24.84 38.39
N ALA C 19 19.03 -24.72 38.34
CA ALA C 19 18.30 -23.50 38.70
C ALA C 19 18.58 -23.02 40.14
N LYS C 20 18.68 -23.97 41.07
CA LYS C 20 18.96 -23.67 42.48
C LYS C 20 20.46 -23.77 42.86
N ASN C 21 21.31 -24.05 41.86
CA ASN C 21 22.77 -24.20 42.04
C ASN C 21 23.67 -23.37 41.11
N SER C 22 23.15 -22.20 40.69
CA SER C 22 23.94 -21.15 40.07
C SER C 22 24.42 -20.17 41.16
N ALA C 23 24.74 -18.94 40.79
CA ALA C 23 25.18 -17.90 41.74
C ALA C 23 26.67 -17.61 41.78
N TYR C 24 27.46 -18.56 41.27
CA TYR C 24 28.85 -18.32 40.95
C TYR C 24 28.77 -17.66 39.60
N ASN C 25 27.81 -18.10 38.80
CA ASN C 25 27.53 -17.57 37.47
C ASN C 25 27.09 -16.11 37.48
N GLN C 26 26.49 -15.68 38.60
CA GLN C 26 26.09 -14.28 38.78
C GLN C 26 27.31 -13.36 38.93
N LEU C 27 28.38 -13.91 39.47
CA LEU C 27 29.63 -13.17 39.60
C LEU C 27 30.33 -13.01 38.23
N VAL C 28 30.31 -14.08 37.42
CA VAL C 28 30.80 -14.03 36.05
C VAL C 28 30.01 -12.94 35.31
N LEU C 29 28.69 -13.05 35.34
CA LEU C 29 27.84 -12.08 34.67
C LEU C 29 28.11 -10.65 35.16
N ALA C 30 28.31 -10.48 36.47
CA ALA C 30 28.75 -9.16 37.00
C ALA C 30 30.01 -8.64 36.31
N LYS C 31 30.98 -9.51 36.03
CA LYS C 31 32.20 -9.10 35.30
C LYS C 31 31.98 -8.80 33.82
N VAL C 32 31.12 -9.59 33.19
CA VAL C 32 30.75 -9.40 31.77
C VAL C 32 30.06 -8.05 31.53
N LYS C 33 29.20 -7.66 32.47
CA LYS C 33 28.25 -6.56 32.27
C LYS C 33 28.86 -5.29 31.70
N PRO C 34 29.92 -4.73 32.33
CA PRO C 34 30.51 -3.54 31.75
C PRO C 34 31.10 -3.71 30.35
N VAL C 35 31.69 -4.85 30.08
CA VAL C 35 32.10 -5.21 28.71
C VAL C 35 30.89 -5.28 27.77
N LEU C 36 29.83 -5.95 28.19
CA LEU C 36 28.61 -6.00 27.43
C LEU C 36 28.08 -4.60 27.12
N GLU C 37 28.05 -3.72 28.11
CA GLU C 37 27.50 -2.37 27.95
C GLU C 37 28.29 -1.55 26.92
N GLN C 38 29.62 -1.58 27.03
CA GLN C 38 30.50 -0.91 26.07
C GLN C 38 30.35 -1.56 24.69
N CYS C 39 30.25 -2.89 24.66
CA CYS C 39 30.03 -3.60 23.41
C CYS C 39 28.75 -3.15 22.68
N VAL C 40 27.63 -3.04 23.38
CA VAL C 40 26.40 -2.67 22.68
C VAL C 40 26.39 -1.16 22.38
N ARG C 41 27.06 -0.37 23.22
CA ARG C 41 27.21 1.05 22.96
C ARG C 41 27.87 1.28 21.60
N GLU C 42 29.01 0.64 21.36
CA GLU C 42 29.70 0.69 20.08
C GLU C 42 28.86 0.10 18.92
N LEU C 43 28.03 -0.88 19.23
CA LEU C 43 27.20 -1.58 18.26
C LEU C 43 26.09 -0.70 17.73
N LEU C 44 25.51 0.09 18.62
CA LEU C 44 24.38 0.97 18.26
C LEU C 44 24.79 2.23 17.49
N ARG C 45 26.04 2.67 17.67
CA ARG C 45 26.57 3.77 16.86
C ARG C 45 27.26 3.31 15.56
N ALA C 46 27.47 2.01 15.42
CA ALA C 46 27.99 1.42 14.17
C ALA C 46 26.91 1.46 13.09
N ASN C 47 25.68 1.69 13.52
CA ASN C 47 24.52 1.78 12.65
C ASN C 47 24.43 0.67 11.57
N LEU C 48 23.97 -0.51 12.01
CA LEU C 48 23.70 -1.62 11.11
C LEU C 48 22.32 -1.44 10.45
N PRO C 49 21.95 -2.35 9.50
CA PRO C 49 20.65 -2.23 8.86
C PRO C 49 19.49 -2.37 9.83
N ASN C 50 18.66 -1.33 9.89
CA ASN C 50 17.40 -1.35 10.63
C ASN C 50 17.56 -1.48 12.15
N ILE C 51 18.71 -1.03 12.67
CA ILE C 51 19.05 -1.22 14.08
C ILE C 51 18.29 -0.29 15.04
N ASN C 52 17.90 0.89 14.55
CA ASN C 52 17.13 1.83 15.37
C ASN C 52 15.63 1.50 15.41
N LYS C 53 15.24 0.54 14.57
CA LYS C 53 13.88 0.06 14.53
C LYS C 53 13.75 -1.23 15.37
N CYS C 54 14.44 -2.30 14.95
CA CYS C 54 14.49 -3.55 15.71
C CYS C 54 15.91 -4.08 15.82
N ILE C 55 16.35 -4.37 17.04
CA ILE C 55 17.64 -5.01 17.24
C ILE C 55 17.47 -6.50 17.52
N LYS C 56 18.21 -7.31 16.75
CA LYS C 56 18.09 -8.76 16.75
C LYS C 56 19.32 -9.37 17.41
N VAL C 57 19.03 -10.15 18.45
CA VAL C 57 20.01 -10.58 19.43
C VAL C 57 19.79 -12.06 19.72
N ALA C 58 20.87 -12.81 19.97
CA ALA C 58 20.70 -14.17 20.48
C ALA C 58 21.63 -14.45 21.62
N ASP C 59 21.16 -15.24 22.60
CA ASP C 59 22.05 -15.79 23.64
C ASP C 59 22.24 -17.29 23.39
N LEU C 60 23.50 -17.70 23.19
CA LEU C 60 23.79 -19.08 22.73
C LEU C 60 24.28 -19.93 23.89
N GLY C 61 23.50 -20.95 24.26
CA GLY C 61 23.74 -21.66 25.52
C GLY C 61 23.05 -20.99 26.72
N CYS C 62 21.80 -20.63 26.53
CA CYS C 62 21.02 -19.90 27.51
C CYS C 62 20.67 -20.70 28.78
N ALA C 63 20.79 -22.04 28.72
CA ALA C 63 20.40 -22.93 29.81
C ALA C 63 18.95 -22.69 30.25
N SER C 64 18.69 -22.68 31.56
CA SER C 64 17.32 -22.89 32.06
C SER C 64 16.88 -22.17 33.36
N GLY C 65 17.84 -21.74 34.18
CA GLY C 65 17.46 -21.23 35.52
C GLY C 65 17.02 -19.76 35.62
N PRO C 66 17.22 -19.14 36.81
CA PRO C 66 17.02 -17.69 36.89
C PRO C 66 18.08 -16.96 36.08
N ASN C 67 19.25 -17.58 35.89
CA ASN C 67 20.37 -16.94 35.20
C ASN C 67 20.11 -16.58 33.77
N THR C 68 19.22 -17.34 33.12
CA THR C 68 18.97 -17.12 31.71
C THR C 68 18.27 -15.79 31.50
N LEU C 69 17.26 -15.50 32.31
CA LEU C 69 16.57 -14.21 32.18
C LEU C 69 17.35 -13.05 32.81
N LEU C 70 18.40 -13.35 33.58
CA LEU C 70 19.23 -12.28 34.10
C LEU C 70 20.19 -11.76 33.03
N THR C 71 20.65 -12.66 32.15
CA THR C 71 21.41 -12.30 30.93
C THR C 71 20.57 -11.44 30.00
N VAL C 72 19.37 -11.90 29.70
CA VAL C 72 18.44 -11.12 28.89
C VAL C 72 18.26 -9.75 29.54
N ARG C 73 17.97 -9.74 30.85
CA ARG C 73 17.79 -8.47 31.58
C ARG C 73 19.00 -7.55 31.39
N ASP C 74 20.20 -8.10 31.54
CA ASP C 74 21.42 -7.33 31.32
C ASP C 74 21.61 -6.85 29.86
N ILE C 75 21.23 -7.68 28.91
CA ILE C 75 21.33 -7.27 27.51
C ILE C 75 20.35 -6.13 27.23
N VAL C 76 19.09 -6.29 27.66
CA VAL C 76 18.06 -5.27 27.49
C VAL C 76 18.44 -3.94 28.14
N GLN C 77 18.88 -4.00 29.38
CA GLN C 77 19.35 -2.80 30.09
C GLN C 77 20.53 -2.13 29.39
N SER C 78 21.47 -2.91 28.90
CA SER C 78 22.57 -2.37 28.09
C SER C 78 22.14 -1.60 26.84
N ILE C 79 21.10 -2.08 26.15
CA ILE C 79 20.54 -1.42 24.98
C ILE C 79 19.75 -0.16 25.37
N ASP C 80 19.00 -0.25 26.46
CA ASP C 80 18.22 0.90 26.92
C ASP C 80 19.07 2.01 27.53
N LYS C 81 20.17 1.63 28.18
CA LYS C 81 21.12 2.57 28.78
C LYS C 81 21.63 3.60 27.78
N VAL C 82 21.82 3.18 26.53
CA VAL C 82 22.33 4.05 25.46
C VAL C 82 21.36 5.19 25.16
N GLY C 83 20.06 4.91 25.26
CA GLY C 83 19.02 5.95 25.21
C GLY C 83 19.13 6.95 26.35
N GLN C 84 19.92 8.00 26.12
CA GLN C 84 20.24 9.01 27.13
C GLN C 84 20.05 10.41 26.55
N LEU C 90 13.79 10.46 20.21
CA LEU C 90 13.83 9.08 19.73
C LEU C 90 13.01 8.16 20.63
N GLU C 91 12.65 7.01 20.09
CA GLU C 91 11.76 6.09 20.77
C GLU C 91 12.26 4.62 20.77
N ARG C 92 12.34 4.04 21.95
CA ARG C 92 13.04 2.77 22.20
C ARG C 92 12.86 1.76 21.06
N PRO C 93 13.97 1.22 20.54
CA PRO C 93 13.89 0.16 19.53
C PRO C 93 13.28 -1.12 20.11
N THR C 94 12.59 -1.86 19.24
CA THR C 94 12.10 -3.19 19.56
C THR C 94 13.32 -4.08 19.71
N ILE C 95 13.27 -5.03 20.63
CA ILE C 95 14.33 -6.02 20.74
C ILE C 95 13.73 -7.41 20.51
N GLN C 96 14.26 -8.11 19.53
CA GLN C 96 13.88 -9.51 19.30
C GLN C 96 15.00 -10.42 19.77
N ILE C 97 14.74 -11.21 20.80
CA ILE C 97 15.76 -12.05 21.43
C ILE C 97 15.51 -13.52 21.26
N PHE C 98 16.53 -14.24 20.77
CA PHE C 98 16.41 -15.69 20.61
C PHE C 98 17.26 -16.45 21.63
N LEU C 99 16.60 -17.28 22.42
CA LEU C 99 17.33 -18.04 23.41
C LEU C 99 17.70 -19.35 22.76
N ASN C 100 19.00 -19.60 22.66
CA ASN C 100 19.40 -20.88 22.09
C ASN C 100 19.98 -21.86 23.11
N ASP C 101 19.60 -23.11 23.00
CA ASP C 101 20.23 -24.20 23.75
C ASP C 101 19.85 -25.50 23.05
N LEU C 102 20.40 -26.61 23.51
CA LEU C 102 20.17 -27.89 22.86
C LEU C 102 18.73 -28.34 23.02
N PHE C 103 18.34 -29.24 22.13
CA PHE C 103 16.95 -29.70 22.01
C PHE C 103 16.27 -30.20 23.27
N PRO C 104 17.03 -30.85 24.17
CA PRO C 104 16.41 -31.26 25.44
C PRO C 104 16.48 -30.26 26.62
N ASN C 105 17.01 -29.04 26.38
CA ASN C 105 16.95 -28.00 27.41
C ASN C 105 15.50 -27.82 27.89
N ASP C 106 15.33 -27.40 29.14
CA ASP C 106 14.03 -27.03 29.64
C ASP C 106 13.65 -25.60 29.28
N PHE C 107 13.09 -25.44 28.09
CA PHE C 107 12.60 -24.15 27.60
C PHE C 107 11.27 -23.86 28.25
N ASN C 108 10.50 -24.91 28.50
CA ASN C 108 9.21 -24.79 29.15
C ASN C 108 9.27 -23.95 30.43
N SER C 109 10.29 -24.23 31.24
CA SER C 109 10.44 -23.56 32.53
C SER C 109 10.88 -22.11 32.42
N VAL C 110 11.67 -21.82 31.38
CA VAL C 110 12.00 -20.44 31.01
C VAL C 110 10.78 -19.66 30.53
N PHE C 111 10.01 -20.27 29.61
CA PHE C 111 8.80 -19.67 29.05
C PHE C 111 7.78 -19.30 30.13
N LYS C 112 7.59 -20.17 31.11
CA LYS C 112 6.58 -19.93 32.16
C LYS C 112 6.89 -18.73 33.07
N LEU C 113 8.16 -18.42 33.16
CA LEU C 113 8.63 -17.21 33.81
C LEU C 113 8.56 -15.90 33.01
N LEU C 114 8.24 -15.97 31.71
CA LEU C 114 8.26 -14.78 30.86
C LEU C 114 7.24 -13.75 31.30
N PRO C 115 5.98 -14.18 31.58
CA PRO C 115 4.96 -13.19 31.96
C PRO C 115 5.37 -12.24 33.08
N SER C 116 6.02 -12.78 34.11
CA SER C 116 6.38 -11.91 35.22
C SER C 116 7.61 -11.11 34.93
N PHE C 117 8.50 -11.69 34.14
CA PHE C 117 9.67 -11.00 33.60
C PHE C 117 9.32 -9.76 32.76
N TYR C 118 8.31 -9.88 31.90
CA TYR C 118 7.91 -8.77 31.03
C TYR C 118 7.28 -7.69 31.87
N ARG C 119 6.63 -8.11 32.95
CA ARG C 119 6.01 -7.16 33.90
C ARG C 119 7.09 -6.38 34.63
N LYS C 120 8.11 -7.08 35.08
CA LYS C 120 9.28 -6.43 35.65
C LYS C 120 9.90 -5.37 34.72
N LEU C 121 10.13 -5.73 33.45
CA LEU C 121 10.58 -4.76 32.44
C LEU C 121 9.74 -3.48 32.34
N GLU C 122 8.43 -3.63 32.34
CA GLU C 122 7.53 -2.50 32.22
C GLU C 122 7.68 -1.62 33.43
N LYS C 123 7.67 -2.26 34.60
CA LYS C 123 7.74 -1.62 35.91
C LYS C 123 9.09 -0.98 36.19
N GLU C 124 10.15 -1.77 36.12
CA GLU C 124 11.47 -1.34 36.55
C GLU C 124 12.32 -0.71 35.45
N ASN C 125 11.93 -0.90 34.20
CA ASN C 125 12.75 -0.48 33.06
C ASN C 125 12.11 0.49 32.09
N GLY C 126 10.81 0.72 32.27
CA GLY C 126 10.08 1.64 31.42
C GLY C 126 9.76 1.09 30.05
N ARG C 127 10.02 -0.19 29.85
CA ARG C 127 9.86 -0.81 28.55
C ARG C 127 8.49 -1.47 28.41
N LYS C 128 7.68 -0.91 27.52
CA LYS C 128 6.32 -1.36 27.28
C LYS C 128 6.25 -2.82 26.78
N ILE C 129 5.18 -3.52 27.16
CA ILE C 129 5.04 -4.94 26.83
C ILE C 129 4.82 -5.07 25.34
N GLY C 130 5.51 -6.03 24.71
CA GLY C 130 5.53 -6.17 23.25
C GLY C 130 6.75 -5.55 22.57
N SER C 131 7.52 -4.75 23.32
CA SER C 131 8.72 -4.14 22.73
C SER C 131 9.94 -5.05 22.91
N CYS C 132 9.79 -6.06 23.77
CA CYS C 132 10.84 -7.04 23.96
C CYS C 132 10.27 -8.42 23.66
N LEU C 133 10.71 -9.01 22.55
CA LEU C 133 10.08 -10.20 22.03
C LEU C 133 11.06 -11.37 22.18
N ILE C 134 10.79 -12.20 23.17
CA ILE C 134 11.71 -13.23 23.58
C ILE C 134 11.21 -14.62 23.19
N GLY C 135 12.06 -15.38 22.54
CA GLY C 135 11.67 -16.60 21.87
C GLY C 135 12.82 -17.53 21.99
N ALA C 136 12.66 -18.73 21.47
CA ALA C 136 13.70 -19.74 21.46
C ALA C 136 14.10 -20.21 20.03
N MET C 137 15.37 -20.50 19.85
CA MET C 137 15.86 -21.20 18.65
C MET C 137 16.76 -22.37 19.08
N PRO C 138 16.17 -23.57 19.25
CA PRO C 138 16.95 -24.68 19.78
C PRO C 138 17.86 -25.30 18.75
N GLY C 139 18.92 -25.96 19.22
CA GLY C 139 19.87 -26.66 18.38
C GLY C 139 21.31 -26.36 18.75
N SER C 140 22.21 -27.19 18.27
CA SER C 140 23.62 -26.97 18.51
C SER C 140 24.08 -25.63 17.97
N PHE C 141 24.82 -24.84 18.77
CA PHE C 141 25.50 -23.64 18.24
C PHE C 141 26.76 -23.90 17.40
N TYR C 142 27.07 -25.17 17.15
CA TYR C 142 28.05 -25.49 16.10
C TYR C 142 27.40 -25.70 14.76
N SER C 143 26.08 -25.47 14.65
CA SER C 143 25.41 -25.51 13.37
C SER C 143 24.61 -24.22 13.18
N ARG C 144 24.14 -24.01 11.97
CA ARG C 144 23.40 -22.79 11.64
C ARG C 144 22.12 -22.67 12.46
N LEU C 145 21.90 -21.52 13.10
CA LEU C 145 20.67 -21.26 13.87
C LEU C 145 19.79 -20.17 13.26
N PHE C 146 20.39 -19.29 12.44
CA PHE C 146 19.68 -18.10 11.90
C PHE C 146 19.98 -17.86 10.41
N PRO C 147 19.03 -17.26 9.69
CA PRO C 147 19.27 -16.88 8.28
C PRO C 147 20.52 -16.00 8.16
N GLU C 148 21.13 -15.98 6.98
CA GLU C 148 22.36 -15.26 6.71
C GLU C 148 22.10 -13.78 6.86
N GLU C 149 23.04 -13.09 7.49
CA GLU C 149 22.94 -11.64 7.71
C GLU C 149 21.58 -11.21 8.25
N SER C 150 21.19 -11.80 9.36
CA SER C 150 19.92 -11.48 9.98
C SER C 150 20.07 -10.90 11.38
N MET C 151 21.22 -11.10 12.01
CA MET C 151 21.39 -10.74 13.41
C MET C 151 22.34 -9.60 13.62
N HIS C 152 22.15 -8.87 14.73
CA HIS C 152 23.02 -7.73 15.09
C HIS C 152 24.05 -8.12 16.14
N PHE C 153 23.63 -8.95 17.09
CA PHE C 153 24.45 -9.25 18.27
C PHE C 153 24.28 -10.67 18.73
N LEU C 154 25.39 -11.38 18.95
CA LEU C 154 25.33 -12.73 19.54
C LEU C 154 26.15 -12.77 20.77
N HIS C 155 25.64 -13.43 21.80
CA HIS C 155 26.27 -13.40 23.09
C HIS C 155 26.38 -14.85 23.54
N SER C 156 27.53 -15.25 24.08
CA SER C 156 27.75 -16.57 24.60
C SER C 156 28.61 -16.45 25.86
N CYS C 157 28.20 -17.13 26.92
CA CYS C 157 28.93 -17.14 28.16
C CYS C 157 28.91 -18.55 28.71
N TYR C 158 30.09 -19.10 29.03
CA TYR C 158 30.21 -20.42 29.69
C TYR C 158 29.72 -21.61 28.92
N CYS C 159 29.83 -21.55 27.60
CA CYS C 159 29.31 -22.61 26.76
CA CYS C 159 29.32 -22.66 26.81
C CYS C 159 30.34 -23.24 25.85
N LEU C 160 31.29 -22.42 25.44
CA LEU C 160 32.33 -22.87 24.51
C LEU C 160 33.36 -23.89 25.02
N GLN C 161 33.50 -24.13 26.32
CA GLN C 161 34.15 -25.36 26.78
C GLN C 161 33.56 -26.63 26.26
N TRP C 162 32.29 -26.64 25.96
CA TRP C 162 31.62 -27.85 25.54
C TRP C 162 31.88 -28.05 24.08
N LEU C 163 32.61 -29.11 23.76
CA LEU C 163 32.87 -29.53 22.38
C LEU C 163 31.65 -30.18 21.74
N SER C 164 31.68 -30.28 20.41
CA SER C 164 30.65 -30.97 19.66
C SER C 164 30.59 -32.48 19.93
N GLN C 165 31.67 -33.07 20.40
CA GLN C 165 31.79 -34.52 20.64
C GLN C 165 33.04 -34.84 21.49
N VAL C 166 33.15 -36.02 22.09
CA VAL C 166 34.42 -36.46 22.65
C VAL C 166 35.40 -36.41 21.46
N PRO C 167 36.63 -35.87 21.65
CA PRO C 167 37.58 -35.76 20.54
C PRO C 167 37.62 -37.00 19.67
N SER C 168 37.56 -36.74 18.37
CA SER C 168 37.38 -37.80 17.38
C SER C 168 38.56 -38.73 17.35
N GLY C 169 39.70 -38.27 17.89
CA GLY C 169 40.88 -39.10 18.10
C GLY C 169 40.65 -40.18 19.14
N LEU C 170 39.80 -39.89 20.12
CA LEU C 170 39.54 -40.85 21.19
C LEU C 170 38.29 -41.68 20.89
N VAL C 171 37.72 -41.42 19.71
CA VAL C 171 36.42 -41.98 19.34
C VAL C 171 36.44 -42.72 18.00
N THR C 172 36.78 -42.05 16.90
CA THR C 172 36.94 -42.73 15.61
C THR C 172 38.29 -43.45 15.46
N GLU C 173 39.36 -42.77 15.87
CA GLU C 173 40.71 -43.35 15.78
C GLU C 173 40.99 -44.42 16.86
N LEU C 174 42.02 -45.23 16.62
CA LEU C 174 42.39 -46.33 17.50
C LEU C 174 43.91 -46.37 17.72
N ILE C 176 40.83 -43.64 21.98
CA ILE C 176 40.21 -44.59 22.89
C ILE C 176 40.82 -44.44 24.30
N GLY C 177 40.72 -45.50 25.13
CA GLY C 177 41.25 -45.51 26.53
C GLY C 177 42.73 -45.17 26.75
N THR C 178 43.20 -44.17 26.01
CA THR C 178 44.58 -43.72 25.99
C THR C 178 44.82 -42.69 27.12
N ASN C 179 43.76 -41.99 27.52
CA ASN C 179 43.88 -40.96 28.55
C ASN C 179 43.67 -41.55 29.95
N LYS C 180 44.71 -42.22 30.46
CA LYS C 180 44.62 -42.96 31.70
C LYS C 180 44.51 -42.06 32.92
N GLY C 181 43.58 -42.45 33.81
CA GLY C 181 43.38 -41.78 35.08
C GLY C 181 42.81 -40.38 35.01
N SER C 182 42.47 -39.93 33.79
CA SER C 182 41.95 -38.57 33.57
C SER C 182 40.60 -38.59 32.87
N ILE C 183 39.96 -37.43 32.82
CA ILE C 183 38.64 -37.30 32.18
C ILE C 183 38.68 -36.18 31.15
N TYR C 184 39.77 -35.45 31.13
CA TYR C 184 39.97 -34.45 30.09
C TYR C 184 41.47 -34.23 29.92
N SER C 185 41.83 -33.24 29.11
CA SER C 185 43.21 -32.94 28.85
C SER C 185 43.76 -31.98 29.92
N SER C 186 44.52 -32.52 30.86
CA SER C 186 45.26 -31.70 31.84
C SER C 186 46.61 -31.33 31.24
N LYS C 187 47.42 -30.54 31.96
CA LYS C 187 48.85 -30.36 31.59
C LYS C 187 49.58 -31.70 31.82
N ALA C 188 49.03 -32.49 32.73
CA ALA C 188 49.51 -33.83 33.07
C ALA C 188 49.25 -34.88 31.98
N SER C 189 48.44 -34.51 31.00
CA SER C 189 48.02 -35.50 30.00
C SER C 189 49.10 -35.81 28.96
N ARG C 190 49.13 -37.06 28.51
CA ARG C 190 50.01 -37.46 27.42
C ARG C 190 49.79 -36.61 26.17
N LEU C 191 50.87 -36.42 25.42
CA LEU C 191 50.90 -35.54 24.25
C LEU C 191 49.79 -35.81 23.22
N PRO C 192 49.54 -37.10 22.85
CA PRO C 192 48.45 -37.40 21.91
C PRO C 192 47.06 -37.03 22.42
N VAL C 193 46.84 -37.08 23.73
CA VAL C 193 45.57 -36.65 24.33
C VAL C 193 45.39 -35.14 24.17
N GLN C 194 46.40 -34.36 24.52
CA GLN C 194 46.34 -32.92 24.37
C GLN C 194 46.07 -32.55 22.93
N LYS C 195 46.79 -33.20 22.02
CA LYS C 195 46.64 -32.98 20.60
C LYS C 195 45.21 -33.24 20.13
N ALA C 196 44.66 -34.40 20.48
CA ALA C 196 43.29 -34.77 20.14
C ALA C 196 42.24 -33.76 20.63
N TYR C 197 42.34 -33.32 21.88
CA TYR C 197 41.44 -32.34 22.45
C TYR C 197 41.64 -30.98 21.76
N LEU C 198 42.88 -30.57 21.53
CA LEU C 198 43.13 -29.28 20.86
C LEU C 198 42.59 -29.30 19.45
N ASP C 199 42.80 -30.41 18.77
CA ASP C 199 42.29 -30.58 17.44
C ASP C 199 40.77 -30.49 17.43
N GLN C 200 40.08 -31.10 18.40
CA GLN C 200 38.63 -30.99 18.39
C GLN C 200 38.15 -29.55 18.70
N PHE C 201 38.77 -28.90 19.67
CA PHE C 201 38.44 -27.50 20.00
C PHE C 201 38.62 -26.62 18.81
N THR C 202 39.72 -26.82 18.08
CA THR C 202 40.09 -25.98 16.96
C THR C 202 39.04 -26.09 15.85
N LYS C 203 38.63 -27.33 15.57
CA LYS C 203 37.60 -27.62 14.59
C LYS C 203 36.28 -26.97 14.98
N ASP C 204 35.85 -27.19 16.22
CA ASP C 204 34.58 -26.68 16.74
C ASP C 204 34.52 -25.17 16.81
N PHE C 205 35.53 -24.57 17.40
CA PHE C 205 35.56 -23.13 17.56
C PHE C 205 35.63 -22.41 16.20
N THR C 206 36.39 -23.00 15.28
CA THR C 206 36.46 -22.44 13.92
C THR C 206 35.10 -22.46 13.23
N THR C 207 34.43 -23.60 13.29
CA THR C 207 33.06 -23.77 12.82
C THR C 207 32.11 -22.73 13.46
N PHE C 208 32.13 -22.64 14.79
CA PHE C 208 31.34 -21.66 15.52
C PHE C 208 31.52 -20.27 14.92
N LEU C 209 32.76 -19.80 14.86
CA LEU C 209 33.03 -18.47 14.31
C LEU C 209 32.58 -18.33 12.87
N ARG C 210 32.89 -19.30 12.03
CA ARG C 210 32.52 -19.24 10.62
C ARG C 210 31.00 -19.18 10.45
N ILE C 211 30.31 -20.06 11.14
CA ILE C 211 28.87 -20.19 11.08
C ILE C 211 28.15 -18.94 11.57
N HIS C 212 28.57 -18.39 12.69
CA HIS C 212 27.86 -17.27 13.27
C HIS C 212 28.24 -15.91 12.66
N SER C 213 29.40 -15.79 12.03
CA SER C 213 29.70 -14.63 11.21
C SER C 213 28.68 -14.48 10.07
N GLU C 214 28.41 -15.59 9.37
CA GLU C 214 27.46 -15.64 8.25
C GLU C 214 26.03 -15.18 8.62
N GLU C 215 25.68 -15.34 9.89
CA GLU C 215 24.37 -14.92 10.43
C GLU C 215 24.31 -13.42 10.76
N LEU C 216 25.47 -12.80 11.00
CA LEU C 216 25.58 -11.39 11.39
C LEU C 216 25.61 -10.47 10.20
N PHE C 217 24.98 -9.31 10.32
CA PHE C 217 25.17 -8.25 9.35
C PHE C 217 26.63 -7.86 9.46
N SER C 218 27.19 -7.26 8.42
CA SER C 218 28.55 -6.76 8.52
C SER C 218 28.58 -5.73 9.66
N HIS C 219 29.65 -5.77 10.45
CA HIS C 219 29.79 -4.93 11.64
C HIS C 219 28.92 -5.37 12.81
N GLY C 220 28.22 -6.50 12.68
CA GLY C 220 27.53 -7.12 13.82
C GLY C 220 28.59 -7.59 14.83
N ARG C 221 28.15 -7.93 16.05
CA ARG C 221 29.08 -8.27 17.10
CA ARG C 221 29.03 -8.21 17.18
C ARG C 221 28.76 -9.56 17.85
N MET C 222 29.82 -10.21 18.35
CA MET C 222 29.68 -11.35 19.25
C MET C 222 30.44 -11.03 20.53
N LEU C 223 29.94 -11.52 21.65
CA LEU C 223 30.59 -11.32 22.92
C LEU C 223 30.70 -12.69 23.55
N LEU C 224 31.92 -13.16 23.78
CA LEU C 224 32.06 -14.55 24.26
C LEU C 224 32.79 -14.54 25.54
N THR C 225 32.24 -15.22 26.54
CA THR C 225 32.95 -15.40 27.81
C THR C 225 33.20 -16.89 28.00
N CYS C 226 34.48 -17.23 28.08
CA CYS C 226 34.83 -18.63 28.10
C CYS C 226 35.74 -18.88 29.27
N ILE C 227 35.58 -20.06 29.84
CA ILE C 227 36.57 -20.64 30.72
C ILE C 227 37.94 -20.78 29.98
N CYS C 228 39.01 -20.35 30.63
CA CYS C 228 40.30 -20.53 30.02
C CYS C 228 41.33 -21.00 31.05
N LYS C 229 42.43 -21.55 30.56
CA LYS C 229 43.47 -22.15 31.41
C LYS C 229 44.03 -21.15 32.44
N GLY C 230 44.04 -21.60 33.69
CA GLY C 230 44.73 -20.87 34.73
C GLY C 230 46.25 -20.97 34.60
N VAL C 231 46.92 -19.92 35.02
CA VAL C 231 48.38 -19.95 35.00
C VAL C 231 48.97 -20.69 36.22
N GLU C 232 48.49 -20.34 37.41
CA GLU C 232 49.01 -20.87 38.68
C GLU C 232 49.31 -22.37 38.75
N LEU C 233 50.52 -22.69 39.17
CA LEU C 233 50.80 -24.03 39.64
C LEU C 233 50.03 -24.22 40.92
N ASP C 234 49.55 -25.43 41.14
CA ASP C 234 48.81 -25.77 42.36
C ASP C 234 47.32 -25.32 42.33
N ALA C 235 46.96 -24.53 41.30
CA ALA C 235 45.58 -24.16 41.06
C ALA C 235 44.82 -25.40 40.64
N ARG C 236 43.56 -25.43 40.99
CA ARG C 236 42.73 -26.61 40.78
C ARG C 236 41.31 -26.20 40.37
N ASN C 237 40.98 -26.39 39.09
CA ASN C 237 39.64 -26.11 38.60
C ASN C 237 38.62 -27.23 38.93
N ALA C 238 37.37 -27.00 38.59
CA ALA C 238 36.27 -27.91 38.97
C ALA C 238 36.45 -29.32 38.40
N ILE C 239 36.95 -29.38 37.17
CA ILE C 239 37.24 -30.63 36.48
C ILE C 239 38.42 -31.34 37.08
N ASP C 240 39.52 -30.63 37.39
CA ASP C 240 40.66 -31.23 38.13
C ASP C 240 40.16 -31.90 39.40
N LEU C 241 39.29 -31.18 40.12
CA LEU C 241 38.86 -31.65 41.42
C LEU C 241 37.94 -32.86 41.28
N LEU C 242 37.21 -32.90 40.18
CA LEU C 242 36.35 -34.02 39.82
C LEU C 242 37.17 -35.22 39.49
N GLU C 243 38.24 -34.98 38.72
CA GLU C 243 39.22 -36.01 38.36
C GLU C 243 39.86 -36.66 39.59
N MET C 244 40.29 -35.83 40.54
CA MET C 244 40.85 -36.30 41.81
C MET C 244 39.81 -37.10 42.59
N ALA C 245 38.56 -36.64 42.56
CA ALA C 245 37.50 -37.32 43.27
C ALA C 245 37.26 -38.71 42.75
N ILE C 246 37.26 -38.88 41.43
CA ILE C 246 37.07 -40.19 40.80
C ILE C 246 38.28 -41.11 40.97
N ASN C 247 39.50 -40.57 40.77
CA ASN C 247 40.75 -41.27 41.11
C ASN C 247 40.78 -41.82 42.53
N ASP C 248 40.29 -41.03 43.49
CA ASP C 248 40.15 -41.46 44.88
C ASP C 248 39.35 -42.76 44.99
N LEU C 249 38.30 -42.86 44.18
CA LEU C 249 37.40 -44.01 44.21
C LEU C 249 37.96 -45.26 43.53
N VAL C 250 38.85 -45.10 42.56
CA VAL C 250 39.48 -46.29 41.96
C VAL C 250 40.58 -46.81 42.88
N VAL C 251 41.39 -45.90 43.43
CA VAL C 251 42.48 -46.24 44.32
C VAL C 251 41.94 -46.92 45.57
N GLU C 252 40.78 -46.46 46.05
CA GLU C 252 40.12 -47.03 47.22
C GLU C 252 39.14 -48.17 46.87
N GLY C 253 39.33 -48.77 45.69
CA GLY C 253 38.59 -49.96 45.29
C GLY C 253 37.15 -49.79 44.84
N HIS C 254 36.56 -48.65 45.19
CA HIS C 254 35.14 -48.33 44.91
C HIS C 254 34.69 -48.32 43.43
N LEU C 255 35.53 -47.82 42.54
CA LEU C 255 35.21 -47.75 41.11
C LEU C 255 36.12 -48.63 40.24
N GLU C 256 35.58 -49.07 39.12
CA GLU C 256 36.16 -50.13 38.30
C GLU C 256 37.58 -49.92 37.72
N GLU C 257 37.98 -48.68 37.44
CA GLU C 257 39.37 -48.33 37.03
C GLU C 257 39.72 -48.66 35.57
N GLU C 258 38.73 -48.98 34.76
CA GLU C 258 38.91 -48.94 33.31
C GLU C 258 37.70 -48.19 32.85
N LYS C 259 36.79 -48.03 33.79
CA LYS C 259 35.68 -47.11 33.72
C LYS C 259 36.16 -45.65 33.69
N LEU C 260 37.20 -45.35 34.48
CA LEU C 260 37.86 -44.04 34.49
C LEU C 260 38.59 -43.82 33.17
N ASP C 261 39.34 -44.83 32.74
CA ASP C 261 40.21 -44.74 31.58
C ASP C 261 39.44 -44.66 30.28
N SER C 262 38.19 -45.11 30.30
CA SER C 262 37.35 -45.01 29.12
C SER C 262 36.39 -43.83 29.20
N PHE C 263 36.48 -43.03 30.25
CA PHE C 263 35.64 -41.82 30.37
C PHE C 263 36.40 -40.58 29.99
N ASN C 264 35.90 -39.86 29.00
CA ASN C 264 36.47 -38.61 28.53
C ASN C 264 35.37 -37.56 28.36
N LEU C 265 35.48 -36.45 29.07
CA LEU C 265 34.55 -35.33 28.93
C LEU C 265 34.69 -34.68 27.55
N PRO C 266 33.56 -34.28 26.94
CA PRO C 266 33.66 -33.51 25.73
C PRO C 266 33.85 -32.04 26.06
N VAL C 267 34.91 -31.76 26.83
CA VAL C 267 35.19 -30.44 27.38
C VAL C 267 36.65 -30.09 27.08
N TYR C 268 36.91 -28.88 26.60
CA TYR C 268 38.29 -28.43 26.45
C TYR C 268 38.42 -27.05 27.02
N ILE C 269 39.34 -26.88 27.98
CA ILE C 269 39.65 -25.57 28.53
CA ILE C 269 39.65 -25.57 28.55
C ILE C 269 40.86 -25.00 27.81
N PRO C 270 40.65 -23.99 26.96
CA PRO C 270 41.75 -23.43 26.18
C PRO C 270 42.57 -22.35 26.88
N SER C 271 43.76 -22.07 26.35
CA SER C 271 44.46 -20.91 26.87
C SER C 271 44.00 -19.70 26.08
N ALA C 272 44.07 -18.53 26.72
CA ALA C 272 43.66 -17.30 26.08
C ALA C 272 44.37 -17.13 24.73
N GLU C 273 45.61 -17.60 24.64
CA GLU C 273 46.42 -17.47 23.41
C GLU C 273 45.86 -18.35 22.29
N GLU C 274 45.40 -19.56 22.65
CA GLU C 274 44.75 -20.52 21.72
C GLU C 274 43.45 -19.96 21.13
N VAL C 275 42.62 -19.36 21.98
CA VAL C 275 41.38 -18.74 21.56
C VAL C 275 41.70 -17.65 20.51
N LYS C 276 42.69 -16.81 20.80
CA LYS C 276 43.03 -15.61 19.97
C LYS C 276 43.63 -15.96 18.61
N CYS C 277 44.50 -16.98 18.61
CA CYS C 277 45.07 -17.53 17.38
CA CYS C 277 45.05 -17.52 17.37
C CYS C 277 43.95 -18.05 16.45
N ILE C 278 43.05 -18.84 16.99
CA ILE C 278 41.96 -19.39 16.18
C ILE C 278 41.05 -18.30 15.64
N VAL C 279 40.70 -17.32 16.46
CA VAL C 279 39.93 -16.18 15.95
C VAL C 279 40.67 -15.47 14.80
N GLU C 280 41.99 -15.34 14.90
CA GLU C 280 42.76 -14.63 13.84
C GLU C 280 42.92 -15.46 12.57
N GLU C 281 43.10 -16.76 12.78
CA GLU C 281 43.16 -17.75 11.71
C GLU C 281 41.83 -17.84 10.97
N GLU C 282 40.71 -17.98 11.70
CA GLU C 282 39.39 -18.02 11.07
C GLU C 282 39.15 -16.81 10.16
N GLY C 283 39.52 -15.62 10.64
CA GLY C 283 39.58 -14.44 9.76
C GLY C 283 38.32 -13.60 9.56
N SER C 284 37.20 -14.06 10.08
CA SER C 284 35.90 -13.37 9.95
C SER C 284 35.75 -12.21 10.92
N PHE C 285 36.50 -12.22 12.02
CA PHE C 285 36.23 -11.27 13.12
C PHE C 285 37.48 -10.50 13.47
N GLU C 286 37.28 -9.20 13.70
CA GLU C 286 38.25 -8.31 14.29
C GLU C 286 38.03 -8.39 15.80
N ILE C 287 39.12 -8.46 16.56
CA ILE C 287 39.07 -8.50 18.01
C ILE C 287 39.08 -7.08 18.54
N LEU C 288 38.05 -6.68 19.28
CA LEU C 288 37.96 -5.29 19.77
C LEU C 288 38.42 -5.18 21.22
N TYR C 289 38.27 -6.26 21.98
CA TYR C 289 38.57 -6.25 23.41
C TYR C 289 38.84 -7.67 23.85
N LEU C 290 39.85 -7.82 24.71
CA LEU C 290 40.18 -9.11 25.32
C LEU C 290 40.67 -8.91 26.75
N GLU C 291 40.14 -9.70 27.69
CA GLU C 291 40.50 -9.57 29.10
C GLU C 291 40.35 -10.94 29.74
N THR C 292 41.19 -11.24 30.75
CA THR C 292 40.98 -12.47 31.52
C THR C 292 40.71 -12.13 32.98
N PHE C 293 39.94 -12.99 33.67
CA PHE C 293 39.65 -12.78 35.09
C PHE C 293 39.42 -14.12 35.81
N LYS C 294 39.81 -14.21 37.08
CA LYS C 294 39.53 -15.37 37.94
C LYS C 294 38.27 -15.15 38.74
N VAL C 295 37.47 -16.20 38.92
CA VAL C 295 36.44 -16.20 39.96
C VAL C 295 36.68 -17.41 40.85
N LEU C 296 36.95 -17.15 42.13
CA LEU C 296 37.16 -18.22 43.13
C LEU C 296 35.84 -18.88 43.43
N TYR C 297 35.85 -20.21 43.57
CA TYR C 297 34.60 -20.97 43.65
C TYR C 297 33.73 -20.62 44.86
N ASP C 298 34.35 -20.09 45.90
CA ASP C 298 33.63 -19.74 47.12
C ASP C 298 33.39 -18.22 47.28
N ALA C 299 33.51 -17.47 46.19
CA ALA C 299 33.44 -16.03 46.22
C ALA C 299 32.04 -15.47 46.53
N GLY C 300 31.00 -16.22 46.18
CA GLY C 300 29.63 -15.78 46.46
C GLY C 300 29.13 -16.13 47.85
N PHE C 301 30.02 -16.71 48.67
CA PHE C 301 29.64 -17.24 49.99
C PHE C 301 30.12 -16.35 51.11
N SER C 302 29.19 -16.04 52.02
CA SER C 302 29.43 -15.11 53.11
C SER C 302 30.37 -15.65 54.15
N ILE C 303 30.37 -16.99 54.17
CA ILE C 303 30.26 -17.73 55.42
C ILE C 303 31.57 -18.27 55.98
N ASP C 304 31.47 -18.86 57.18
CA ASP C 304 32.61 -19.26 57.97
C ASP C 304 33.34 -18.01 58.46
N HIS C 307 33.96 -24.37 57.33
CA HIS C 307 34.10 -24.22 55.90
C HIS C 307 33.51 -25.40 55.13
N ILE C 308 32.19 -25.55 55.27
CA ILE C 308 31.31 -26.35 54.38
C ILE C 308 30.89 -25.54 53.14
N LYS C 309 31.71 -24.53 52.83
CA LYS C 309 31.67 -23.88 51.52
C LYS C 309 32.12 -24.85 50.46
N ALA C 310 32.90 -25.86 50.90
CA ALA C 310 33.40 -26.92 50.02
C ALA C 310 32.25 -27.78 49.50
N GLU C 311 31.25 -27.97 50.37
CA GLU C 311 30.04 -28.70 50.00
C GLU C 311 29.15 -27.90 49.05
N TYR C 312 29.19 -26.58 49.18
CA TYR C 312 28.44 -25.71 48.30
C TYR C 312 29.01 -25.74 46.89
N VAL C 313 30.34 -25.73 46.80
CA VAL C 313 31.06 -25.86 45.54
C VAL C 313 30.77 -27.22 44.91
N ALA C 314 30.84 -28.27 45.70
CA ALA C 314 30.59 -29.62 45.16
C ALA C 314 29.20 -29.70 44.51
N SER C 315 28.18 -29.16 45.18
CA SER C 315 26.82 -29.12 44.63
C SER C 315 26.70 -28.30 43.34
N SER C 316 27.39 -27.16 43.29
CA SER C 316 27.50 -26.38 42.04
C SER C 316 27.99 -27.18 40.86
N VAL C 317 29.06 -27.96 41.08
CA VAL C 317 29.71 -28.74 40.02
C VAL C 317 28.82 -29.92 39.62
N ARG C 318 28.20 -30.53 40.61
CA ARG C 318 27.28 -31.63 40.39
C ARG C 318 26.10 -31.22 39.51
N ALA C 319 25.52 -30.08 39.82
CA ALA C 319 24.43 -29.59 39.00
C ALA C 319 24.79 -29.49 37.51
N VAL C 320 26.07 -29.34 37.20
CA VAL C 320 26.56 -29.32 35.79
C VAL C 320 26.89 -30.72 35.28
N TYR C 321 27.65 -31.50 36.06
CA TYR C 321 28.21 -32.76 35.58
C TYR C 321 27.41 -34.04 35.89
N GLU C 322 26.42 -33.97 36.77
CA GLU C 322 25.73 -35.22 37.21
C GLU C 322 25.17 -36.03 36.03
N PRO C 323 24.40 -35.39 35.12
CA PRO C 323 23.87 -36.19 34.01
C PRO C 323 24.91 -37.02 33.29
N ILE C 324 25.94 -36.38 32.74
CA ILE C 324 26.97 -37.09 31.97
C ILE C 324 27.74 -38.12 32.81
N LEU C 325 28.01 -37.78 34.06
CA LEU C 325 28.68 -38.68 34.99
C LEU C 325 27.85 -39.92 35.25
N ALA C 326 26.57 -39.71 35.51
CA ALA C 326 25.63 -40.76 35.85
C ALA C 326 25.45 -41.84 34.78
N SER C 327 25.45 -41.39 33.54
CA SER C 327 25.21 -42.25 32.40
C SER C 327 26.39 -43.14 32.01
N HIS C 328 27.56 -42.89 32.61
CA HIS C 328 28.75 -43.69 32.36
C HIS C 328 29.13 -44.49 33.58
N PHE C 329 28.93 -43.92 34.76
CA PHE C 329 29.40 -44.53 35.99
C PHE C 329 28.25 -45.12 36.81
N GLY C 330 27.03 -44.73 36.45
CA GLY C 330 25.84 -45.15 37.18
C GLY C 330 25.40 -44.06 38.16
N GLU C 331 24.10 -43.99 38.43
CA GLU C 331 23.54 -43.08 39.44
C GLU C 331 24.03 -43.28 40.88
N ALA C 332 24.59 -44.45 41.18
CA ALA C 332 24.92 -44.84 42.55
C ALA C 332 26.09 -44.08 43.20
N ILE C 333 27.20 -43.93 42.47
CA ILE C 333 28.46 -43.38 43.03
C ILE C 333 28.56 -41.87 43.05
N ILE C 334 27.52 -41.19 42.60
CA ILE C 334 27.54 -39.73 42.51
C ILE C 334 27.62 -39.02 43.87
N PRO C 335 26.79 -39.42 44.86
CA PRO C 335 27.07 -38.96 46.23
C PRO C 335 28.54 -39.17 46.61
N ASP C 336 29.10 -40.35 46.32
CA ASP C 336 30.47 -40.63 46.67
C ASP C 336 31.42 -39.71 45.94
N ILE C 337 31.16 -39.47 44.63
CA ILE C 337 32.00 -38.59 43.82
C ILE C 337 32.10 -37.21 44.46
N PHE C 338 30.95 -36.66 44.81
CA PHE C 338 30.90 -35.32 45.36
C PHE C 338 31.16 -35.18 46.87
N HIS C 339 31.28 -36.30 47.58
CA HIS C 339 31.84 -36.30 48.91
C HIS C 339 33.33 -36.11 48.80
N ARG C 340 33.94 -36.93 47.96
CA ARG C 340 35.36 -36.89 47.73
C ARG C 340 35.74 -35.54 47.19
N PHE C 341 34.90 -35.04 46.29
CA PHE C 341 35.11 -33.73 45.67
C PHE C 341 35.24 -32.64 46.73
N ALA C 342 34.34 -32.65 47.71
CA ALA C 342 34.34 -31.66 48.78
C ALA C 342 35.65 -31.67 49.57
N LYS C 343 36.21 -32.86 49.82
CA LYS C 343 37.48 -33.00 50.54
C LYS C 343 38.64 -32.33 49.79
N HIS C 344 38.65 -32.44 48.47
CA HIS C 344 39.68 -31.84 47.67
C HIS C 344 39.45 -30.34 47.51
N ALA C 345 38.18 -29.94 47.40
CA ALA C 345 37.83 -28.53 47.36
C ALA C 345 38.24 -27.83 48.64
N ALA C 346 38.08 -28.52 49.76
CA ALA C 346 38.35 -27.94 51.08
C ALA C 346 39.83 -27.62 51.26
N LYS C 347 40.69 -28.38 50.58
CA LYS C 347 42.13 -28.21 50.72
C LYS C 347 42.59 -27.00 49.94
N VAL C 348 41.80 -26.64 48.93
CA VAL C 348 42.25 -25.73 47.92
C VAL C 348 41.61 -24.33 48.11
N LEU C 349 40.36 -24.31 48.58
CA LEU C 349 39.70 -23.01 48.78
C LEU C 349 40.44 -22.04 49.74
N PRO C 350 40.88 -22.51 50.93
CA PRO C 350 41.58 -21.60 51.84
C PRO C 350 42.79 -20.90 51.22
N LEU C 351 43.33 -21.47 50.15
CA LEU C 351 44.54 -20.95 49.52
C LEU C 351 44.16 -20.05 48.35
N GLY C 352 42.87 -20.02 48.05
CA GLY C 352 42.37 -19.39 46.84
C GLY C 352 42.87 -20.09 45.60
N LYS C 353 43.01 -21.41 45.68
CA LYS C 353 43.54 -22.20 44.58
C LYS C 353 42.44 -22.93 43.83
N GLY C 354 41.20 -22.77 44.29
CA GLY C 354 40.02 -23.31 43.57
C GLY C 354 39.29 -22.20 42.81
N PHE C 355 39.50 -22.16 41.51
CA PHE C 355 38.90 -21.11 40.67
C PHE C 355 38.84 -21.55 39.21
N TYR C 356 38.00 -20.87 38.43
CA TYR C 356 38.17 -20.86 36.99
C TYR C 356 38.81 -19.53 36.60
N ASN C 357 39.74 -19.59 35.66
CA ASN C 357 40.18 -18.41 34.92
C ASN C 357 39.27 -18.21 33.72
N ASN C 358 39.08 -16.99 33.29
CA ASN C 358 38.03 -16.71 32.30
C ASN C 358 38.52 -15.69 31.31
N LEU C 359 37.95 -15.74 30.14
CA LEU C 359 38.30 -14.87 29.06
C LEU C 359 37.04 -14.20 28.51
N ILE C 360 36.99 -12.88 28.46
CA ILE C 360 35.94 -12.18 27.66
C ILE C 360 36.58 -11.67 26.39
N ILE C 361 35.91 -11.84 25.26
CA ILE C 361 36.42 -11.31 24.00
C ILE C 361 35.29 -10.67 23.14
N SER C 362 35.47 -9.42 22.75
CA SER C 362 34.52 -8.68 21.93
C SER C 362 35.00 -8.71 20.49
N LEU C 363 34.11 -9.13 19.61
CA LEU C 363 34.40 -9.42 18.20
C LEU C 363 33.50 -8.57 17.28
N ALA C 364 34.04 -7.93 16.24
CA ALA C 364 33.21 -7.28 15.21
C ALA C 364 33.36 -7.97 13.86
N LYS C 365 32.26 -8.29 13.17
CA LYS C 365 32.35 -8.90 11.85
C LYS C 365 33.01 -7.93 10.86
N LYS C 366 34.12 -8.36 10.27
CA LYS C 366 34.82 -7.55 9.29
C LYS C 366 33.94 -7.42 8.05
N PRO C 367 34.06 -6.28 7.32
CA PRO C 367 33.40 -6.16 6.01
C PRO C 367 34.09 -7.01 4.93
N GLY D 14 0.57 -40.02 27.08
CA GLY D 14 -0.48 -40.42 28.07
C GLY D 14 -1.77 -40.93 27.46
N ASP D 15 -2.53 -41.69 28.24
CA ASP D 15 -3.83 -42.24 27.81
C ASP D 15 -4.90 -41.18 27.51
N THR D 16 -4.86 -40.07 28.27
CA THR D 16 -5.91 -39.05 28.21
C THR D 16 -5.43 -37.75 27.54
N SER D 17 -4.13 -37.75 27.17
CA SER D 17 -3.43 -36.57 26.64
C SER D 17 -3.90 -36.14 25.25
N TYR D 18 -3.59 -34.89 24.91
CA TYR D 18 -3.92 -34.31 23.60
C TYR D 18 -3.15 -35.00 22.49
N ALA D 19 -1.88 -35.32 22.76
CA ALA D 19 -0.98 -36.00 21.83
C ALA D 19 -1.53 -37.34 21.30
N LYS D 20 -2.17 -38.11 22.18
CA LYS D 20 -2.74 -39.41 21.83
C LYS D 20 -4.25 -39.33 21.49
N ASN D 21 -4.80 -38.11 21.53
CA ASN D 21 -6.24 -37.87 21.25
C ASN D 21 -6.52 -36.78 20.17
N SER D 22 -5.64 -36.71 19.19
CA SER D 22 -5.90 -35.97 17.95
C SER D 22 -6.38 -36.96 16.88
N ALA D 23 -6.21 -36.61 15.60
CA ALA D 23 -6.58 -37.46 14.46
C ALA D 23 -7.92 -37.09 13.81
N TYR D 24 -8.75 -36.35 14.53
CA TYR D 24 -9.87 -35.68 13.91
C TYR D 24 -9.25 -34.46 13.26
N ASN D 25 -8.25 -33.93 13.95
CA ASN D 25 -7.46 -32.79 13.49
C ASN D 25 -6.64 -33.06 12.23
N GLN D 26 -6.30 -34.33 11.99
CA GLN D 26 -5.60 -34.70 10.77
C GLN D 26 -6.54 -34.58 9.59
N LEU D 27 -7.82 -34.80 9.82
CA LEU D 27 -8.82 -34.66 8.75
C LEU D 27 -9.01 -33.20 8.38
N VAL D 28 -9.12 -32.34 9.40
CA VAL D 28 -9.14 -30.89 9.19
C VAL D 28 -7.95 -30.45 8.36
N LEU D 29 -6.76 -30.87 8.79
CA LEU D 29 -5.49 -30.55 8.11
C LEU D 29 -5.48 -31.06 6.69
N ALA D 30 -6.04 -32.26 6.48
CA ALA D 30 -6.19 -32.78 5.11
C ALA D 30 -6.98 -31.83 4.22
N LYS D 31 -8.05 -31.24 4.76
CA LYS D 31 -8.84 -30.26 4.02
C LYS D 31 -8.10 -28.94 3.81
N VAL D 32 -7.32 -28.53 4.81
CA VAL D 32 -6.58 -27.27 4.75
C VAL D 32 -5.52 -27.29 3.65
N LYS D 33 -4.89 -28.46 3.48
CA LYS D 33 -3.67 -28.63 2.69
C LYS D 33 -3.72 -28.03 1.29
N PRO D 34 -4.74 -28.38 0.46
CA PRO D 34 -4.76 -27.77 -0.89
C PRO D 34 -4.94 -26.25 -0.89
N VAL D 35 -5.64 -25.75 0.11
CA VAL D 35 -5.79 -24.29 0.26
C VAL D 35 -4.44 -23.72 0.65
N LEU D 36 -3.81 -24.36 1.63
CA LEU D 36 -2.45 -24.02 2.04
C LEU D 36 -1.52 -23.89 0.84
N GLU D 37 -1.46 -24.97 0.03
CA GLU D 37 -0.59 -25.05 -1.14
C GLU D 37 -0.82 -23.95 -2.15
N GLN D 38 -2.08 -23.69 -2.48
CA GLN D 38 -2.44 -22.59 -3.35
C GLN D 38 -2.11 -21.24 -2.70
N CYS D 39 -2.38 -21.12 -1.42
CA CYS D 39 -1.99 -19.93 -0.68
C CYS D 39 -0.49 -19.63 -0.77
N VAL D 40 0.38 -20.60 -0.46
CA VAL D 40 1.82 -20.32 -0.58
C VAL D 40 2.31 -20.14 -2.03
N ARG D 41 1.69 -20.84 -2.99
CA ARG D 41 2.03 -20.67 -4.38
C ARG D 41 1.85 -19.20 -4.79
N GLU D 42 0.72 -18.63 -4.41
CA GLU D 42 0.44 -17.22 -4.68
C GLU D 42 1.37 -16.26 -3.96
N LEU D 43 1.74 -16.63 -2.76
CA LEU D 43 2.66 -15.90 -1.95
C LEU D 43 4.02 -15.78 -2.62
N LEU D 44 4.61 -16.90 -2.97
CA LEU D 44 5.97 -16.92 -3.53
C LEU D 44 6.14 -16.16 -4.86
N ARG D 45 5.06 -16.05 -5.62
CA ARG D 45 5.10 -15.23 -6.83
C ARG D 45 4.75 -13.76 -6.62
N ALA D 46 4.24 -13.43 -5.43
CA ALA D 46 3.95 -12.04 -5.08
C ALA D 46 5.26 -11.30 -4.81
N ASN D 47 6.33 -12.07 -4.63
CA ASN D 47 7.68 -11.55 -4.41
C ASN D 47 7.82 -10.47 -3.31
N LEU D 48 7.71 -10.91 -2.06
CA LEU D 48 7.92 -10.01 -0.93
C LEU D 48 9.43 -9.75 -0.72
N PRO D 49 9.78 -8.88 0.24
CA PRO D 49 11.22 -8.65 0.52
C PRO D 49 11.98 -9.88 1.01
N ASN D 50 13.00 -10.27 0.24
CA ASN D 50 13.96 -11.30 0.62
C ASN D 50 13.33 -12.71 0.69
N ILE D 51 12.26 -12.93 -0.06
CA ILE D 51 11.48 -14.17 0.07
C ILE D 51 12.16 -15.37 -0.59
N ASN D 52 12.97 -15.10 -1.63
CA ASN D 52 13.69 -16.17 -2.31
C ASN D 52 14.97 -16.57 -1.57
N LYS D 53 15.33 -15.77 -0.57
CA LYS D 53 16.46 -16.09 0.28
C LYS D 53 15.98 -16.77 1.57
N CYS D 54 15.13 -16.11 2.34
CA CYS D 54 14.53 -16.71 3.55
C CYS D 54 13.02 -16.43 3.63
N ILE D 55 12.21 -17.47 3.89
CA ILE D 55 10.78 -17.23 4.09
C ILE D 55 10.47 -17.34 5.55
N LYS D 56 9.84 -16.31 6.10
CA LYS D 56 9.58 -16.30 7.53
C LYS D 56 8.10 -16.52 7.69
N VAL D 57 7.81 -17.50 8.51
CA VAL D 57 6.51 -18.15 8.67
C VAL D 57 6.28 -18.39 10.16
N ALA D 58 5.03 -18.34 10.62
CA ALA D 58 4.68 -18.75 12.02
C ALA D 58 3.41 -19.58 12.10
N ASP D 59 3.34 -20.54 13.01
CA ASP D 59 2.08 -21.24 13.22
C ASP D 59 1.59 -20.76 14.55
N LEU D 60 0.39 -20.17 14.60
CA LEU D 60 -0.17 -19.58 15.85
C LEU D 60 -1.17 -20.52 16.51
N GLY D 61 -0.86 -21.02 17.71
CA GLY D 61 -1.68 -22.07 18.33
C GLY D 61 -1.18 -23.45 17.97
N CYS D 62 0.14 -23.63 18.02
CA CYS D 62 0.78 -24.84 17.51
C CYS D 62 0.53 -26.08 18.40
N ALA D 63 0.07 -25.86 19.63
CA ALA D 63 -0.15 -26.93 20.61
C ALA D 63 1.13 -27.77 20.77
N SER D 64 0.99 -29.09 20.80
CA SER D 64 2.06 -29.92 21.39
C SER D 64 2.24 -31.38 20.88
N GLY D 65 1.25 -31.94 20.19
CA GLY D 65 1.34 -33.37 19.82
C GLY D 65 2.13 -33.74 18.56
N PRO D 66 1.74 -34.85 17.91
CA PRO D 66 2.29 -35.13 16.58
C PRO D 66 1.77 -34.12 15.56
N ASN D 67 0.56 -33.58 15.79
CA ASN D 67 -0.06 -32.64 14.84
C ASN D 67 0.74 -31.38 14.56
N THR D 68 1.54 -30.98 15.54
CA THR D 68 2.22 -29.71 15.42
C THR D 68 3.29 -29.81 14.38
N LEU D 69 4.05 -30.90 14.39
CA LEU D 69 5.07 -31.10 13.36
C LEU D 69 4.49 -31.62 12.03
N LEU D 70 3.22 -31.99 12.01
CA LEU D 70 2.56 -32.35 10.76
C LEU D 70 2.18 -31.10 10.00
N THR D 71 1.82 -30.02 10.71
CA THR D 71 1.49 -28.73 10.09
C THR D 71 2.78 -28.17 9.51
N VAL D 72 3.82 -28.07 10.32
CA VAL D 72 5.12 -27.67 9.82
C VAL D 72 5.49 -28.50 8.56
N ARG D 73 5.38 -29.81 8.62
CA ARG D 73 5.67 -30.63 7.45
C ARG D 73 4.86 -30.17 6.24
N ASP D 74 3.55 -29.98 6.41
CA ASP D 74 2.71 -29.49 5.30
C ASP D 74 3.11 -28.11 4.84
N ILE D 75 3.49 -27.22 5.75
CA ILE D 75 3.94 -25.87 5.32
C ILE D 75 5.23 -25.91 4.46
N VAL D 76 6.21 -26.65 4.97
CA VAL D 76 7.49 -26.89 4.29
C VAL D 76 7.28 -27.56 2.93
N GLN D 77 6.44 -28.58 2.89
CA GLN D 77 6.18 -29.26 1.59
C GLN D 77 5.52 -28.33 0.60
N SER D 78 4.61 -27.49 1.10
CA SER D 78 3.92 -26.52 0.25
C SER D 78 4.86 -25.50 -0.40
N ILE D 79 5.89 -25.09 0.34
CA ILE D 79 6.90 -24.15 -0.15
C ILE D 79 7.84 -24.88 -1.12
N ASP D 80 8.23 -26.10 -0.78
CA ASP D 80 9.13 -26.86 -1.62
C ASP D 80 8.51 -27.32 -2.94
N LYS D 81 7.20 -27.62 -2.91
CA LYS D 81 6.41 -28.03 -4.08
C LYS D 81 6.49 -27.03 -5.22
N VAL D 82 6.60 -25.75 -4.88
CA VAL D 82 6.63 -24.65 -5.86
C VAL D 82 7.94 -24.68 -6.67
N GLY D 83 9.04 -25.10 -6.03
CA GLY D 83 10.29 -25.46 -6.73
C GLY D 83 10.11 -26.63 -7.71
N GLN D 84 9.72 -26.28 -8.94
CA GLN D 84 9.39 -27.24 -10.01
C GLN D 84 10.11 -26.89 -11.31
N LEU D 90 17.84 -22.48 -9.60
CA LEU D 90 17.50 -21.91 -8.30
C LEU D 90 17.73 -22.92 -7.16
N GLU D 91 17.91 -22.40 -5.95
CA GLU D 91 18.31 -23.18 -4.79
C GLU D 91 17.33 -22.94 -3.69
N ARG D 92 16.84 -24.02 -3.07
CA ARG D 92 15.78 -23.93 -2.04
C ARG D 92 16.01 -22.76 -1.06
N PRO D 93 14.96 -21.94 -0.83
CA PRO D 93 15.06 -20.90 0.21
C PRO D 93 15.12 -21.51 1.60
N THR D 94 15.80 -20.81 2.50
CA THR D 94 15.76 -21.12 3.94
C THR D 94 14.35 -20.84 4.46
N ILE D 95 13.86 -21.65 5.39
CA ILE D 95 12.56 -21.36 6.00
C ILE D 95 12.83 -21.23 7.45
N GLN D 96 12.42 -20.09 8.02
CA GLN D 96 12.50 -19.83 9.44
C GLN D 96 11.06 -19.90 9.92
N ILE D 97 10.77 -20.87 10.78
CA ILE D 97 9.41 -21.13 11.29
C ILE D 97 9.34 -20.87 12.78
N PHE D 98 8.39 -20.05 13.20
CA PHE D 98 8.19 -19.87 14.67
C PHE D 98 6.96 -20.59 15.12
N LEU D 99 7.08 -21.37 16.18
CA LEU D 99 5.92 -22.05 16.69
C LEU D 99 5.39 -21.27 17.89
N ASN D 100 4.18 -20.75 17.77
CA ASN D 100 3.61 -19.98 18.85
C ASN D 100 2.53 -20.74 19.58
N ASP D 101 2.56 -20.70 20.93
CA ASP D 101 1.44 -21.13 21.79
C ASP D 101 1.63 -20.43 23.12
N LEU D 102 0.71 -20.65 24.07
CA LEU D 102 0.72 -19.93 25.33
C LEU D 102 1.93 -20.36 26.12
N PHE D 103 2.34 -19.54 27.08
CA PHE D 103 3.52 -19.80 27.92
C PHE D 103 3.63 -21.19 28.58
N PRO D 104 2.51 -21.75 29.06
CA PRO D 104 2.59 -23.09 29.64
C PRO D 104 2.53 -24.28 28.66
N ASN D 105 2.47 -24.03 27.36
CA ASN D 105 2.42 -25.16 26.40
C ASN D 105 3.67 -26.01 26.57
N ASP D 106 3.61 -27.25 26.12
CA ASP D 106 4.75 -28.14 26.23
C ASP D 106 5.64 -28.01 24.98
N PHE D 107 6.44 -26.95 24.95
CA PHE D 107 7.42 -26.76 23.87
C PHE D 107 8.54 -27.81 23.93
N ASN D 108 8.93 -28.20 25.15
CA ASN D 108 9.94 -29.22 25.37
C ASN D 108 9.70 -30.43 24.51
N SER D 109 8.45 -30.93 24.51
CA SER D 109 8.17 -32.25 23.92
C SER D 109 8.21 -32.07 22.40
N VAL D 110 7.81 -30.91 21.92
CA VAL D 110 7.97 -30.65 20.52
C VAL D 110 9.47 -30.61 20.17
N PHE D 111 10.24 -29.93 20.98
CA PHE D 111 11.64 -29.72 20.70
C PHE D 111 12.46 -31.02 20.69
N LYS D 112 12.18 -31.93 21.60
CA LYS D 112 12.82 -33.24 21.60
C LYS D 112 12.63 -34.01 20.27
N LEU D 113 11.49 -33.79 19.61
CA LEU D 113 11.16 -34.46 18.35
C LEU D 113 11.83 -33.79 17.11
N LEU D 114 12.45 -32.64 17.30
CA LEU D 114 13.03 -31.91 16.15
C LEU D 114 14.21 -32.62 15.46
N PRO D 115 15.15 -33.19 16.23
CA PRO D 115 16.20 -33.97 15.57
C PRO D 115 15.73 -35.05 14.52
N SER D 116 14.77 -35.90 14.87
CA SER D 116 14.28 -36.91 13.94
C SER D 116 13.50 -36.26 12.82
N PHE D 117 12.75 -35.21 13.13
CA PHE D 117 11.98 -34.49 12.15
C PHE D 117 12.83 -33.88 11.02
N TYR D 118 13.96 -33.29 11.41
CA TYR D 118 14.86 -32.68 10.45
C TYR D 118 15.53 -33.75 9.63
N ARG D 119 15.73 -34.94 10.22
CA ARG D 119 16.25 -36.11 9.50
C ARG D 119 15.25 -36.58 8.48
N LYS D 120 13.98 -36.73 8.87
CA LYS D 120 12.90 -37.03 7.94
C LYS D 120 12.92 -36.08 6.74
N LEU D 121 13.00 -34.76 7.00
CA LEU D 121 13.07 -33.74 5.95
C LEU D 121 14.20 -33.95 4.96
N GLU D 122 15.39 -34.26 5.46
CA GLU D 122 16.53 -34.53 4.59
C GLU D 122 16.30 -35.79 3.76
N LYS D 123 15.79 -36.83 4.41
CA LYS D 123 15.53 -38.12 3.77
C LYS D 123 14.39 -38.02 2.76
N GLU D 124 13.20 -37.66 3.25
CA GLU D 124 11.97 -37.74 2.47
C GLU D 124 11.71 -36.54 1.58
N ASN D 125 12.37 -35.42 1.85
CA ASN D 125 11.99 -34.16 1.23
C ASN D 125 13.12 -33.49 0.47
N GLY D 126 14.33 -34.02 0.61
CA GLY D 126 15.52 -33.48 -0.07
C GLY D 126 16.05 -32.18 0.53
N ARG D 127 15.52 -31.80 1.68
CA ARG D 127 15.87 -30.53 2.30
C ARG D 127 16.99 -30.72 3.34
N LYS D 128 18.16 -30.17 3.03
CA LYS D 128 19.36 -30.28 3.89
C LYS D 128 19.23 -29.67 5.29
N ILE D 129 19.85 -30.32 6.28
CA ILE D 129 19.73 -29.90 7.68
C ILE D 129 20.34 -28.51 7.83
N GLY D 130 19.63 -27.63 8.52
CA GLY D 130 20.02 -26.22 8.61
C GLY D 130 19.29 -25.29 7.66
N SER D 131 18.53 -25.84 6.72
CA SER D 131 17.77 -24.97 5.82
C SER D 131 16.36 -24.75 6.34
N CYS D 132 15.96 -25.56 7.33
CA CYS D 132 14.68 -25.37 7.96
C CYS D 132 14.97 -25.09 9.43
N LEU D 133 14.69 -23.86 9.86
CA LEU D 133 15.05 -23.39 11.17
C LEU D 133 13.78 -23.23 12.00
N ILE D 134 13.52 -24.18 12.87
CA ILE D 134 12.29 -24.17 13.66
C ILE D 134 12.57 -23.71 15.08
N GLY D 135 11.81 -22.70 15.51
CA GLY D 135 11.97 -22.10 16.82
C GLY D 135 10.61 -21.79 17.40
N ALA D 136 10.57 -21.25 18.61
CA ALA D 136 9.31 -20.95 19.30
C ALA D 136 9.25 -19.47 19.66
N MET D 137 8.07 -18.89 19.51
CA MET D 137 7.77 -17.60 20.11
C MET D 137 6.47 -17.73 21.00
N PRO D 138 6.60 -18.03 22.31
CA PRO D 138 5.41 -18.18 23.13
C PRO D 138 4.75 -16.85 23.53
N GLY D 139 3.47 -16.91 23.82
CA GLY D 139 2.66 -15.82 24.29
C GLY D 139 1.31 -15.91 23.63
N SER D 140 0.39 -15.08 24.13
CA SER D 140 -0.93 -14.96 23.50
C SER D 140 -0.86 -14.43 22.06
N PHE D 141 -1.59 -15.04 21.10
CA PHE D 141 -1.73 -14.42 19.74
C PHE D 141 -2.68 -13.25 19.61
N TYR D 142 -3.27 -12.84 20.72
CA TYR D 142 -3.95 -11.55 20.78
C TYR D 142 -3.00 -10.44 21.17
N SER D 143 -1.71 -10.76 21.33
CA SER D 143 -0.72 -9.72 21.50
C SER D 143 0.39 -9.80 20.47
N ARG D 144 1.28 -8.84 20.46
CA ARG D 144 2.32 -8.79 19.44
C ARG D 144 3.34 -9.88 19.67
N LEU D 145 3.73 -10.57 18.60
CA LEU D 145 4.67 -11.70 18.71
C LEU D 145 5.93 -11.52 17.89
N PHE D 146 5.85 -10.64 16.90
CA PHE D 146 6.97 -10.44 16.01
C PHE D 146 7.17 -8.98 15.76
N PRO D 147 8.40 -8.61 15.32
CA PRO D 147 8.64 -7.23 14.91
C PRO D 147 7.78 -6.88 13.67
N GLU D 148 7.58 -5.55 13.47
CA GLU D 148 6.75 -4.97 12.46
C GLU D 148 7.36 -5.33 11.13
N GLU D 149 6.49 -5.71 10.17
CA GLU D 149 6.89 -6.06 8.83
C GLU D 149 8.08 -7.02 8.85
N SER D 150 7.91 -8.20 9.45
CA SER D 150 9.02 -9.13 9.51
C SER D 150 8.64 -10.49 8.95
N MET D 151 7.34 -10.72 8.78
CA MET D 151 6.86 -12.05 8.47
C MET D 151 6.20 -12.10 7.11
N HIS D 152 6.30 -13.28 6.48
CA HIS D 152 5.76 -13.52 5.14
C HIS D 152 4.41 -14.24 5.21
N PHE D 153 4.25 -15.11 6.21
CA PHE D 153 3.10 -15.99 6.23
C PHE D 153 2.77 -16.36 7.65
N LEU D 154 1.52 -16.20 8.05
CA LEU D 154 1.05 -16.71 9.37
C LEU D 154 -0.12 -17.60 9.17
N HIS D 155 -0.15 -18.67 9.96
CA HIS D 155 -1.08 -19.73 9.78
C HIS D 155 -1.71 -20.01 11.13
N SER D 156 -3.01 -20.25 11.16
CA SER D 156 -3.66 -20.62 12.42
C SER D 156 -4.78 -21.58 12.11
N CYS D 157 -4.89 -22.62 12.93
CA CYS D 157 -5.94 -23.57 12.72
C CYS D 157 -6.50 -24.02 14.06
N TYR D 158 -7.83 -23.93 14.22
CA TYR D 158 -8.53 -24.39 15.44
C TYR D 158 -8.13 -23.69 16.73
N CYS D 159 -7.81 -22.41 16.62
CA CYS D 159 -7.36 -21.61 17.77
C CYS D 159 -8.25 -20.40 18.00
N LEU D 160 -8.81 -19.85 16.94
CA LEU D 160 -9.57 -18.60 17.09
C LEU D 160 -10.91 -18.69 17.86
N GLN D 161 -11.40 -19.91 18.16
CA GLN D 161 -12.59 -20.01 19.02
C GLN D 161 -12.26 -19.56 20.42
N TRP D 162 -10.97 -19.57 20.75
CA TRP D 162 -10.58 -19.30 22.15
C TRP D 162 -10.46 -17.81 22.24
N LEU D 163 -11.34 -17.27 23.07
CA LEU D 163 -11.33 -15.87 23.38
C LEU D 163 -10.23 -15.54 24.40
N SER D 164 -9.87 -14.26 24.43
CA SER D 164 -8.91 -13.71 25.38
C SER D 164 -9.41 -13.81 26.81
N GLN D 165 -10.73 -13.83 27.00
CA GLN D 165 -11.29 -13.98 28.37
C GLN D 165 -12.74 -14.46 28.32
N VAL D 166 -13.31 -14.86 29.46
CA VAL D 166 -14.76 -15.04 29.54
C VAL D 166 -15.39 -13.67 29.23
N PRO D 167 -16.43 -13.61 28.35
CA PRO D 167 -16.90 -12.26 27.93
C PRO D 167 -17.02 -11.27 29.07
N SER D 168 -16.43 -10.07 28.87
CA SER D 168 -16.28 -9.07 29.94
C SER D 168 -17.63 -8.70 30.50
N GLY D 169 -18.69 -8.92 29.71
CA GLY D 169 -20.06 -8.69 30.16
C GLY D 169 -20.46 -9.67 31.25
N LEU D 170 -19.92 -10.88 31.18
CA LEU D 170 -20.23 -11.89 32.21
C LEU D 170 -19.24 -11.83 33.37
N VAL D 171 -18.28 -10.90 33.28
CA VAL D 171 -17.12 -10.85 34.19
C VAL D 171 -17.01 -9.51 34.91
N THR D 172 -16.75 -8.42 34.18
CA THR D 172 -16.72 -7.09 34.80
C THR D 172 -18.12 -6.52 35.08
N GLU D 173 -19.06 -6.70 34.15
CA GLU D 173 -20.41 -6.14 34.31
C GLU D 173 -21.28 -6.98 35.24
N ILE D 176 -22.36 -12.03 34.46
CA ILE D 176 -22.31 -12.97 35.58
C ILE D 176 -23.24 -14.15 35.30
N GLY D 177 -23.69 -14.84 36.35
CA GLY D 177 -24.59 -16.03 36.23
C GLY D 177 -25.93 -15.85 35.49
N THR D 178 -25.87 -15.17 34.37
CA THR D 178 -27.00 -14.81 33.52
C THR D 178 -27.27 -15.88 32.44
N ASN D 179 -26.23 -16.62 32.05
CA ASN D 179 -26.36 -17.69 31.03
C ASN D 179 -26.76 -19.06 31.62
N LYS D 180 -28.04 -19.21 31.92
CA LYS D 180 -28.53 -20.33 32.75
C LYS D 180 -28.55 -21.65 31.98
N GLY D 181 -28.09 -22.71 32.64
CA GLY D 181 -28.07 -24.05 32.06
C GLY D 181 -27.14 -24.23 30.85
N SER D 182 -26.33 -23.22 30.55
CA SER D 182 -25.41 -23.25 29.41
C SER D 182 -23.99 -23.02 29.86
N ILE D 183 -23.05 -23.18 28.92
CA ILE D 183 -21.63 -22.97 29.15
C ILE D 183 -21.03 -22.04 28.07
N TYR D 184 -21.84 -21.74 27.06
CA TYR D 184 -21.44 -20.81 26.01
C TYR D 184 -22.70 -20.21 25.40
N SER D 185 -22.54 -19.48 24.32
CA SER D 185 -23.66 -18.87 23.66
C SER D 185 -24.20 -19.82 22.55
N SER D 186 -25.30 -20.50 22.86
CA SER D 186 -26.03 -21.30 21.88
C SER D 186 -26.97 -20.38 21.08
N LYS D 187 -27.75 -20.96 20.17
CA LYS D 187 -28.85 -20.21 19.54
C LYS D 187 -29.99 -20.13 20.57
N ALA D 188 -29.95 -21.05 21.54
CA ALA D 188 -30.90 -21.11 22.65
C ALA D 188 -30.60 -20.06 23.74
N SER D 189 -29.50 -19.31 23.60
CA SER D 189 -29.06 -18.42 24.66
C SER D 189 -29.84 -17.12 24.65
N ARG D 190 -30.08 -16.58 25.84
CA ARG D 190 -30.69 -15.25 25.96
C ARG D 190 -29.89 -14.19 25.18
N LEU D 191 -30.60 -13.20 24.66
CA LEU D 191 -30.06 -12.13 23.83
C LEU D 191 -28.84 -11.38 24.41
N PRO D 192 -28.87 -11.01 25.71
CA PRO D 192 -27.69 -10.36 26.30
C PRO D 192 -26.46 -11.26 26.33
N VAL D 193 -26.66 -12.58 26.45
CA VAL D 193 -25.55 -13.52 26.43
C VAL D 193 -24.86 -13.52 25.06
N GLN D 194 -25.67 -13.62 24.00
CA GLN D 194 -25.16 -13.67 22.62
C GLN D 194 -24.44 -12.38 22.29
N LYS D 195 -25.02 -11.28 22.75
CA LYS D 195 -24.41 -9.97 22.58
C LYS D 195 -23.06 -9.89 23.29
N ALA D 196 -22.99 -10.36 24.53
CA ALA D 196 -21.73 -10.36 25.30
C ALA D 196 -20.63 -11.17 24.62
N TYR D 197 -20.98 -12.39 24.18
CA TYR D 197 -20.03 -13.25 23.49
C TYR D 197 -19.58 -12.68 22.15
N LEU D 198 -20.52 -12.18 21.34
CA LEU D 198 -20.17 -11.59 20.05
C LEU D 198 -19.34 -10.35 20.19
N ASP D 199 -19.67 -9.51 21.18
CA ASP D 199 -18.79 -8.36 21.47
C ASP D 199 -17.37 -8.82 21.86
N GLN D 200 -17.23 -9.85 22.70
CA GLN D 200 -15.87 -10.29 23.03
C GLN D 200 -15.12 -10.80 21.77
N PHE D 201 -15.75 -11.71 21.02
CA PHE D 201 -15.20 -12.21 19.75
C PHE D 201 -14.76 -11.08 18.84
N THR D 202 -15.64 -10.09 18.68
CA THR D 202 -15.37 -8.99 17.76
C THR D 202 -14.15 -8.23 18.20
N LYS D 203 -14.07 -7.94 19.49
CA LYS D 203 -12.88 -7.25 20.05
C LYS D 203 -11.56 -8.02 19.81
N ASP D 204 -11.58 -9.28 20.18
CA ASP D 204 -10.47 -10.21 20.05
C ASP D 204 -10.00 -10.48 18.62
N PHE D 205 -10.96 -10.77 17.73
CA PHE D 205 -10.62 -11.09 16.36
C PHE D 205 -10.11 -9.87 15.64
N THR D 206 -10.63 -8.69 15.98
CA THR D 206 -10.22 -7.43 15.36
C THR D 206 -8.77 -7.17 15.76
N THR D 207 -8.48 -7.34 17.06
CA THR D 207 -7.16 -7.17 17.66
C THR D 207 -6.14 -8.14 17.00
N PHE D 208 -6.49 -9.42 16.92
CA PHE D 208 -5.74 -10.46 16.17
C PHE D 208 -5.38 -9.97 14.75
N LEU D 209 -6.40 -9.63 13.97
CA LEU D 209 -6.14 -9.12 12.60
C LEU D 209 -5.27 -7.90 12.63
N ARG D 210 -5.61 -6.91 13.44
CA ARG D 210 -4.83 -5.68 13.42
C ARG D 210 -3.35 -5.91 13.73
N ILE D 211 -3.13 -6.66 14.79
CA ILE D 211 -1.82 -6.91 15.39
C ILE D 211 -0.92 -7.71 14.47
N HIS D 212 -1.45 -8.81 13.95
CA HIS D 212 -0.70 -9.60 12.99
C HIS D 212 -0.53 -9.03 11.56
N SER D 213 -1.43 -8.13 11.11
CA SER D 213 -1.15 -7.37 9.88
C SER D 213 0.14 -6.58 10.03
N GLU D 214 0.27 -5.84 11.12
CA GLU D 214 1.44 -5.06 11.44
C GLU D 214 2.79 -5.80 11.36
N GLU D 215 2.76 -7.09 11.52
CA GLU D 215 3.95 -7.91 11.56
C GLU D 215 4.34 -8.32 10.13
N LEU D 216 3.34 -8.30 9.23
CA LEU D 216 3.48 -8.82 7.86
C LEU D 216 4.11 -7.81 6.98
N PHE D 217 4.92 -8.27 6.05
CA PHE D 217 5.32 -7.39 5.00
C PHE D 217 4.03 -7.13 4.23
N SER D 218 3.99 -6.03 3.49
CA SER D 218 2.86 -5.79 2.58
C SER D 218 2.76 -6.96 1.59
N HIS D 219 1.52 -7.39 1.34
CA HIS D 219 1.26 -8.57 0.53
C HIS D 219 1.56 -9.89 1.26
N GLY D 220 1.99 -9.85 2.52
CA GLY D 220 2.12 -11.08 3.32
C GLY D 220 0.76 -11.74 3.51
N ARG D 221 0.73 -12.98 3.94
CA ARG D 221 -0.54 -13.68 4.01
CA ARG D 221 -0.51 -13.77 3.97
C ARG D 221 -0.81 -14.38 5.33
N MET D 222 -2.10 -14.56 5.63
CA MET D 222 -2.50 -15.35 6.77
C MET D 222 -3.50 -16.34 6.21
N LEU D 223 -3.47 -17.53 6.75
CA LEU D 223 -4.42 -18.58 6.43
C LEU D 223 -5.06 -18.99 7.73
N LEU D 224 -6.38 -18.79 7.88
CA LEU D 224 -7.02 -19.21 9.16
C LEU D 224 -8.08 -20.23 8.95
N THR D 225 -8.07 -21.28 9.77
CA THR D 225 -9.11 -22.27 9.75
C THR D 225 -9.72 -22.22 11.13
N CYS D 226 -10.99 -21.84 11.15
CA CYS D 226 -11.74 -21.67 12.37
C CYS D 226 -12.97 -22.57 12.34
N ILE D 227 -13.37 -22.99 13.54
CA ILE D 227 -14.68 -23.56 13.77
C ILE D 227 -15.74 -22.50 13.52
N CYS D 228 -16.81 -22.85 12.82
CA CYS D 228 -17.88 -21.91 12.62
C CYS D 228 -19.25 -22.58 12.77
N LYS D 229 -20.28 -21.75 12.89
CA LYS D 229 -21.63 -22.25 13.19
C LYS D 229 -22.12 -23.19 12.10
N GLY D 230 -22.63 -24.34 12.52
CA GLY D 230 -23.37 -25.20 11.62
C GLY D 230 -24.72 -24.58 11.26
N VAL D 231 -25.23 -24.95 10.09
CA VAL D 231 -26.54 -24.53 9.65
C VAL D 231 -27.64 -25.44 10.21
N GLU D 232 -27.50 -26.75 9.97
CA GLU D 232 -28.48 -27.75 10.36
C GLU D 232 -29.13 -27.60 11.73
N LEU D 233 -30.46 -27.64 11.74
CA LEU D 233 -31.21 -27.88 12.94
C LEU D 233 -30.92 -29.31 13.35
N ASP D 234 -30.86 -29.54 14.66
CA ASP D 234 -30.67 -30.89 15.22
C ASP D 234 -29.22 -31.32 15.18
N ALA D 235 -28.36 -30.48 14.59
CA ALA D 235 -26.93 -30.69 14.61
C ALA D 235 -26.41 -30.37 16.02
N ARG D 236 -25.37 -31.08 16.41
CA ARG D 236 -24.85 -30.98 17.76
C ARG D 236 -23.34 -31.02 17.74
N ASN D 237 -22.70 -29.88 18.04
CA ASN D 237 -21.25 -29.83 18.14
C ASN D 237 -20.77 -30.28 19.53
N ALA D 238 -19.46 -30.41 19.68
CA ALA D 238 -18.86 -30.97 20.89
C ALA D 238 -19.18 -30.14 22.15
N ILE D 239 -19.33 -28.83 22.00
CA ILE D 239 -19.75 -27.99 23.12
C ILE D 239 -21.22 -28.24 23.48
N ASP D 240 -22.10 -28.33 22.49
CA ASP D 240 -23.51 -28.64 22.75
C ASP D 240 -23.63 -29.93 23.52
N LEU D 241 -22.84 -30.92 23.13
CA LEU D 241 -22.95 -32.25 23.72
C LEU D 241 -22.39 -32.23 25.13
N LEU D 242 -21.37 -31.40 25.35
CA LEU D 242 -20.79 -31.20 26.67
C LEU D 242 -21.83 -30.56 27.57
N GLU D 243 -22.52 -29.57 27.02
CA GLU D 243 -23.54 -28.82 27.73
C GLU D 243 -24.68 -29.71 28.17
N MET D 244 -25.06 -30.63 27.31
CA MET D 244 -26.09 -31.62 27.58
C MET D 244 -25.64 -32.62 28.65
N ALA D 245 -24.37 -33.00 28.58
CA ALA D 245 -23.79 -33.93 29.56
C ALA D 245 -23.82 -33.33 30.96
N ILE D 246 -23.46 -32.04 31.09
CA ILE D 246 -23.44 -31.35 32.38
C ILE D 246 -24.85 -31.10 32.91
N ASN D 247 -25.75 -30.67 32.03
CA ASN D 247 -27.18 -30.56 32.39
C ASN D 247 -27.78 -31.86 32.92
N ASP D 248 -27.39 -32.98 32.32
CA ASP D 248 -27.78 -34.32 32.79
C ASP D 248 -27.42 -34.50 34.26
N LEU D 249 -26.23 -34.04 34.64
CA LEU D 249 -25.73 -34.21 36.00
C LEU D 249 -26.40 -33.31 37.02
N VAL D 250 -26.90 -32.15 36.60
CA VAL D 250 -27.61 -31.28 37.54
C VAL D 250 -29.05 -31.76 37.76
N VAL D 251 -29.68 -32.19 36.66
CA VAL D 251 -31.03 -32.74 36.69
C VAL D 251 -31.09 -34.05 37.50
N GLU D 252 -30.06 -34.87 37.37
CA GLU D 252 -29.92 -36.11 38.13
C GLU D 252 -29.22 -35.92 39.50
N GLY D 253 -29.24 -34.68 40.02
CA GLY D 253 -28.75 -34.37 41.36
C GLY D 253 -27.25 -34.35 41.60
N HIS D 254 -26.49 -34.94 40.68
CA HIS D 254 -25.03 -35.10 40.80
C HIS D 254 -24.21 -33.80 40.91
N LEU D 255 -24.58 -32.77 40.16
CA LEU D 255 -23.85 -31.49 40.16
C LEU D 255 -24.69 -30.34 40.72
N GLU D 256 -23.99 -29.36 41.30
CA GLU D 256 -24.61 -28.38 42.19
C GLU D 256 -25.66 -27.42 41.58
N GLU D 257 -25.59 -27.15 40.27
CA GLU D 257 -26.63 -26.39 39.52
C GLU D 257 -26.64 -24.86 39.70
N GLU D 258 -25.58 -24.31 40.28
CA GLU D 258 -25.33 -22.88 40.15
C GLU D 258 -23.86 -22.84 39.82
N LYS D 259 -23.28 -24.02 39.94
CA LYS D 259 -21.99 -24.34 39.40
C LYS D 259 -22.07 -24.31 37.87
N LEU D 260 -23.20 -24.78 37.32
CA LEU D 260 -23.45 -24.75 35.87
C LEU D 260 -23.70 -23.32 35.38
N ASP D 261 -24.53 -22.59 36.11
CA ASP D 261 -24.91 -21.23 35.75
C ASP D 261 -23.80 -20.20 35.91
N SER D 262 -22.78 -20.54 36.68
CA SER D 262 -21.64 -19.66 36.85
C SER D 262 -20.46 -20.08 35.98
N PHE D 263 -20.62 -21.16 35.21
CA PHE D 263 -19.58 -21.62 34.27
C PHE D 263 -19.88 -21.13 32.89
N ASN D 264 -18.93 -20.41 32.31
CA ASN D 264 -19.01 -19.92 30.95
C ASN D 264 -17.66 -20.13 30.29
N LEU D 265 -17.63 -20.92 29.23
CA LEU D 265 -16.39 -21.13 28.45
C LEU D 265 -15.96 -19.81 27.81
N PRO D 266 -14.65 -19.52 27.75
CA PRO D 266 -14.17 -18.40 26.93
C PRO D 266 -14.03 -18.85 25.48
N VAL D 267 -15.12 -19.39 24.95
CA VAL D 267 -15.16 -19.90 23.59
C VAL D 267 -16.27 -19.19 22.77
N TYR D 268 -16.01 -18.87 21.53
CA TYR D 268 -17.13 -18.38 20.69
C TYR D 268 -17.07 -19.02 19.33
N ILE D 269 -18.19 -19.61 18.88
CA ILE D 269 -18.24 -20.22 17.55
CA ILE D 269 -18.26 -20.23 17.56
C ILE D 269 -19.00 -19.25 16.63
N PRO D 270 -18.27 -18.54 15.77
CA PRO D 270 -18.91 -17.54 14.91
C PRO D 270 -19.55 -18.13 13.63
N SER D 271 -20.45 -17.40 13.00
CA SER D 271 -20.92 -17.82 11.72
C SER D 271 -19.93 -17.30 10.69
N ALA D 272 -19.87 -17.92 9.53
CA ALA D 272 -18.97 -17.48 8.47
C ALA D 272 -19.20 -16.01 8.13
N GLU D 273 -20.47 -15.59 8.08
CA GLU D 273 -20.83 -14.18 7.88
C GLU D 273 -20.20 -13.18 8.88
N GLU D 274 -20.22 -13.52 10.18
CA GLU D 274 -19.58 -12.75 11.26
C GLU D 274 -18.07 -12.61 11.09
N VAL D 275 -17.39 -13.70 10.73
CA VAL D 275 -15.95 -13.69 10.47
C VAL D 275 -15.66 -12.68 9.35
N LYS D 276 -16.43 -12.75 8.27
CA LYS D 276 -16.16 -11.98 7.04
C LYS D 276 -16.40 -10.49 7.25
N CYS D 277 -17.42 -10.21 8.03
CA CYS D 277 -17.81 -8.85 8.28
C CYS D 277 -16.73 -8.14 9.18
N ILE D 278 -16.23 -8.85 10.17
CA ILE D 278 -15.10 -8.37 10.97
C ILE D 278 -13.78 -8.21 10.19
N VAL D 279 -13.40 -9.20 9.39
CA VAL D 279 -12.32 -8.96 8.41
C VAL D 279 -12.49 -7.70 7.62
N GLU D 280 -13.67 -7.48 7.05
CA GLU D 280 -13.88 -6.32 6.18
C GLU D 280 -13.84 -5.00 6.97
N GLU D 281 -14.38 -5.05 8.18
CA GLU D 281 -14.43 -3.90 9.06
C GLU D 281 -13.04 -3.49 9.55
N GLU D 282 -12.29 -4.48 10.01
CA GLU D 282 -10.87 -4.26 10.40
C GLU D 282 -10.04 -3.59 9.26
N GLY D 283 -10.24 -4.02 8.01
CA GLY D 283 -9.72 -3.28 6.83
C GLY D 283 -8.27 -3.47 6.41
N SER D 284 -7.50 -4.17 7.21
CA SER D 284 -6.10 -4.51 6.89
C SER D 284 -5.94 -5.58 5.85
N PHE D 285 -6.96 -6.43 5.63
CA PHE D 285 -6.77 -7.62 4.79
C PHE D 285 -7.79 -7.73 3.68
N GLU D 286 -7.32 -8.23 2.54
CA GLU D 286 -8.13 -8.55 1.36
C GLU D 286 -8.38 -10.04 1.56
N ILE D 287 -9.62 -10.46 1.37
CA ILE D 287 -9.98 -11.86 1.38
C ILE D 287 -9.74 -12.45 -0.01
N LEU D 288 -8.90 -13.48 -0.11
CA LEU D 288 -8.61 -14.09 -1.42
C LEU D 288 -9.40 -15.39 -1.69
N TYR D 289 -9.79 -16.06 -0.61
CA TYR D 289 -10.48 -17.34 -0.68
C TYR D 289 -11.26 -17.58 0.60
N LEU D 290 -12.45 -18.16 0.47
CA LEU D 290 -13.30 -18.48 1.63
C LEU D 290 -14.12 -19.71 1.34
N GLU D 291 -14.12 -20.68 2.26
CA GLU D 291 -14.80 -21.95 2.01
C GLU D 291 -15.18 -22.55 3.36
N THR D 292 -16.33 -23.21 3.46
CA THR D 292 -16.74 -23.90 4.68
C THR D 292 -16.83 -25.39 4.43
N PHE D 293 -16.59 -26.20 5.45
CA PHE D 293 -16.63 -27.66 5.32
C PHE D 293 -16.96 -28.28 6.67
N LYS D 294 -17.67 -29.40 6.67
CA LYS D 294 -17.99 -30.14 7.89
C LYS D 294 -17.00 -31.27 8.06
N VAL D 295 -16.69 -31.59 9.32
CA VAL D 295 -16.04 -32.84 9.65
C VAL D 295 -16.84 -33.55 10.75
N LEU D 296 -17.42 -34.70 10.42
CA LEU D 296 -18.17 -35.50 11.37
C LEU D 296 -17.20 -36.10 12.37
N TYR D 297 -17.59 -36.08 13.64
CA TYR D 297 -16.71 -36.48 14.74
C TYR D 297 -16.19 -37.91 14.67
N ASP D 298 -16.88 -38.77 13.92
CA ASP D 298 -16.48 -40.16 13.82
C ASP D 298 -15.89 -40.53 12.46
N ALA D 299 -15.46 -39.51 11.70
CA ALA D 299 -14.99 -39.69 10.32
C ALA D 299 -13.67 -40.46 10.20
N GLY D 300 -12.79 -40.30 11.19
CA GLY D 300 -11.50 -41.01 11.18
C GLY D 300 -11.57 -42.46 11.64
N PHE D 301 -12.78 -42.96 11.92
CA PHE D 301 -12.95 -44.25 12.58
C PHE D 301 -13.46 -45.31 11.64
N SER D 302 -12.81 -46.47 11.68
CA SER D 302 -13.13 -47.64 10.85
C SER D 302 -14.61 -47.94 10.75
N HIS D 307 -22.31 -47.60 18.28
CA HIS D 307 -21.17 -48.38 18.73
C HIS D 307 -20.47 -47.68 19.91
N ILE D 308 -19.14 -47.63 19.85
CA ILE D 308 -18.35 -46.96 20.87
C ILE D 308 -17.34 -46.02 20.25
N LYS D 309 -17.53 -45.68 18.98
CA LYS D 309 -17.00 -44.44 18.42
C LYS D 309 -17.43 -43.24 19.25
N ALA D 310 -18.54 -43.38 19.97
CA ALA D 310 -19.02 -42.32 20.83
C ALA D 310 -18.05 -42.09 21.98
N GLU D 311 -17.38 -43.15 22.40
CA GLU D 311 -16.40 -43.09 23.48
C GLU D 311 -15.10 -42.47 22.96
N TYR D 312 -14.81 -42.74 21.70
CA TYR D 312 -13.66 -42.19 21.04
C TYR D 312 -13.78 -40.68 20.97
N VAL D 313 -14.95 -40.21 20.55
CA VAL D 313 -15.26 -38.79 20.44
C VAL D 313 -15.19 -38.14 21.81
N ALA D 314 -15.80 -38.77 22.80
CA ALA D 314 -15.80 -38.26 24.18
C ALA D 314 -14.39 -38.04 24.68
N SER D 315 -13.49 -38.99 24.40
CA SER D 315 -12.08 -38.87 24.75
C SER D 315 -11.41 -37.71 24.03
N SER D 316 -11.68 -37.55 22.73
CA SER D 316 -11.18 -36.35 21.97
C SER D 316 -11.53 -35.02 22.59
N VAL D 317 -12.78 -34.91 23.04
CA VAL D 317 -13.31 -33.64 23.56
C VAL D 317 -12.72 -33.35 24.92
N ARG D 318 -12.51 -34.42 25.69
CA ARG D 318 -11.98 -34.36 27.05
C ARG D 318 -10.53 -33.93 27.07
N ALA D 319 -9.76 -34.43 26.12
CA ALA D 319 -8.37 -34.01 25.98
C ALA D 319 -8.25 -32.51 25.78
N VAL D 320 -9.34 -31.88 25.31
CA VAL D 320 -9.36 -30.41 25.07
C VAL D 320 -9.92 -29.67 26.27
N TYR D 321 -11.01 -30.19 26.85
CA TYR D 321 -11.76 -29.46 27.85
C TYR D 321 -11.52 -29.87 29.32
N GLU D 322 -10.80 -30.98 29.57
CA GLU D 322 -10.63 -31.45 30.96
C GLU D 322 -10.00 -30.38 31.88
N PRO D 323 -8.82 -29.81 31.49
CA PRO D 323 -8.23 -28.80 32.38
C PRO D 323 -9.23 -27.75 32.90
N ILE D 324 -9.88 -27.01 31.99
CA ILE D 324 -10.83 -25.94 32.35
C ILE D 324 -12.07 -26.43 33.09
N LEU D 325 -12.58 -27.59 32.69
CA LEU D 325 -13.72 -28.19 33.38
C LEU D 325 -13.38 -28.60 34.82
N ALA D 326 -12.25 -29.30 35.00
CA ALA D 326 -11.74 -29.74 36.31
C ALA D 326 -11.57 -28.61 37.33
N SER D 327 -11.01 -27.49 36.86
CA SER D 327 -10.69 -26.36 37.71
C SER D 327 -11.92 -25.57 38.18
N HIS D 328 -13.09 -25.88 37.64
CA HIS D 328 -14.33 -25.23 38.07
C HIS D 328 -15.29 -26.22 38.75
N PHE D 329 -15.29 -27.45 38.29
CA PHE D 329 -16.22 -28.46 38.77
C PHE D 329 -15.55 -29.50 39.68
N GLY D 330 -14.22 -29.54 39.67
CA GLY D 330 -13.43 -30.56 40.40
C GLY D 330 -13.02 -31.74 39.54
N GLU D 331 -11.85 -32.31 39.82
CA GLU D 331 -11.38 -33.49 39.08
C GLU D 331 -12.31 -34.70 39.10
N ALA D 332 -13.25 -34.71 40.04
CA ALA D 332 -14.03 -35.93 40.38
C ALA D 332 -15.11 -36.33 39.37
N ILE D 333 -15.82 -35.33 38.83
CA ILE D 333 -17.00 -35.58 37.96
C ILE D 333 -16.68 -35.70 36.48
N ILE D 334 -15.41 -35.62 36.13
CA ILE D 334 -15.00 -35.63 34.73
C ILE D 334 -15.29 -36.98 34.03
N PRO D 335 -14.92 -38.13 34.66
CA PRO D 335 -15.44 -39.41 34.16
C PRO D 335 -16.94 -39.38 33.94
N ASP D 336 -17.68 -38.83 34.89
CA ASP D 336 -19.14 -38.76 34.78
C ASP D 336 -19.58 -37.88 33.63
N ILE D 337 -18.92 -36.72 33.45
CA ILE D 337 -19.24 -35.78 32.37
C ILE D 337 -19.11 -36.48 31.01
N PHE D 338 -18.00 -37.20 30.84
CA PHE D 338 -17.74 -37.86 29.56
C PHE D 338 -18.39 -39.24 29.35
N HIS D 339 -18.99 -39.78 30.40
CA HIS D 339 -19.88 -40.90 30.25
C HIS D 339 -21.18 -40.42 29.65
N ARG D 340 -21.77 -39.42 30.30
CA ARG D 340 -23.01 -38.81 29.80
CA ARG D 340 -23.01 -38.78 29.81
C ARG D 340 -22.79 -38.23 28.40
N PHE D 341 -21.60 -37.69 28.17
CA PHE D 341 -21.23 -37.14 26.85
C PHE D 341 -21.38 -38.23 25.77
N ALA D 342 -20.84 -39.41 26.06
CA ALA D 342 -20.87 -40.54 25.13
C ALA D 342 -22.28 -40.91 24.75
N LYS D 343 -23.20 -40.88 25.71
CA LYS D 343 -24.61 -41.20 25.48
C LYS D 343 -25.27 -40.23 24.49
N HIS D 344 -24.97 -38.94 24.62
CA HIS D 344 -25.54 -37.94 23.73
C HIS D 344 -24.89 -38.00 22.34
N ALA D 345 -23.57 -38.26 22.33
CA ALA D 345 -22.83 -38.46 21.09
C ALA D 345 -23.39 -39.63 20.31
N ALA D 346 -23.75 -40.72 21.02
CA ALA D 346 -24.21 -41.96 20.40
C ALA D 346 -25.54 -41.79 19.68
N LYS D 347 -26.34 -40.83 20.15
CA LYS D 347 -27.64 -40.57 19.56
C LYS D 347 -27.51 -39.79 18.27
N VAL D 348 -26.40 -39.07 18.13
CA VAL D 348 -26.28 -38.06 17.11
C VAL D 348 -25.35 -38.51 15.94
N LEU D 349 -24.35 -39.32 16.26
CA LEU D 349 -23.43 -39.83 15.25
C LEU D 349 -24.10 -40.61 14.11
N PRO D 350 -24.98 -41.60 14.43
CA PRO D 350 -25.66 -42.36 13.37
C PRO D 350 -26.43 -41.51 12.35
N LEU D 351 -26.75 -40.27 12.73
CA LEU D 351 -27.52 -39.37 11.87
C LEU D 351 -26.59 -38.43 11.11
N GLY D 352 -25.30 -38.45 11.48
CA GLY D 352 -24.30 -37.52 10.96
C GLY D 352 -24.58 -36.12 11.48
N LYS D 353 -25.08 -36.04 12.72
CA LYS D 353 -25.45 -34.76 13.33
C LYS D 353 -24.44 -34.27 14.34
N GLY D 354 -23.39 -35.06 14.55
CA GLY D 354 -22.26 -34.69 15.38
C GLY D 354 -21.05 -34.26 14.55
N PHE D 355 -20.87 -32.95 14.43
CA PHE D 355 -19.81 -32.41 13.58
C PHE D 355 -19.50 -30.98 13.99
N TYR D 356 -18.31 -30.52 13.64
CA TYR D 356 -18.03 -29.11 13.58
C TYR D 356 -18.16 -28.71 12.13
N ASN D 357 -18.67 -27.49 11.92
CA ASN D 357 -18.58 -26.85 10.64
C ASN D 357 -17.31 -25.98 10.75
N ASN D 358 -16.66 -25.74 9.63
CA ASN D 358 -15.36 -25.11 9.66
C ASN D 358 -15.28 -24.12 8.54
N LEU D 359 -14.44 -23.12 8.74
CA LEU D 359 -14.20 -22.07 7.78
C LEU D 359 -12.71 -21.90 7.48
N ILE D 360 -12.29 -21.97 6.23
CA ILE D 360 -10.91 -21.58 5.86
C ILE D 360 -11.01 -20.23 5.17
N ILE D 361 -10.12 -19.32 5.50
CA ILE D 361 -10.07 -18.01 4.85
C ILE D 361 -8.60 -17.60 4.57
N SER D 362 -8.31 -17.41 3.29
CA SER D 362 -7.04 -16.81 2.82
C SER D 362 -7.11 -15.31 2.77
N LEU D 363 -6.12 -14.66 3.36
CA LEU D 363 -6.08 -13.20 3.57
C LEU D 363 -4.74 -12.71 3.05
N ALA D 364 -4.72 -11.62 2.25
CA ALA D 364 -3.49 -10.92 1.88
C ALA D 364 -3.47 -9.53 2.54
N LYS D 365 -2.31 -9.09 3.04
CA LYS D 365 -2.19 -7.74 3.58
C LYS D 365 -2.24 -6.68 2.47
N LYS D 366 -3.20 -5.78 2.57
CA LYS D 366 -3.36 -4.70 1.60
C LYS D 366 -2.16 -3.78 1.72
N PRO D 367 -1.75 -3.13 0.60
CA PRO D 367 -0.76 -2.09 0.70
C PRO D 367 -1.33 -0.79 1.31
#